data_1CUK
# 
_entry.id   1CUK 
# 
_audit_conform.dict_name       mmcif_pdbx.dic 
_audit_conform.dict_version    5.385 
_audit_conform.dict_location   http://mmcif.pdb.org/dictionaries/ascii/mmcif_pdbx.dic 
# 
loop_
_database_2.database_id 
_database_2.database_code 
_database_2.pdbx_database_accession 
_database_2.pdbx_DOI 
PDB   1CUK         pdb_00001cuk 10.2210/pdb1cuk/pdb 
WWPDB D_1000172544 ?            ?                   
# 
loop_
_pdbx_audit_revision_history.ordinal 
_pdbx_audit_revision_history.data_content_type 
_pdbx_audit_revision_history.major_revision 
_pdbx_audit_revision_history.minor_revision 
_pdbx_audit_revision_history.revision_date 
1 'Structure model' 1 0 1997-10-22 
2 'Structure model' 1 1 2008-03-24 
3 'Structure model' 1 2 2011-07-13 
4 'Structure model' 1 3 2024-02-07 
# 
_pdbx_audit_revision_details.ordinal             1 
_pdbx_audit_revision_details.revision_ordinal    1 
_pdbx_audit_revision_details.data_content_type   'Structure model' 
_pdbx_audit_revision_details.provider            repository 
_pdbx_audit_revision_details.type                'Initial release' 
_pdbx_audit_revision_details.description         ? 
_pdbx_audit_revision_details.details             ? 
# 
loop_
_pdbx_audit_revision_group.ordinal 
_pdbx_audit_revision_group.revision_ordinal 
_pdbx_audit_revision_group.data_content_type 
_pdbx_audit_revision_group.group 
1 2 'Structure model' 'Version format compliance' 
2 3 'Structure model' 'Derived calculations'      
3 3 'Structure model' 'Version format compliance' 
4 4 'Structure model' 'Data collection'           
5 4 'Structure model' 'Database references'       
6 4 'Structure model' Other                       
# 
loop_
_pdbx_audit_revision_category.ordinal 
_pdbx_audit_revision_category.revision_ordinal 
_pdbx_audit_revision_category.data_content_type 
_pdbx_audit_revision_category.category 
1 4 'Structure model' chem_comp_atom       
2 4 'Structure model' chem_comp_bond       
3 4 'Structure model' database_2           
4 4 'Structure model' pdbx_database_status 
# 
loop_
_pdbx_audit_revision_item.ordinal 
_pdbx_audit_revision_item.revision_ordinal 
_pdbx_audit_revision_item.data_content_type 
_pdbx_audit_revision_item.item 
1 4 'Structure model' '_database_2.pdbx_DOI'                
2 4 'Structure model' '_database_2.pdbx_database_accession' 
3 4 'Structure model' '_pdbx_database_status.process_site'  
# 
_pdbx_database_status.status_code                     REL 
_pdbx_database_status.entry_id                        1CUK 
_pdbx_database_status.recvd_initial_deposition_date   1996-08-28 
_pdbx_database_status.deposit_site                    ? 
_pdbx_database_status.process_site                    BNL 
_pdbx_database_status.SG_entry                        . 
_pdbx_database_status.pdb_format_compatible           Y 
_pdbx_database_status.status_code_mr                  ? 
_pdbx_database_status.status_code_sf                  ? 
_pdbx_database_status.status_code_cs                  ? 
_pdbx_database_status.status_code_nmr_data            ? 
_pdbx_database_status.methods_development_category    ? 
# 
loop_
_audit_author.name 
_audit_author.pdbx_ordinal 
'Rafferty, J.B.' 1 
'Rice, D.W.'     2 
# 
loop_
_citation.id 
_citation.title 
_citation.journal_abbrev 
_citation.journal_volume 
_citation.page_first 
_citation.page_last 
_citation.year 
_citation.journal_id_ASTM 
_citation.country 
_citation.journal_id_ISSN 
_citation.journal_id_CSD 
_citation.book_publisher 
_citation.pdbx_database_id_PubMed 
_citation.pdbx_database_id_DOI 
primary 'Crystal structure of DNA recombination protein RuvA and a model for its binding to the Holliday junction.' Science 274 
415 421 1996 SCIEAS US 0036-8075 0038 ? 8832889 10.1126/science.274.5286.415 
1       'Crystallization of E.Coli Ruva Gives Insights Into the Symmetry of a Holliday Junction/Protein Complex'    
'To be Published' ?   ?   ?   ?    ?      ?  ?         0353 ? ?       ?                            
# 
loop_
_citation_author.citation_id 
_citation_author.name 
_citation_author.ordinal 
_citation_author.identifier_ORCID 
primary 'Rafferty, J.B.'    1  ? 
primary 'Sedelnikova, S.E.' 2  ? 
primary 'Hargreaves, D.'    3  ? 
primary 'Artymiuk, P.J.'    4  ? 
primary 'Baker, P.J.'       5  ? 
primary 'Sharples, G.J.'    6  ? 
primary 'Mahdi, A.A.'       7  ? 
primary 'Lloyd, R.G.'       8  ? 
primary 'Rice, D.W.'        9  ? 
1       'Sedelnikova, S.E.' 10 ? 
1       'Rafferty, J.B.'    11 ? 
1       'Hargreaves, D.'    12 ? 
1       'Mahdi, A.A.'       13 ? 
1       'Lloyd, R.G.'       14 ? 
1       'Rice, D.W.'        15 ? 
# 
loop_
_entity.id 
_entity.type 
_entity.src_method 
_entity.pdbx_description 
_entity.formula_weight 
_entity.pdbx_number_of_molecules 
_entity.pdbx_ec 
_entity.pdbx_mutation 
_entity.pdbx_fragment 
_entity.details 
1 polymer man 'RUVA PROTEIN' 22197.783 1  ? ? ? ? 
2 water   nat water          18.015    51 ? ? ? ? 
# 
_entity_poly.entity_id                      1 
_entity_poly.type                           'polypeptide(L)' 
_entity_poly.nstd_linkage                   no 
_entity_poly.nstd_monomer                   no 
_entity_poly.pdbx_seq_one_letter_code       
;MIGRLRGIIIEKQPPLVLIEVGGVGYEVHMPMTCFYELPEAGQEAIVFTHFVVREDAQLLYGFNNKQERTLFKELIKTNG
VGPKLALAILSGMSAQQFVNAVEREEVGALVKLPGIGKKTAERLIVEMKDRFKGLHGDLFTPAADLVLTSPASPATDDAE
QEAVARLVALGYKPQEASRMVSKIARPDASSETLIREALRAAL
;
_entity_poly.pdbx_seq_one_letter_code_can   
;MIGRLRGIIIEKQPPLVLIEVGGVGYEVHMPMTCFYELPEAGQEAIVFTHFVVREDAQLLYGFNNKQERTLFKELIKTNG
VGPKLALAILSGMSAQQFVNAVEREEVGALVKLPGIGKKTAERLIVEMKDRFKGLHGDLFTPAADLVLTSPASPATDDAE
QEAVARLVALGYKPQEASRMVSKIARPDASSETLIREALRAAL
;
_entity_poly.pdbx_strand_id                 A 
_entity_poly.pdbx_target_identifier         ? 
# 
_pdbx_entity_nonpoly.entity_id   2 
_pdbx_entity_nonpoly.name        water 
_pdbx_entity_nonpoly.comp_id     HOH 
# 
loop_
_entity_poly_seq.entity_id 
_entity_poly_seq.num 
_entity_poly_seq.mon_id 
_entity_poly_seq.hetero 
1 1   MET n 
1 2   ILE n 
1 3   GLY n 
1 4   ARG n 
1 5   LEU n 
1 6   ARG n 
1 7   GLY n 
1 8   ILE n 
1 9   ILE n 
1 10  ILE n 
1 11  GLU n 
1 12  LYS n 
1 13  GLN n 
1 14  PRO n 
1 15  PRO n 
1 16  LEU n 
1 17  VAL n 
1 18  LEU n 
1 19  ILE n 
1 20  GLU n 
1 21  VAL n 
1 22  GLY n 
1 23  GLY n 
1 24  VAL n 
1 25  GLY n 
1 26  TYR n 
1 27  GLU n 
1 28  VAL n 
1 29  HIS n 
1 30  MET n 
1 31  PRO n 
1 32  MET n 
1 33  THR n 
1 34  CYS n 
1 35  PHE n 
1 36  TYR n 
1 37  GLU n 
1 38  LEU n 
1 39  PRO n 
1 40  GLU n 
1 41  ALA n 
1 42  GLY n 
1 43  GLN n 
1 44  GLU n 
1 45  ALA n 
1 46  ILE n 
1 47  VAL n 
1 48  PHE n 
1 49  THR n 
1 50  HIS n 
1 51  PHE n 
1 52  VAL n 
1 53  VAL n 
1 54  ARG n 
1 55  GLU n 
1 56  ASP n 
1 57  ALA n 
1 58  GLN n 
1 59  LEU n 
1 60  LEU n 
1 61  TYR n 
1 62  GLY n 
1 63  PHE n 
1 64  ASN n 
1 65  ASN n 
1 66  LYS n 
1 67  GLN n 
1 68  GLU n 
1 69  ARG n 
1 70  THR n 
1 71  LEU n 
1 72  PHE n 
1 73  LYS n 
1 74  GLU n 
1 75  LEU n 
1 76  ILE n 
1 77  LYS n 
1 78  THR n 
1 79  ASN n 
1 80  GLY n 
1 81  VAL n 
1 82  GLY n 
1 83  PRO n 
1 84  LYS n 
1 85  LEU n 
1 86  ALA n 
1 87  LEU n 
1 88  ALA n 
1 89  ILE n 
1 90  LEU n 
1 91  SER n 
1 92  GLY n 
1 93  MET n 
1 94  SER n 
1 95  ALA n 
1 96  GLN n 
1 97  GLN n 
1 98  PHE n 
1 99  VAL n 
1 100 ASN n 
1 101 ALA n 
1 102 VAL n 
1 103 GLU n 
1 104 ARG n 
1 105 GLU n 
1 106 GLU n 
1 107 VAL n 
1 108 GLY n 
1 109 ALA n 
1 110 LEU n 
1 111 VAL n 
1 112 LYS n 
1 113 LEU n 
1 114 PRO n 
1 115 GLY n 
1 116 ILE n 
1 117 GLY n 
1 118 LYS n 
1 119 LYS n 
1 120 THR n 
1 121 ALA n 
1 122 GLU n 
1 123 ARG n 
1 124 LEU n 
1 125 ILE n 
1 126 VAL n 
1 127 GLU n 
1 128 MET n 
1 129 LYS n 
1 130 ASP n 
1 131 ARG n 
1 132 PHE n 
1 133 LYS n 
1 134 GLY n 
1 135 LEU n 
1 136 HIS n 
1 137 GLY n 
1 138 ASP n 
1 139 LEU n 
1 140 PHE n 
1 141 THR n 
1 142 PRO n 
1 143 ALA n 
1 144 ALA n 
1 145 ASP n 
1 146 LEU n 
1 147 VAL n 
1 148 LEU n 
1 149 THR n 
1 150 SER n 
1 151 PRO n 
1 152 ALA n 
1 153 SER n 
1 154 PRO n 
1 155 ALA n 
1 156 THR n 
1 157 ASP n 
1 158 ASP n 
1 159 ALA n 
1 160 GLU n 
1 161 GLN n 
1 162 GLU n 
1 163 ALA n 
1 164 VAL n 
1 165 ALA n 
1 166 ARG n 
1 167 LEU n 
1 168 VAL n 
1 169 ALA n 
1 170 LEU n 
1 171 GLY n 
1 172 TYR n 
1 173 LYS n 
1 174 PRO n 
1 175 GLN n 
1 176 GLU n 
1 177 ALA n 
1 178 SER n 
1 179 ARG n 
1 180 MET n 
1 181 VAL n 
1 182 SER n 
1 183 LYS n 
1 184 ILE n 
1 185 ALA n 
1 186 ARG n 
1 187 PRO n 
1 188 ASP n 
1 189 ALA n 
1 190 SER n 
1 191 SER n 
1 192 GLU n 
1 193 THR n 
1 194 LEU n 
1 195 ILE n 
1 196 ARG n 
1 197 GLU n 
1 198 ALA n 
1 199 LEU n 
1 200 ARG n 
1 201 ALA n 
1 202 ALA n 
1 203 LEU n 
# 
_entity_src_gen.entity_id                          1 
_entity_src_gen.pdbx_src_id                        1 
_entity_src_gen.pdbx_alt_source_flag               sample 
_entity_src_gen.pdbx_seq_type                      ? 
_entity_src_gen.pdbx_beg_seq_num                   ? 
_entity_src_gen.pdbx_end_seq_num                   ? 
_entity_src_gen.gene_src_common_name               ? 
_entity_src_gen.gene_src_genus                     Escherichia 
_entity_src_gen.pdbx_gene_src_gene                 ? 
_entity_src_gen.gene_src_species                   ? 
_entity_src_gen.gene_src_strain                    '12 BL21 (DE3)' 
_entity_src_gen.gene_src_tissue                    ? 
_entity_src_gen.gene_src_tissue_fraction           ? 
_entity_src_gen.gene_src_details                   ? 
_entity_src_gen.pdbx_gene_src_fragment             ? 
_entity_src_gen.pdbx_gene_src_scientific_name      'Escherichia coli' 
_entity_src_gen.pdbx_gene_src_ncbi_taxonomy_id     562 
_entity_src_gen.pdbx_gene_src_variant              ? 
_entity_src_gen.pdbx_gene_src_cell_line            BL21 
_entity_src_gen.pdbx_gene_src_atcc                 ? 
_entity_src_gen.pdbx_gene_src_organ                ? 
_entity_src_gen.pdbx_gene_src_organelle            ? 
_entity_src_gen.pdbx_gene_src_cell                 ? 
_entity_src_gen.pdbx_gene_src_cellular_location    ? 
_entity_src_gen.host_org_common_name               ? 
_entity_src_gen.pdbx_host_org_scientific_name      'Escherichia coli' 
_entity_src_gen.pdbx_host_org_ncbi_taxonomy_id     562 
_entity_src_gen.host_org_genus                     Escherichia 
_entity_src_gen.pdbx_host_org_gene                 ? 
_entity_src_gen.pdbx_host_org_organ                ? 
_entity_src_gen.host_org_species                   ? 
_entity_src_gen.pdbx_host_org_tissue               ? 
_entity_src_gen.pdbx_host_org_tissue_fraction      ? 
_entity_src_gen.pdbx_host_org_strain               ? 
_entity_src_gen.pdbx_host_org_variant              ? 
_entity_src_gen.pdbx_host_org_cell_line            ? 
_entity_src_gen.pdbx_host_org_atcc                 ? 
_entity_src_gen.pdbx_host_org_culture_collection   ? 
_entity_src_gen.pdbx_host_org_cell                 ? 
_entity_src_gen.pdbx_host_org_organelle            ? 
_entity_src_gen.pdbx_host_org_cellular_location    ? 
_entity_src_gen.pdbx_host_org_vector_type          ? 
_entity_src_gen.pdbx_host_org_vector               ? 
_entity_src_gen.host_org_details                   ? 
_entity_src_gen.expression_system_id               ? 
_entity_src_gen.plasmid_name                       PAM159 
_entity_src_gen.plasmid_details                    ? 
_entity_src_gen.pdbx_description                   ? 
# 
loop_
_chem_comp.id 
_chem_comp.type 
_chem_comp.mon_nstd_flag 
_chem_comp.name 
_chem_comp.pdbx_synonyms 
_chem_comp.formula 
_chem_comp.formula_weight 
ALA 'L-peptide linking' y ALANINE         ? 'C3 H7 N O2'     89.093  
ARG 'L-peptide linking' y ARGININE        ? 'C6 H15 N4 O2 1' 175.209 
ASN 'L-peptide linking' y ASPARAGINE      ? 'C4 H8 N2 O3'    132.118 
ASP 'L-peptide linking' y 'ASPARTIC ACID' ? 'C4 H7 N O4'     133.103 
CYS 'L-peptide linking' y CYSTEINE        ? 'C3 H7 N O2 S'   121.158 
GLN 'L-peptide linking' y GLUTAMINE       ? 'C5 H10 N2 O3'   146.144 
GLU 'L-peptide linking' y 'GLUTAMIC ACID' ? 'C5 H9 N O4'     147.129 
GLY 'peptide linking'   y GLYCINE         ? 'C2 H5 N O2'     75.067  
HIS 'L-peptide linking' y HISTIDINE       ? 'C6 H10 N3 O2 1' 156.162 
HOH non-polymer         . WATER           ? 'H2 O'           18.015  
ILE 'L-peptide linking' y ISOLEUCINE      ? 'C6 H13 N O2'    131.173 
LEU 'L-peptide linking' y LEUCINE         ? 'C6 H13 N O2'    131.173 
LYS 'L-peptide linking' y LYSINE          ? 'C6 H15 N2 O2 1' 147.195 
MET 'L-peptide linking' y METHIONINE      ? 'C5 H11 N O2 S'  149.211 
PHE 'L-peptide linking' y PHENYLALANINE   ? 'C9 H11 N O2'    165.189 
PRO 'L-peptide linking' y PROLINE         ? 'C5 H9 N O2'     115.130 
SER 'L-peptide linking' y SERINE          ? 'C3 H7 N O3'     105.093 
THR 'L-peptide linking' y THREONINE       ? 'C4 H9 N O3'     119.119 
TYR 'L-peptide linking' y TYROSINE        ? 'C9 H11 N O3'    181.189 
VAL 'L-peptide linking' y VALINE          ? 'C5 H11 N O2'    117.146 
# 
loop_
_pdbx_poly_seq_scheme.asym_id 
_pdbx_poly_seq_scheme.entity_id 
_pdbx_poly_seq_scheme.seq_id 
_pdbx_poly_seq_scheme.mon_id 
_pdbx_poly_seq_scheme.ndb_seq_num 
_pdbx_poly_seq_scheme.pdb_seq_num 
_pdbx_poly_seq_scheme.auth_seq_num 
_pdbx_poly_seq_scheme.pdb_mon_id 
_pdbx_poly_seq_scheme.auth_mon_id 
_pdbx_poly_seq_scheme.pdb_strand_id 
_pdbx_poly_seq_scheme.pdb_ins_code 
_pdbx_poly_seq_scheme.hetero 
A 1 1   MET 1   1   1   MET MET A . n 
A 1 2   ILE 2   2   2   ILE ILE A . n 
A 1 3   GLY 3   3   3   GLY GLY A . n 
A 1 4   ARG 4   4   4   ARG ARG A . n 
A 1 5   LEU 5   5   5   LEU LEU A . n 
A 1 6   ARG 6   6   6   ARG ARG A . n 
A 1 7   GLY 7   7   7   GLY GLY A . n 
A 1 8   ILE 8   8   8   ILE ILE A . n 
A 1 9   ILE 9   9   9   ILE ILE A . n 
A 1 10  ILE 10  10  10  ILE ILE A . n 
A 1 11  GLU 11  11  11  GLU GLU A . n 
A 1 12  LYS 12  12  12  LYS LYS A . n 
A 1 13  GLN 13  13  13  GLN GLN A . n 
A 1 14  PRO 14  14  14  PRO PRO A . n 
A 1 15  PRO 15  15  15  PRO PRO A . n 
A 1 16  LEU 16  16  16  LEU LEU A . n 
A 1 17  VAL 17  17  17  VAL VAL A . n 
A 1 18  LEU 18  18  18  LEU LEU A . n 
A 1 19  ILE 19  19  19  ILE ILE A . n 
A 1 20  GLU 20  20  20  GLU GLU A . n 
A 1 21  VAL 21  21  21  VAL VAL A . n 
A 1 22  GLY 22  22  22  GLY GLY A . n 
A 1 23  GLY 23  23  23  GLY GLY A . n 
A 1 24  VAL 24  24  24  VAL VAL A . n 
A 1 25  GLY 25  25  25  GLY GLY A . n 
A 1 26  TYR 26  26  26  TYR TYR A . n 
A 1 27  GLU 27  27  27  GLU GLU A . n 
A 1 28  VAL 28  28  28  VAL VAL A . n 
A 1 29  HIS 29  29  29  HIS HIS A . n 
A 1 30  MET 30  30  30  MET MET A . n 
A 1 31  PRO 31  31  31  PRO PRO A . n 
A 1 32  MET 32  32  32  MET MET A . n 
A 1 33  THR 33  33  33  THR THR A . n 
A 1 34  CYS 34  34  34  CYS CYS A . n 
A 1 35  PHE 35  35  35  PHE PHE A . n 
A 1 36  TYR 36  36  36  TYR TYR A . n 
A 1 37  GLU 37  37  37  GLU GLU A . n 
A 1 38  LEU 38  38  38  LEU LEU A . n 
A 1 39  PRO 39  39  39  PRO PRO A . n 
A 1 40  GLU 40  40  40  GLU GLU A . n 
A 1 41  ALA 41  41  41  ALA ALA A . n 
A 1 42  GLY 42  42  42  GLY GLY A . n 
A 1 43  GLN 43  43  43  GLN GLN A . n 
A 1 44  GLU 44  44  44  GLU GLU A . n 
A 1 45  ALA 45  45  45  ALA ALA A . n 
A 1 46  ILE 46  46  46  ILE ILE A . n 
A 1 47  VAL 47  47  47  VAL VAL A . n 
A 1 48  PHE 48  48  48  PHE PHE A . n 
A 1 49  THR 49  49  49  THR THR A . n 
A 1 50  HIS 50  50  50  HIS HIS A . n 
A 1 51  PHE 51  51  51  PHE PHE A . n 
A 1 52  VAL 52  52  52  VAL VAL A . n 
A 1 53  VAL 53  53  53  VAL VAL A . n 
A 1 54  ARG 54  54  54  ARG ARG A . n 
A 1 55  GLU 55  55  55  GLU GLU A . n 
A 1 56  ASP 56  56  56  ASP ASP A . n 
A 1 57  ALA 57  57  57  ALA ALA A . n 
A 1 58  GLN 58  58  58  GLN GLN A . n 
A 1 59  LEU 59  59  59  LEU LEU A . n 
A 1 60  LEU 60  60  60  LEU LEU A . n 
A 1 61  TYR 61  61  61  TYR TYR A . n 
A 1 62  GLY 62  62  62  GLY GLY A . n 
A 1 63  PHE 63  63  63  PHE PHE A . n 
A 1 64  ASN 64  64  64  ASN ASN A . n 
A 1 65  ASN 65  65  65  ASN ASN A . n 
A 1 66  LYS 66  66  66  LYS LYS A . n 
A 1 67  GLN 67  67  67  GLN GLN A . n 
A 1 68  GLU 68  68  68  GLU GLU A . n 
A 1 69  ARG 69  69  69  ARG ARG A . n 
A 1 70  THR 70  70  70  THR THR A . n 
A 1 71  LEU 71  71  71  LEU LEU A . n 
A 1 72  PHE 72  72  72  PHE PHE A . n 
A 1 73  LYS 73  73  73  LYS LYS A . n 
A 1 74  GLU 74  74  74  GLU GLU A . n 
A 1 75  LEU 75  75  75  LEU LEU A . n 
A 1 76  ILE 76  76  76  ILE ILE A . n 
A 1 77  LYS 77  77  77  LYS LYS A . n 
A 1 78  THR 78  78  78  THR THR A . n 
A 1 79  ASN 79  79  79  ASN ASN A . n 
A 1 80  GLY 80  80  80  GLY GLY A . n 
A 1 81  VAL 81  81  81  VAL VAL A . n 
A 1 82  GLY 82  82  82  GLY GLY A . n 
A 1 83  PRO 83  83  83  PRO PRO A . n 
A 1 84  LYS 84  84  84  LYS LYS A . n 
A 1 85  LEU 85  85  85  LEU LEU A . n 
A 1 86  ALA 86  86  86  ALA ALA A . n 
A 1 87  LEU 87  87  87  LEU LEU A . n 
A 1 88  ALA 88  88  88  ALA ALA A . n 
A 1 89  ILE 89  89  89  ILE ILE A . n 
A 1 90  LEU 90  90  90  LEU LEU A . n 
A 1 91  SER 91  91  91  SER SER A . n 
A 1 92  GLY 92  92  92  GLY GLY A . n 
A 1 93  MET 93  93  93  MET MET A . n 
A 1 94  SER 94  94  94  SER SER A . n 
A 1 95  ALA 95  95  95  ALA ALA A . n 
A 1 96  GLN 96  96  96  GLN GLN A . n 
A 1 97  GLN 97  97  97  GLN GLN A . n 
A 1 98  PHE 98  98  98  PHE PHE A . n 
A 1 99  VAL 99  99  99  VAL VAL A . n 
A 1 100 ASN 100 100 100 ASN ASN A . n 
A 1 101 ALA 101 101 101 ALA ALA A . n 
A 1 102 VAL 102 102 102 VAL VAL A . n 
A 1 103 GLU 103 103 103 GLU GLU A . n 
A 1 104 ARG 104 104 104 ARG ARG A . n 
A 1 105 GLU 105 105 105 GLU GLU A . n 
A 1 106 GLU 106 106 106 GLU GLU A . n 
A 1 107 VAL 107 107 107 VAL VAL A . n 
A 1 108 GLY 108 108 108 GLY GLY A . n 
A 1 109 ALA 109 109 109 ALA ALA A . n 
A 1 110 LEU 110 110 110 LEU LEU A . n 
A 1 111 VAL 111 111 111 VAL VAL A . n 
A 1 112 LYS 112 112 112 LYS LYS A . n 
A 1 113 LEU 113 113 113 LEU LEU A . n 
A 1 114 PRO 114 114 114 PRO PRO A . n 
A 1 115 GLY 115 115 115 GLY GLY A . n 
A 1 116 ILE 116 116 116 ILE ILE A . n 
A 1 117 GLY 117 117 117 GLY GLY A . n 
A 1 118 LYS 118 118 118 LYS LYS A . n 
A 1 119 LYS 119 119 119 LYS LYS A . n 
A 1 120 THR 120 120 120 THR THR A . n 
A 1 121 ALA 121 121 121 ALA ALA A . n 
A 1 122 GLU 122 122 122 GLU GLU A . n 
A 1 123 ARG 123 123 123 ARG ARG A . n 
A 1 124 LEU 124 124 124 LEU LEU A . n 
A 1 125 ILE 125 125 125 ILE ILE A . n 
A 1 126 VAL 126 126 126 VAL VAL A . n 
A 1 127 GLU 127 127 127 GLU GLU A . n 
A 1 128 MET 128 128 128 MET MET A . n 
A 1 129 LYS 129 129 129 LYS LYS A . n 
A 1 130 ASP 130 130 130 ASP ASP A . n 
A 1 131 ARG 131 131 131 ARG ARG A . n 
A 1 132 PHE 132 132 132 PHE PHE A . n 
A 1 133 LYS 133 133 133 LYS LYS A . n 
A 1 134 GLY 134 134 134 GLY GLY A . n 
A 1 135 LEU 135 135 135 LEU LEU A . n 
A 1 136 HIS 136 136 136 HIS HIS A . n 
A 1 137 GLY 137 137 137 GLY GLY A . n 
A 1 138 ASP 138 138 138 ASP ASP A . n 
A 1 139 LEU 139 139 139 LEU LEU A . n 
A 1 140 PHE 140 140 140 PHE PHE A . n 
A 1 141 THR 141 141 141 THR THR A . n 
A 1 142 PRO 142 142 142 PRO PRO A . n 
A 1 143 ALA 143 143 ?   ?   ?   A . n 
A 1 144 ALA 144 144 ?   ?   ?   A . n 
A 1 145 ASP 145 145 ?   ?   ?   A . n 
A 1 146 LEU 146 146 ?   ?   ?   A . n 
A 1 147 VAL 147 147 ?   ?   ?   A . n 
A 1 148 LEU 148 148 ?   ?   ?   A . n 
A 1 149 THR 149 149 ?   ?   ?   A . n 
A 1 150 SER 150 150 ?   ?   ?   A . n 
A 1 151 PRO 151 151 ?   ?   ?   A . n 
A 1 152 ALA 152 152 ?   ?   ?   A . n 
A 1 153 SER 153 153 ?   ?   ?   A . n 
A 1 154 PRO 154 154 ?   ?   ?   A . n 
A 1 155 ALA 155 155 ?   ?   ?   A . n 
A 1 156 THR 156 156 156 THR THR A . n 
A 1 157 ASP 157 157 157 ASP ASP A . n 
A 1 158 ASP 158 158 158 ASP ASP A . n 
A 1 159 ALA 159 159 159 ALA ALA A . n 
A 1 160 GLU 160 160 160 GLU GLU A . n 
A 1 161 GLN 161 161 161 GLN GLN A . n 
A 1 162 GLU 162 162 162 GLU GLU A . n 
A 1 163 ALA 163 163 163 ALA ALA A . n 
A 1 164 VAL 164 164 164 VAL VAL A . n 
A 1 165 ALA 165 165 165 ALA ALA A . n 
A 1 166 ARG 166 166 166 ARG ARG A . n 
A 1 167 LEU 167 167 167 LEU LEU A . n 
A 1 168 VAL 168 168 168 VAL VAL A . n 
A 1 169 ALA 169 169 169 ALA ALA A . n 
A 1 170 LEU 170 170 170 LEU LEU A . n 
A 1 171 GLY 171 171 171 GLY GLY A . n 
A 1 172 TYR 172 172 172 TYR TYR A . n 
A 1 173 LYS 173 173 173 LYS LYS A . n 
A 1 174 PRO 174 174 174 PRO PRO A . n 
A 1 175 GLN 175 175 175 GLN GLN A . n 
A 1 176 GLU 176 176 176 GLU GLU A . n 
A 1 177 ALA 177 177 177 ALA ALA A . n 
A 1 178 SER 178 178 178 SER SER A . n 
A 1 179 ARG 179 179 179 ARG ARG A . n 
A 1 180 MET 180 180 180 MET MET A . n 
A 1 181 VAL 181 181 181 VAL VAL A . n 
A 1 182 SER 182 182 182 SER SER A . n 
A 1 183 LYS 183 183 183 LYS LYS A . n 
A 1 184 ILE 184 184 184 ILE ILE A . n 
A 1 185 ALA 185 185 185 ALA ALA A . n 
A 1 186 ARG 186 186 186 ARG ARG A . n 
A 1 187 PRO 187 187 187 PRO PRO A . n 
A 1 188 ASP 188 188 188 ASP ASP A . n 
A 1 189 ALA 189 189 189 ALA ALA A . n 
A 1 190 SER 190 190 190 SER SER A . n 
A 1 191 SER 191 191 191 SER SER A . n 
A 1 192 GLU 192 192 192 GLU GLU A . n 
A 1 193 THR 193 193 193 THR THR A . n 
A 1 194 LEU 194 194 194 LEU LEU A . n 
A 1 195 ILE 195 195 195 ILE ILE A . n 
A 1 196 ARG 196 196 196 ARG ARG A . n 
A 1 197 GLU 197 197 197 GLU GLU A . n 
A 1 198 ALA 198 198 198 ALA ALA A . n 
A 1 199 LEU 199 199 199 LEU LEU A . n 
A 1 200 ARG 200 200 200 ARG ARG A . n 
A 1 201 ALA 201 201 201 ALA ALA A . n 
A 1 202 ALA 202 202 202 ALA ALA A . n 
A 1 203 LEU 203 203 203 LEU LEU A . n 
# 
loop_
_pdbx_nonpoly_scheme.asym_id 
_pdbx_nonpoly_scheme.entity_id 
_pdbx_nonpoly_scheme.mon_id 
_pdbx_nonpoly_scheme.ndb_seq_num 
_pdbx_nonpoly_scheme.pdb_seq_num 
_pdbx_nonpoly_scheme.auth_seq_num 
_pdbx_nonpoly_scheme.pdb_mon_id 
_pdbx_nonpoly_scheme.auth_mon_id 
_pdbx_nonpoly_scheme.pdb_strand_id 
_pdbx_nonpoly_scheme.pdb_ins_code 
B 2 HOH 1  204 1  HOH HOH A . 
B 2 HOH 2  205 2  HOH HOH A . 
B 2 HOH 3  206 3  HOH HOH A . 
B 2 HOH 4  207 4  HOH HOH A . 
B 2 HOH 5  208 5  HOH HOH A . 
B 2 HOH 6  209 6  HOH HOH A . 
B 2 HOH 7  210 7  HOH HOH A . 
B 2 HOH 8  211 8  HOH HOH A . 
B 2 HOH 9  212 9  HOH HOH A . 
B 2 HOH 10 213 10 HOH HOH A . 
B 2 HOH 11 214 11 HOH HOH A . 
B 2 HOH 12 215 12 HOH HOH A . 
B 2 HOH 13 216 13 HOH HOH A . 
B 2 HOH 14 217 14 HOH HOH A . 
B 2 HOH 15 218 15 HOH HOH A . 
B 2 HOH 16 219 16 HOH HOH A . 
B 2 HOH 17 220 17 HOH HOH A . 
B 2 HOH 18 221 18 HOH HOH A . 
B 2 HOH 19 222 19 HOH HOH A . 
B 2 HOH 20 223 20 HOH HOH A . 
B 2 HOH 21 224 21 HOH HOH A . 
B 2 HOH 22 225 22 HOH HOH A . 
B 2 HOH 23 226 23 HOH HOH A . 
B 2 HOH 24 227 24 HOH HOH A . 
B 2 HOH 25 228 25 HOH HOH A . 
B 2 HOH 26 229 26 HOH HOH A . 
B 2 HOH 27 230 27 HOH HOH A . 
B 2 HOH 28 231 28 HOH HOH A . 
B 2 HOH 29 232 29 HOH HOH A . 
B 2 HOH 30 233 30 HOH HOH A . 
B 2 HOH 31 234 31 HOH HOH A . 
B 2 HOH 32 235 32 HOH HOH A . 
B 2 HOH 33 236 33 HOH HOH A . 
B 2 HOH 34 237 34 HOH HOH A . 
B 2 HOH 35 238 35 HOH HOH A . 
B 2 HOH 36 239 36 HOH HOH A . 
B 2 HOH 37 240 37 HOH HOH A . 
B 2 HOH 38 241 38 HOH HOH A . 
B 2 HOH 39 242 39 HOH HOH A . 
B 2 HOH 40 243 40 HOH HOH A . 
B 2 HOH 41 244 41 HOH HOH A . 
B 2 HOH 42 245 42 HOH HOH A . 
B 2 HOH 43 246 43 HOH HOH A . 
B 2 HOH 44 247 44 HOH HOH A . 
B 2 HOH 45 248 45 HOH HOH A . 
B 2 HOH 46 249 46 HOH HOH A . 
B 2 HOH 47 250 47 HOH HOH A . 
B 2 HOH 48 251 48 HOH HOH A . 
B 2 HOH 49 252 49 HOH HOH A . 
B 2 HOH 50 253 50 HOH HOH A . 
B 2 HOH 51 254 51 HOH HOH A . 
# 
loop_
_pdbx_unobs_or_zero_occ_atoms.id 
_pdbx_unobs_or_zero_occ_atoms.PDB_model_num 
_pdbx_unobs_or_zero_occ_atoms.polymer_flag 
_pdbx_unobs_or_zero_occ_atoms.occupancy_flag 
_pdbx_unobs_or_zero_occ_atoms.auth_asym_id 
_pdbx_unobs_or_zero_occ_atoms.auth_comp_id 
_pdbx_unobs_or_zero_occ_atoms.auth_seq_id 
_pdbx_unobs_or_zero_occ_atoms.PDB_ins_code 
_pdbx_unobs_or_zero_occ_atoms.auth_atom_id 
_pdbx_unobs_or_zero_occ_atoms.label_alt_id 
_pdbx_unobs_or_zero_occ_atoms.label_asym_id 
_pdbx_unobs_or_zero_occ_atoms.label_comp_id 
_pdbx_unobs_or_zero_occ_atoms.label_seq_id 
_pdbx_unobs_or_zero_occ_atoms.label_atom_id 
1  1 Y 1 A LYS 119 ? CG  ? A LYS 119 CG  
2  1 Y 1 A LYS 119 ? CD  ? A LYS 119 CD  
3  1 Y 1 A LYS 119 ? CE  ? A LYS 119 CE  
4  1 Y 1 A LYS 119 ? NZ  ? A LYS 119 NZ  
5  1 Y 1 A ARG 123 ? CG  ? A ARG 123 CG  
6  1 Y 1 A ARG 123 ? CD  ? A ARG 123 CD  
7  1 Y 1 A ARG 123 ? NE  ? A ARG 123 NE  
8  1 Y 1 A ARG 123 ? CZ  ? A ARG 123 CZ  
9  1 Y 1 A ARG 123 ? NH1 ? A ARG 123 NH1 
10 1 Y 1 A ARG 123 ? NH2 ? A ARG 123 NH2 
11 1 Y 1 A ARG 131 ? CG  ? A ARG 131 CG  
12 1 Y 1 A ARG 131 ? CD  ? A ARG 131 CD  
13 1 Y 1 A ARG 131 ? NE  ? A ARG 131 NE  
14 1 Y 1 A ARG 131 ? CZ  ? A ARG 131 CZ  
15 1 Y 1 A ARG 131 ? NH1 ? A ARG 131 NH1 
16 1 Y 1 A ARG 131 ? NH2 ? A ARG 131 NH2 
17 1 Y 1 A LYS 133 ? CG  ? A LYS 133 CG  
18 1 Y 1 A LYS 133 ? CD  ? A LYS 133 CD  
19 1 Y 1 A LYS 133 ? CE  ? A LYS 133 CE  
20 1 Y 1 A LYS 133 ? NZ  ? A LYS 133 NZ  
21 1 Y 1 A HIS 136 ? CG  ? A HIS 136 CG  
22 1 Y 1 A HIS 136 ? ND1 ? A HIS 136 ND1 
23 1 Y 1 A HIS 136 ? CD2 ? A HIS 136 CD2 
24 1 Y 1 A HIS 136 ? CE1 ? A HIS 136 CE1 
25 1 Y 1 A HIS 136 ? NE2 ? A HIS 136 NE2 
26 1 Y 1 A THR 141 ? OG1 ? A THR 141 OG1 
27 1 Y 1 A THR 141 ? CG2 ? A THR 141 CG2 
28 1 Y 1 A PRO 142 ? CG  ? A PRO 142 CG  
29 1 Y 1 A PRO 142 ? CD  ? A PRO 142 CD  
30 1 Y 1 A THR 156 ? OG1 ? A THR 156 OG1 
31 1 Y 1 A THR 156 ? CG2 ? A THR 156 CG2 
32 1 Y 1 A ASP 157 ? CG  ? A ASP 157 CG  
33 1 Y 1 A ASP 157 ? OD1 ? A ASP 157 OD1 
34 1 Y 1 A ASP 157 ? OD2 ? A ASP 157 OD2 
35 1 Y 1 A ASP 158 ? CG  ? A ASP 158 CG  
36 1 Y 1 A ASP 158 ? OD1 ? A ASP 158 OD1 
37 1 Y 1 A ASP 158 ? OD2 ? A ASP 158 OD2 
38 1 Y 1 A GLU 160 ? CG  ? A GLU 160 CG  
39 1 Y 1 A GLU 160 ? CD  ? A GLU 160 CD  
40 1 Y 1 A GLU 160 ? OE1 ? A GLU 160 OE1 
41 1 Y 1 A GLU 160 ? OE2 ? A GLU 160 OE2 
42 1 Y 1 A GLN 161 ? CG  ? A GLN 161 CG  
43 1 Y 1 A GLN 161 ? CD  ? A GLN 161 CD  
44 1 Y 1 A GLN 161 ? OE1 ? A GLN 161 OE1 
45 1 Y 1 A GLN 161 ? NE2 ? A GLN 161 NE2 
46 1 Y 1 A GLU 162 ? CG  ? A GLU 162 CG  
47 1 Y 1 A GLU 162 ? CD  ? A GLU 162 CD  
48 1 Y 1 A GLU 162 ? OE1 ? A GLU 162 OE1 
49 1 Y 1 A GLU 162 ? OE2 ? A GLU 162 OE2 
50 1 Y 1 A ARG 166 ? CG  ? A ARG 166 CG  
51 1 Y 1 A ARG 166 ? CD  ? A ARG 166 CD  
52 1 Y 1 A ARG 166 ? NE  ? A ARG 166 NE  
53 1 Y 1 A ARG 166 ? CZ  ? A ARG 166 CZ  
54 1 Y 1 A ARG 166 ? NH1 ? A ARG 166 NH1 
55 1 Y 1 A ARG 166 ? NH2 ? A ARG 166 NH2 
56 1 Y 1 A LYS 173 ? CG  ? A LYS 173 CG  
57 1 Y 1 A LYS 173 ? CD  ? A LYS 173 CD  
58 1 Y 1 A LYS 173 ? CE  ? A LYS 173 CE  
59 1 Y 1 A LYS 173 ? NZ  ? A LYS 173 NZ  
60 1 Y 1 A GLN 175 ? CG  ? A GLN 175 CG  
61 1 Y 1 A GLN 175 ? CD  ? A GLN 175 CD  
62 1 Y 1 A GLN 175 ? OE1 ? A GLN 175 OE1 
63 1 Y 1 A GLN 175 ? NE2 ? A GLN 175 NE2 
64 1 Y 1 A GLU 176 ? CG  ? A GLU 176 CG  
65 1 Y 1 A GLU 176 ? CD  ? A GLU 176 CD  
66 1 Y 1 A GLU 176 ? OE1 ? A GLU 176 OE1 
67 1 Y 1 A GLU 176 ? OE2 ? A GLU 176 OE2 
68 1 Y 1 A ARG 179 ? CG  ? A ARG 179 CG  
69 1 Y 1 A ARG 179 ? CD  ? A ARG 179 CD  
70 1 Y 1 A ARG 179 ? NE  ? A ARG 179 NE  
71 1 Y 1 A ARG 179 ? CZ  ? A ARG 179 CZ  
72 1 Y 1 A ARG 179 ? NH1 ? A ARG 179 NH1 
73 1 Y 1 A ARG 179 ? NH2 ? A ARG 179 NH2 
74 1 Y 1 A LYS 183 ? CG  ? A LYS 183 CG  
75 1 Y 1 A LYS 183 ? CD  ? A LYS 183 CD  
76 1 Y 1 A LYS 183 ? CE  ? A LYS 183 CE  
77 1 Y 1 A LYS 183 ? NZ  ? A LYS 183 NZ  
78 1 Y 1 A ARG 186 ? CG  ? A ARG 186 CG  
79 1 Y 1 A ARG 186 ? CD  ? A ARG 186 CD  
80 1 Y 1 A ARG 186 ? NE  ? A ARG 186 NE  
81 1 Y 1 A ARG 186 ? CZ  ? A ARG 186 CZ  
82 1 Y 1 A ARG 186 ? NH1 ? A ARG 186 NH1 
83 1 Y 1 A ARG 186 ? NH2 ? A ARG 186 NH2 
84 1 Y 1 A ASP 188 ? CG  ? A ASP 188 CG  
85 1 Y 1 A ASP 188 ? OD1 ? A ASP 188 OD1 
86 1 Y 1 A ASP 188 ? OD2 ? A ASP 188 OD2 
87 1 Y 1 A GLU 197 ? CG  ? A GLU 197 CG  
88 1 Y 1 A GLU 197 ? CD  ? A GLU 197 CD  
89 1 Y 1 A GLU 197 ? OE1 ? A GLU 197 OE1 
90 1 Y 1 A GLU 197 ? OE2 ? A GLU 197 OE2 
91 1 Y 1 A ARG 200 ? CG  ? A ARG 200 CG  
92 1 Y 1 A ARG 200 ? CD  ? A ARG 200 CD  
93 1 Y 1 A ARG 200 ? NE  ? A ARG 200 NE  
94 1 Y 1 A ARG 200 ? CZ  ? A ARG 200 CZ  
95 1 Y 1 A ARG 200 ? NH1 ? A ARG 200 NH1 
96 1 Y 1 A ARG 200 ? NH2 ? A ARG 200 NH2 
# 
loop_
_software.name 
_software.classification 
_software.version 
_software.citation_id 
_software.pdbx_ordinal 
TNT  refinement       . ? 1 
SDMS 'data reduction' . ? 2 
# 
_cell.entry_id           1CUK 
_cell.length_a           83.700 
_cell.length_b           83.700 
_cell.length_c           33.100 
_cell.angle_alpha        90.00 
_cell.angle_beta         90.00 
_cell.angle_gamma        90.00 
_cell.Z_PDB              4 
_cell.pdbx_unique_axis   ? 
# 
_symmetry.entry_id                         1CUK 
_symmetry.space_group_name_H-M             'P 4' 
_symmetry.pdbx_full_space_group_name_H-M   ? 
_symmetry.cell_setting                     ? 
_symmetry.Int_Tables_number                75 
# 
_exptl.entry_id          1CUK 
_exptl.method            'X-RAY DIFFRACTION' 
_exptl.crystals_number   ? 
# 
_exptl_crystal.id                    1 
_exptl_crystal.density_meas          ? 
_exptl_crystal.density_Matthews      2.61 
_exptl_crystal.density_percent_sol   53. 
_exptl_crystal.description           ? 
# 
_diffrn.id                     1 
_diffrn.ambient_temp           ? 
_diffrn.ambient_temp_details   ? 
_diffrn.crystal_id             1 
# 
_diffrn_detector.diffrn_id              1 
_diffrn_detector.detector               'AREA DETECTOR' 
_diffrn_detector.type                   'XUONG-HAMLIN MULTIWIRE' 
_diffrn_detector.pdbx_collection_date   1995-10-26 
_diffrn_detector.details                ? 
# 
_diffrn_radiation.diffrn_id                        1 
_diffrn_radiation.wavelength_id                    1 
_diffrn_radiation.pdbx_monochromatic_or_laue_m_l   M 
_diffrn_radiation.monochromator                    ? 
_diffrn_radiation.pdbx_diffrn_protocol             ? 
_diffrn_radiation.pdbx_scattering_type             x-ray 
# 
_diffrn_radiation_wavelength.id           1 
_diffrn_radiation_wavelength.wavelength   1.5418 
_diffrn_radiation_wavelength.wt           1.0 
# 
_diffrn_source.diffrn_id                   1 
_diffrn_source.source                      ? 
_diffrn_source.type                        ? 
_diffrn_source.pdbx_synchrotron_site       ? 
_diffrn_source.pdbx_synchrotron_beamline   ? 
_diffrn_source.pdbx_wavelength             1.5418 
_diffrn_source.pdbx_wavelength_list        ? 
# 
_reflns.entry_id                     1CUK 
_reflns.observed_criterion_sigma_I   0.0 
_reflns.observed_criterion_sigma_F   ? 
_reflns.d_resolution_low             ? 
_reflns.d_resolution_high            ? 
_reflns.number_obs                   16391 
_reflns.number_all                   ? 
_reflns.percent_possible_obs         89. 
_reflns.pdbx_Rmerge_I_obs            0.0730000 
_reflns.pdbx_Rsym_value              ? 
_reflns.pdbx_netI_over_sigmaI        ? 
_reflns.B_iso_Wilson_estimate        ? 
_reflns.pdbx_redundancy              2.7 
_reflns.pdbx_ordinal                 1 
_reflns.pdbx_diffrn_id               1 
# 
_refine.entry_id                                 1CUK 
_refine.ls_number_reflns_obs                     17090 
_refine.ls_number_reflns_all                     ? 
_refine.pdbx_ls_sigma_I                          ? 
_refine.pdbx_ls_sigma_F                          0.0 
_refine.pdbx_data_cutoff_high_absF               ? 
_refine.pdbx_data_cutoff_low_absF                ? 
_refine.pdbx_data_cutoff_high_rms_absF           ? 
_refine.ls_d_res_low                             15. 
_refine.ls_d_res_high                            1.9 
_refine.ls_percent_reflns_obs                    ? 
_refine.ls_R_factor_obs                          ? 
_refine.ls_R_factor_all                          ? 
_refine.ls_R_factor_R_work                       0.2090000 
_refine.ls_R_factor_R_free                       ? 
_refine.ls_R_factor_R_free_error                 ? 
_refine.ls_R_factor_R_free_error_details         ? 
_refine.ls_percent_reflns_R_free                 ? 
_refine.ls_number_reflns_R_free                  ? 
_refine.ls_number_parameters                     ? 
_refine.ls_number_restraints                     ? 
_refine.occupancy_min                            ? 
_refine.occupancy_max                            ? 
_refine.B_iso_mean                               ? 
_refine.aniso_B[1][1]                            ? 
_refine.aniso_B[2][2]                            ? 
_refine.aniso_B[3][3]                            ? 
_refine.aniso_B[1][2]                            ? 
_refine.aniso_B[1][3]                            ? 
_refine.aniso_B[2][3]                            ? 
_refine.solvent_model_details                    ? 
_refine.solvent_model_param_ksol                 ? 
_refine.solvent_model_param_bsol                 ? 
_refine.pdbx_ls_cross_valid_method               ? 
_refine.details                                  
;THE B-FACTORS FOR THE C-TERMINAL SEGMENT OF THE PROTEIN
(RESIDUES 107 - 203) ARE HIGH WITH AN AVERAGE VALUE OF
73.6 A**2 OVER ALL ATOMS (71.0A**2 FOR MAIN CHAIN) AND THUS
REPRESENT POSITIONAL UNCERTAINTY OF APPROXIMATELY 1A IN
SOME REGIONS.
;
_refine.pdbx_starting_model                      ? 
_refine.pdbx_method_to_determine_struct          ? 
_refine.pdbx_isotropic_thermal_model             ? 
_refine.pdbx_stereochemistry_target_values       ? 
_refine.pdbx_stereochem_target_val_spec_case     ? 
_refine.pdbx_R_Free_selection_details            ? 
_refine.pdbx_overall_ESU_R                       ? 
_refine.pdbx_overall_ESU_R_Free                  ? 
_refine.overall_SU_ML                            ? 
_refine.overall_SU_B                             ? 
_refine.pdbx_refine_id                           'X-RAY DIFFRACTION' 
_refine.pdbx_diffrn_id                           1 
_refine.pdbx_TLS_residual_ADP_flag               ? 
_refine.correlation_coeff_Fo_to_Fc               ? 
_refine.correlation_coeff_Fo_to_Fc_free          ? 
_refine.pdbx_solvent_vdw_probe_radii             ? 
_refine.pdbx_solvent_ion_probe_radii             ? 
_refine.pdbx_solvent_shrinkage_radii             ? 
_refine.pdbx_overall_phase_error                 ? 
_refine.overall_SU_R_Cruickshank_DPI             ? 
_refine.pdbx_overall_SU_R_free_Cruickshank_DPI   ? 
_refine.pdbx_overall_SU_R_Blow_DPI               ? 
_refine.pdbx_overall_SU_R_free_Blow_DPI          ? 
# 
_refine_hist.pdbx_refine_id                   'X-RAY DIFFRACTION' 
_refine_hist.cycle_id                         LAST 
_refine_hist.pdbx_number_atoms_protein        1377 
_refine_hist.pdbx_number_atoms_nucleic_acid   0 
_refine_hist.pdbx_number_atoms_ligand         0 
_refine_hist.number_atoms_solvent             51 
_refine_hist.number_atoms_total               1428 
_refine_hist.d_res_high                       1.9 
_refine_hist.d_res_low                        15. 
# 
loop_
_refine_ls_restr.type 
_refine_ls_restr.dev_ideal 
_refine_ls_restr.dev_ideal_target 
_refine_ls_restr.weight 
_refine_ls_restr.number 
_refine_ls_restr.pdbx_refine_id 
_refine_ls_restr.pdbx_restraint_function 
t_bond_d           0.016 ? 0.300 ? 'X-RAY DIFFRACTION' ? 
t_angle_deg        1.9   ? 1.000 ? 'X-RAY DIFFRACTION' ? 
t_dihedral_angle_d ?     ? ?     ? 'X-RAY DIFFRACTION' ? 
t_incorr_chiral_ct ?     ? ?     ? 'X-RAY DIFFRACTION' ? 
t_pseud_angle      ?     ? ?     ? 'X-RAY DIFFRACTION' ? 
t_trig_c_planes    ?     ? ?     ? 'X-RAY DIFFRACTION' ? 
t_gen_planes       0.008 ? 5.000 ? 'X-RAY DIFFRACTION' ? 
t_it               ?     ? ?     ? 'X-RAY DIFFRACTION' ? 
t_nbd              ?     ? ?     ? 'X-RAY DIFFRACTION' ? 
# 
_pdbx_refine.entry_id                                    1CUK 
_pdbx_refine.R_factor_all_no_cutoff                      ? 
_pdbx_refine.R_factor_obs_no_cutoff                      0.2090000 
_pdbx_refine.free_R_factor_no_cutoff                     ? 
_pdbx_refine.free_R_val_test_set_size_perc_no_cutoff     ? 
_pdbx_refine.free_R_val_test_set_ct_no_cutoff            ? 
_pdbx_refine.R_factor_all_4sig_cutoff                    ? 
_pdbx_refine.R_factor_obs_4sig_cutoff                    ? 
_pdbx_refine.free_R_factor_4sig_cutoff                   ? 
_pdbx_refine.free_R_val_test_set_size_perc_4sig_cutoff   ? 
_pdbx_refine.free_R_val_test_set_ct_4sig_cutoff          ? 
_pdbx_refine.number_reflns_obs_4sig_cutoff               ? 
_pdbx_refine.pdbx_refine_id                              'X-RAY DIFFRACTION' 
_pdbx_refine.free_R_error_no_cutoff                      ? 
# 
_struct.entry_id                  1CUK 
_struct.title                     'ESCHERICHIA COLI RUVA PROTEIN AT PH 4.9 AND ROOM TEMPERATURE' 
_struct.pdbx_model_details        ? 
_struct.pdbx_CASP_flag            ? 
_struct.pdbx_model_type_details   ? 
# 
_struct_keywords.entry_id        1CUK 
_struct_keywords.pdbx_keywords   HELICASE 
_struct_keywords.text            'DNA REPAIR, SOS RESPONSE, DNA-BINDING, DNA RECOMBINATION, HELICASE' 
# 
loop_
_struct_asym.id 
_struct_asym.pdbx_blank_PDB_chainid_flag 
_struct_asym.pdbx_modified 
_struct_asym.entity_id 
_struct_asym.details 
A N N 1 ? 
B N N 2 ? 
# 
_struct_ref.id                         1 
_struct_ref.db_name                    UNP 
_struct_ref.db_code                    RUVA_ECOLI 
_struct_ref.entity_id                  1 
_struct_ref.pdbx_db_accession          P0A809 
_struct_ref.pdbx_align_begin           1 
_struct_ref.pdbx_seq_one_letter_code   
;MIGRLRGIIIEKQPPLVLIEVGGVGYEVHMPMTCFYELPEAGQEAIVFTHFVVREDAQLLYGFNNKQERTLFKELIKTNG
VGPKLALAILSGMSAQQFVNAVEREEVGALVKLPGIGKKTAERLIVEMKDRFKGLHGDLFTPAADLVLTSPASPATDDAE
QEAVARLVALGYKPQEASRMVSKIARPDASSETLIREALRAAL
;
_struct_ref.pdbx_db_isoform            ? 
# 
_struct_ref_seq.align_id                      1 
_struct_ref_seq.ref_id                        1 
_struct_ref_seq.pdbx_PDB_id_code              1CUK 
_struct_ref_seq.pdbx_strand_id                A 
_struct_ref_seq.seq_align_beg                 1 
_struct_ref_seq.pdbx_seq_align_beg_ins_code   ? 
_struct_ref_seq.seq_align_end                 203 
_struct_ref_seq.pdbx_seq_align_end_ins_code   ? 
_struct_ref_seq.pdbx_db_accession             P0A809 
_struct_ref_seq.db_align_beg                  1 
_struct_ref_seq.pdbx_db_align_beg_ins_code    ? 
_struct_ref_seq.db_align_end                  203 
_struct_ref_seq.pdbx_db_align_end_ins_code    ? 
_struct_ref_seq.pdbx_auth_seq_align_beg       1 
_struct_ref_seq.pdbx_auth_seq_align_end       203 
# 
_pdbx_struct_assembly.id                   1 
_pdbx_struct_assembly.details              author_and_software_defined_assembly 
_pdbx_struct_assembly.method_details       PISA,PQS 
_pdbx_struct_assembly.oligomeric_details   tetrameric 
_pdbx_struct_assembly.oligomeric_count     4 
# 
loop_
_pdbx_struct_assembly_prop.biol_id 
_pdbx_struct_assembly_prop.type 
_pdbx_struct_assembly_prop.value 
_pdbx_struct_assembly_prop.details 
1 'ABSA (A^2)' 9540  ? 
1 MORE         -53   ? 
1 'SSA (A^2)'  33420 ? 
# 
_pdbx_struct_assembly_gen.assembly_id       1 
_pdbx_struct_assembly_gen.oper_expression   1,2,3,4 
_pdbx_struct_assembly_gen.asym_id_list      A,B 
# 
loop_
_pdbx_struct_oper_list.id 
_pdbx_struct_oper_list.type 
_pdbx_struct_oper_list.name 
_pdbx_struct_oper_list.symmetry_operation 
_pdbx_struct_oper_list.matrix[1][1] 
_pdbx_struct_oper_list.matrix[1][2] 
_pdbx_struct_oper_list.matrix[1][3] 
_pdbx_struct_oper_list.vector[1] 
_pdbx_struct_oper_list.matrix[2][1] 
_pdbx_struct_oper_list.matrix[2][2] 
_pdbx_struct_oper_list.matrix[2][3] 
_pdbx_struct_oper_list.vector[2] 
_pdbx_struct_oper_list.matrix[3][1] 
_pdbx_struct_oper_list.matrix[3][2] 
_pdbx_struct_oper_list.matrix[3][3] 
_pdbx_struct_oper_list.vector[3] 
1 'identity operation'         1_555 x,y,z   1.0000000000  0.0000000000  0.0000000000  0.0000000000  0.0000000000  1.0000000000  0.0000000000 0.0000000000  0.0000000000  0.0000000000 1.0000000000 0.0000000000   
2 'crystal symmetry operation' 2_555 -x,-y,z -0.9243468912 -0.2443460330 -0.2930492123 36.8235494704 -0.2443460330 -0.2108059426 0.9464966301 23.5527370019 -0.2930492123 0.9464966301 0.1351528338 -10.1320929601 
3 'crystal symmetry operation' 3_555 -y,x,z  0.0378265544  -0.8755496932 0.4816449798  30.4661524191 0.6312036601  0.3945970287  0.6677388145 -1.1093352500 -0.7746941921 0.2787578156 0.5675764169 8.7900622235   
4 'crystal symmetry operation' 4_555 y,-x,z  0.0378265544  0.6312036601  -0.7746941921 6.3573970513  -0.8755496932 0.3945970287  0.2787578156 24.6620722519 0.4816449798  0.6677388145 0.5675764169 -18.9221551836 
# 
_struct_biol.id   1 
# 
loop_
_struct_conf.conf_type_id 
_struct_conf.id 
_struct_conf.pdbx_PDB_helix_id 
_struct_conf.beg_label_comp_id 
_struct_conf.beg_label_asym_id 
_struct_conf.beg_label_seq_id 
_struct_conf.pdbx_beg_PDB_ins_code 
_struct_conf.end_label_comp_id 
_struct_conf.end_label_asym_id 
_struct_conf.end_label_seq_id 
_struct_conf.pdbx_end_PDB_ins_code 
_struct_conf.beg_auth_comp_id 
_struct_conf.beg_auth_asym_id 
_struct_conf.beg_auth_seq_id 
_struct_conf.end_auth_comp_id 
_struct_conf.end_auth_asym_id 
_struct_conf.end_auth_seq_id 
_struct_conf.pdbx_PDB_helix_class 
_struct_conf.details 
_struct_conf.pdbx_PDB_helix_length 
HELX_P HELX_P1 1 MET A 32  ? GLU A 37  ? MET A 32  GLU A 37  1 ? 6  
HELX_P HELX_P2 2 LYS A 66  ? LYS A 77  ? LYS A 66  LYS A 77  1 ? 12 
HELX_P HELX_P3 3 PRO A 83  ? GLY A 92  ? PRO A 83  GLY A 92  1 ? 10 
HELX_P HELX_P4 4 ALA A 95  ? GLU A 103 ? ALA A 95  GLU A 103 1 ? 9  
HELX_P HELX_P5 5 VAL A 107 ? LYS A 112 ? VAL A 107 LYS A 112 1 ? 6  
HELX_P HELX_P6 6 LYS A 118 ? GLY A 134 ? LYS A 118 GLY A 134 1 ? 17 
HELX_P HELX_P7 7 ASP A 158 ? LEU A 170 ? ASP A 158 LEU A 170 1 ? 13 
HELX_P HELX_P8 8 PRO A 174 ? SER A 182 ? PRO A 174 SER A 182 1 ? 9  
HELX_P HELX_P9 9 SER A 191 ? ARG A 200 ? SER A 191 ARG A 200 1 ? 10 
# 
_struct_conf_type.id          HELX_P 
_struct_conf_type.criteria    ? 
_struct_conf_type.reference   ? 
# 
_struct_mon_prot_cis.pdbx_id                1 
_struct_mon_prot_cis.label_comp_id          PRO 
_struct_mon_prot_cis.label_seq_id           14 
_struct_mon_prot_cis.label_asym_id          A 
_struct_mon_prot_cis.label_alt_id           . 
_struct_mon_prot_cis.pdbx_PDB_ins_code      ? 
_struct_mon_prot_cis.auth_comp_id           PRO 
_struct_mon_prot_cis.auth_seq_id            14 
_struct_mon_prot_cis.auth_asym_id           A 
_struct_mon_prot_cis.pdbx_label_comp_id_2   PRO 
_struct_mon_prot_cis.pdbx_label_seq_id_2    15 
_struct_mon_prot_cis.pdbx_label_asym_id_2   A 
_struct_mon_prot_cis.pdbx_PDB_ins_code_2    ? 
_struct_mon_prot_cis.pdbx_auth_comp_id_2    PRO 
_struct_mon_prot_cis.pdbx_auth_seq_id_2     15 
_struct_mon_prot_cis.pdbx_auth_asym_id_2    A 
_struct_mon_prot_cis.pdbx_PDB_model_num     1 
_struct_mon_prot_cis.pdbx_omega_angle       2.74 
# 
_struct_sheet.id               A 
_struct_sheet.type             ? 
_struct_sheet.number_strands   5 
_struct_sheet.details          ? 
# 
loop_
_struct_sheet_order.sheet_id 
_struct_sheet_order.range_id_1 
_struct_sheet_order.range_id_2 
_struct_sheet_order.offset 
_struct_sheet_order.sense 
A 1 2 ? anti-parallel 
A 2 3 ? anti-parallel 
A 3 4 ? anti-parallel 
A 4 5 ? anti-parallel 
# 
loop_
_struct_sheet_range.sheet_id 
_struct_sheet_range.id 
_struct_sheet_range.beg_label_comp_id 
_struct_sheet_range.beg_label_asym_id 
_struct_sheet_range.beg_label_seq_id 
_struct_sheet_range.pdbx_beg_PDB_ins_code 
_struct_sheet_range.end_label_comp_id 
_struct_sheet_range.end_label_asym_id 
_struct_sheet_range.end_label_seq_id 
_struct_sheet_range.pdbx_end_PDB_ins_code 
_struct_sheet_range.beg_auth_comp_id 
_struct_sheet_range.beg_auth_asym_id 
_struct_sheet_range.beg_auth_seq_id 
_struct_sheet_range.end_auth_comp_id 
_struct_sheet_range.end_auth_asym_id 
_struct_sheet_range.end_auth_seq_id 
A 1 ALA A 57 ? PHE A 63 ? ALA A 57 PHE A 63 
A 2 GLU A 44 ? ARG A 54 ? GLU A 44 ARG A 54 
A 3 ARG A 4  ? GLN A 13 ? ARG A 4  GLN A 13 
A 4 LEU A 16 ? VAL A 21 ? LEU A 16 VAL A 21 
A 5 VAL A 24 ? HIS A 29 ? VAL A 24 HIS A 29 
# 
loop_
_pdbx_struct_sheet_hbond.sheet_id 
_pdbx_struct_sheet_hbond.range_id_1 
_pdbx_struct_sheet_hbond.range_id_2 
_pdbx_struct_sheet_hbond.range_1_label_atom_id 
_pdbx_struct_sheet_hbond.range_1_label_comp_id 
_pdbx_struct_sheet_hbond.range_1_label_asym_id 
_pdbx_struct_sheet_hbond.range_1_label_seq_id 
_pdbx_struct_sheet_hbond.range_1_PDB_ins_code 
_pdbx_struct_sheet_hbond.range_1_auth_atom_id 
_pdbx_struct_sheet_hbond.range_1_auth_comp_id 
_pdbx_struct_sheet_hbond.range_1_auth_asym_id 
_pdbx_struct_sheet_hbond.range_1_auth_seq_id 
_pdbx_struct_sheet_hbond.range_2_label_atom_id 
_pdbx_struct_sheet_hbond.range_2_label_comp_id 
_pdbx_struct_sheet_hbond.range_2_label_asym_id 
_pdbx_struct_sheet_hbond.range_2_label_seq_id 
_pdbx_struct_sheet_hbond.range_2_PDB_ins_code 
_pdbx_struct_sheet_hbond.range_2_auth_atom_id 
_pdbx_struct_sheet_hbond.range_2_auth_comp_id 
_pdbx_struct_sheet_hbond.range_2_auth_asym_id 
_pdbx_struct_sheet_hbond.range_2_auth_seq_id 
A 1 2 O ALA A 57 ? O ALA A 57 N ARG A 54 ? N ARG A 54 
A 2 3 O ALA A 45 ? O ALA A 45 N GLY A 7  ? N GLY A 7  
A 3 4 O ILE A 8  ? O ILE A 8  N GLU A 20 ? N GLU A 20 
A 4 5 O VAL A 17 ? O VAL A 17 N VAL A 28 ? N VAL A 28 
# 
loop_
_pdbx_validate_close_contact.id 
_pdbx_validate_close_contact.PDB_model_num 
_pdbx_validate_close_contact.auth_atom_id_1 
_pdbx_validate_close_contact.auth_asym_id_1 
_pdbx_validate_close_contact.auth_comp_id_1 
_pdbx_validate_close_contact.auth_seq_id_1 
_pdbx_validate_close_contact.PDB_ins_code_1 
_pdbx_validate_close_contact.label_alt_id_1 
_pdbx_validate_close_contact.auth_atom_id_2 
_pdbx_validate_close_contact.auth_asym_id_2 
_pdbx_validate_close_contact.auth_comp_id_2 
_pdbx_validate_close_contact.auth_seq_id_2 
_pdbx_validate_close_contact.PDB_ins_code_2 
_pdbx_validate_close_contact.label_alt_id_2 
_pdbx_validate_close_contact.dist 
1 1 O A SER 190 ? ? N  A THR 193 ? ? 1.79 
2 1 O A SER 178 ? ? OG A SER 182 ? ? 1.92 
3 1 O A VAL 181 ? ? O  A ILE 184 ? ? 2.04 
4 1 O A THR 78  ? ? O  A HOH 254 ? ? 2.16 
# 
_pdbx_validate_symm_contact.id                1 
_pdbx_validate_symm_contact.PDB_model_num     1 
_pdbx_validate_symm_contact.auth_atom_id_1    NH1 
_pdbx_validate_symm_contact.auth_asym_id_1    A 
_pdbx_validate_symm_contact.auth_comp_id_1    ARG 
_pdbx_validate_symm_contact.auth_seq_id_1     54 
_pdbx_validate_symm_contact.PDB_ins_code_1    ? 
_pdbx_validate_symm_contact.label_alt_id_1    ? 
_pdbx_validate_symm_contact.site_symmetry_1   1_555 
_pdbx_validate_symm_contact.auth_atom_id_2    O 
_pdbx_validate_symm_contact.auth_asym_id_2    A 
_pdbx_validate_symm_contact.auth_comp_id_2    HOH 
_pdbx_validate_symm_contact.auth_seq_id_2     233 
_pdbx_validate_symm_contact.PDB_ins_code_2    ? 
_pdbx_validate_symm_contact.label_alt_id_2    ? 
_pdbx_validate_symm_contact.site_symmetry_2   1_554 
_pdbx_validate_symm_contact.dist              2.10 
# 
loop_
_pdbx_validate_rmsd_bond.id 
_pdbx_validate_rmsd_bond.PDB_model_num 
_pdbx_validate_rmsd_bond.auth_atom_id_1 
_pdbx_validate_rmsd_bond.auth_asym_id_1 
_pdbx_validate_rmsd_bond.auth_comp_id_1 
_pdbx_validate_rmsd_bond.auth_seq_id_1 
_pdbx_validate_rmsd_bond.PDB_ins_code_1 
_pdbx_validate_rmsd_bond.label_alt_id_1 
_pdbx_validate_rmsd_bond.auth_atom_id_2 
_pdbx_validate_rmsd_bond.auth_asym_id_2 
_pdbx_validate_rmsd_bond.auth_comp_id_2 
_pdbx_validate_rmsd_bond.auth_seq_id_2 
_pdbx_validate_rmsd_bond.PDB_ins_code_2 
_pdbx_validate_rmsd_bond.label_alt_id_2 
_pdbx_validate_rmsd_bond.bond_value 
_pdbx_validate_rmsd_bond.bond_target_value 
_pdbx_validate_rmsd_bond.bond_deviation 
_pdbx_validate_rmsd_bond.bond_standard_deviation 
_pdbx_validate_rmsd_bond.linker_flag 
1 1 CD A GLU 11  ? ? OE1 A GLU 11  ? ? 1.348 1.252 0.096  0.011 N 
2 1 CD A GLU 20  ? ? OE1 A GLU 20  ? ? 1.178 1.252 -0.074 0.011 N 
3 1 CD A GLU 27  ? ? OE1 A GLU 27  ? ? 1.335 1.252 0.083  0.011 N 
4 1 CD A GLU 74  ? ? OE2 A GLU 74  ? ? 1.329 1.252 0.077  0.011 N 
5 1 C  A GLN 96  ? ? N   A GLN 97  ? ? 1.172 1.336 -0.164 0.023 Y 
6 1 CD A GLU 122 ? ? OE2 A GLU 122 ? ? 1.322 1.252 0.070  0.011 N 
7 1 CD A GLU 127 ? ? OE1 A GLU 127 ? ? 1.336 1.252 0.084  0.011 N 
8 1 C  A ALA 189 ? ? N   A SER 190 ? ? 1.111 1.336 -0.225 0.023 Y 
# 
loop_
_pdbx_validate_rmsd_angle.id 
_pdbx_validate_rmsd_angle.PDB_model_num 
_pdbx_validate_rmsd_angle.auth_atom_id_1 
_pdbx_validate_rmsd_angle.auth_asym_id_1 
_pdbx_validate_rmsd_angle.auth_comp_id_1 
_pdbx_validate_rmsd_angle.auth_seq_id_1 
_pdbx_validate_rmsd_angle.PDB_ins_code_1 
_pdbx_validate_rmsd_angle.label_alt_id_1 
_pdbx_validate_rmsd_angle.auth_atom_id_2 
_pdbx_validate_rmsd_angle.auth_asym_id_2 
_pdbx_validate_rmsd_angle.auth_comp_id_2 
_pdbx_validate_rmsd_angle.auth_seq_id_2 
_pdbx_validate_rmsd_angle.PDB_ins_code_2 
_pdbx_validate_rmsd_angle.label_alt_id_2 
_pdbx_validate_rmsd_angle.auth_atom_id_3 
_pdbx_validate_rmsd_angle.auth_asym_id_3 
_pdbx_validate_rmsd_angle.auth_comp_id_3 
_pdbx_validate_rmsd_angle.auth_seq_id_3 
_pdbx_validate_rmsd_angle.PDB_ins_code_3 
_pdbx_validate_rmsd_angle.label_alt_id_3 
_pdbx_validate_rmsd_angle.angle_value 
_pdbx_validate_rmsd_angle.angle_target_value 
_pdbx_validate_rmsd_angle.angle_deviation 
_pdbx_validate_rmsd_angle.angle_standard_deviation 
_pdbx_validate_rmsd_angle.linker_flag 
1 1 NE A ARG 54  ? ? CZ A ARG 54  ? ? NH2 A ARG 54  ? ? 123.42 120.30 3.12   0.50 N 
2 1 NE A ARG 104 ? ? CZ A ARG 104 ? ? NH1 A ARG 104 ? ? 123.53 120.30 3.23   0.50 N 
3 1 C  A GLY 115 ? ? N  A ILE 116 ? ? CA  A ILE 116 ? ? 105.67 121.70 -16.03 2.50 Y 
4 1 CG A MET 180 ? ? SD A MET 180 ? ? CE  A MET 180 ? ? 110.03 100.20 9.83   1.60 N 
5 1 CB A ARG 186 ? ? CA A ARG 186 ? ? C   A ARG 186 ? ? 128.42 110.40 18.02  2.00 N 
6 1 CA A PRO 187 ? ? C  A PRO 187 ? ? N   A ASP 188 ? ? 100.03 117.20 -17.17 2.20 Y 
7 1 O  A PRO 187 ? ? C  A PRO 187 ? ? N   A ASP 188 ? ? 137.25 122.70 14.55  1.60 Y 
8 1 CA A ASP 188 ? ? C  A ASP 188 ? ? N   A ALA 189 ? ? 103.38 117.20 -13.82 2.20 Y 
9 1 O  A ASP 188 ? ? C  A ASP 188 ? ? N   A ALA 189 ? ? 134.98 122.70 12.28  1.60 Y 
# 
loop_
_pdbx_validate_torsion.id 
_pdbx_validate_torsion.PDB_model_num 
_pdbx_validate_torsion.auth_comp_id 
_pdbx_validate_torsion.auth_asym_id 
_pdbx_validate_torsion.auth_seq_id 
_pdbx_validate_torsion.PDB_ins_code 
_pdbx_validate_torsion.label_alt_id 
_pdbx_validate_torsion.phi 
_pdbx_validate_torsion.psi 
1 1 GLU A 105 ? ? 43.03  71.18  
2 1 LYS A 112 ? ? -55.10 8.52   
3 1 ALA A 185 ? ? 171.69 162.26 
4 1 ARG A 186 ? ? 141.49 174.47 
5 1 SER A 191 ? ? -24.27 -38.18 
# 
loop_
_pdbx_validate_polymer_linkage.id 
_pdbx_validate_polymer_linkage.PDB_model_num 
_pdbx_validate_polymer_linkage.auth_atom_id_1 
_pdbx_validate_polymer_linkage.auth_asym_id_1 
_pdbx_validate_polymer_linkage.auth_comp_id_1 
_pdbx_validate_polymer_linkage.auth_seq_id_1 
_pdbx_validate_polymer_linkage.PDB_ins_code_1 
_pdbx_validate_polymer_linkage.label_alt_id_1 
_pdbx_validate_polymer_linkage.auth_atom_id_2 
_pdbx_validate_polymer_linkage.auth_asym_id_2 
_pdbx_validate_polymer_linkage.auth_comp_id_2 
_pdbx_validate_polymer_linkage.auth_seq_id_2 
_pdbx_validate_polymer_linkage.PDB_ins_code_2 
_pdbx_validate_polymer_linkage.label_alt_id_2 
_pdbx_validate_polymer_linkage.dist 
1 1 C A GLN 96  ? ? N A GLN 97  ? ? 1.17 
2 1 C A SER 182 ? ? N A LYS 183 ? ? 1.67 
3 1 C A ALA 189 ? ? N A SER 190 ? ? 1.11 
# 
loop_
_pdbx_unobs_or_zero_occ_residues.id 
_pdbx_unobs_or_zero_occ_residues.PDB_model_num 
_pdbx_unobs_or_zero_occ_residues.polymer_flag 
_pdbx_unobs_or_zero_occ_residues.occupancy_flag 
_pdbx_unobs_or_zero_occ_residues.auth_asym_id 
_pdbx_unobs_or_zero_occ_residues.auth_comp_id 
_pdbx_unobs_or_zero_occ_residues.auth_seq_id 
_pdbx_unobs_or_zero_occ_residues.PDB_ins_code 
_pdbx_unobs_or_zero_occ_residues.label_asym_id 
_pdbx_unobs_or_zero_occ_residues.label_comp_id 
_pdbx_unobs_or_zero_occ_residues.label_seq_id 
1  1 Y 1 A ALA 143 ? A ALA 143 
2  1 Y 1 A ALA 144 ? A ALA 144 
3  1 Y 1 A ASP 145 ? A ASP 145 
4  1 Y 1 A LEU 146 ? A LEU 146 
5  1 Y 1 A VAL 147 ? A VAL 147 
6  1 Y 1 A LEU 148 ? A LEU 148 
7  1 Y 1 A THR 149 ? A THR 149 
8  1 Y 1 A SER 150 ? A SER 150 
9  1 Y 1 A PRO 151 ? A PRO 151 
10 1 Y 1 A ALA 152 ? A ALA 152 
11 1 Y 1 A SER 153 ? A SER 153 
12 1 Y 1 A PRO 154 ? A PRO 154 
13 1 Y 1 A ALA 155 ? A ALA 155 
# 
loop_
_chem_comp_atom.comp_id 
_chem_comp_atom.atom_id 
_chem_comp_atom.type_symbol 
_chem_comp_atom.pdbx_aromatic_flag 
_chem_comp_atom.pdbx_stereo_config 
_chem_comp_atom.pdbx_ordinal 
ALA N    N N N 1   
ALA CA   C N S 2   
ALA C    C N N 3   
ALA O    O N N 4   
ALA CB   C N N 5   
ALA OXT  O N N 6   
ALA H    H N N 7   
ALA H2   H N N 8   
ALA HA   H N N 9   
ALA HB1  H N N 10  
ALA HB2  H N N 11  
ALA HB3  H N N 12  
ALA HXT  H N N 13  
ARG N    N N N 14  
ARG CA   C N S 15  
ARG C    C N N 16  
ARG O    O N N 17  
ARG CB   C N N 18  
ARG CG   C N N 19  
ARG CD   C N N 20  
ARG NE   N N N 21  
ARG CZ   C N N 22  
ARG NH1  N N N 23  
ARG NH2  N N N 24  
ARG OXT  O N N 25  
ARG H    H N N 26  
ARG H2   H N N 27  
ARG HA   H N N 28  
ARG HB2  H N N 29  
ARG HB3  H N N 30  
ARG HG2  H N N 31  
ARG HG3  H N N 32  
ARG HD2  H N N 33  
ARG HD3  H N N 34  
ARG HE   H N N 35  
ARG HH11 H N N 36  
ARG HH12 H N N 37  
ARG HH21 H N N 38  
ARG HH22 H N N 39  
ARG HXT  H N N 40  
ASN N    N N N 41  
ASN CA   C N S 42  
ASN C    C N N 43  
ASN O    O N N 44  
ASN CB   C N N 45  
ASN CG   C N N 46  
ASN OD1  O N N 47  
ASN ND2  N N N 48  
ASN OXT  O N N 49  
ASN H    H N N 50  
ASN H2   H N N 51  
ASN HA   H N N 52  
ASN HB2  H N N 53  
ASN HB3  H N N 54  
ASN HD21 H N N 55  
ASN HD22 H N N 56  
ASN HXT  H N N 57  
ASP N    N N N 58  
ASP CA   C N S 59  
ASP C    C N N 60  
ASP O    O N N 61  
ASP CB   C N N 62  
ASP CG   C N N 63  
ASP OD1  O N N 64  
ASP OD2  O N N 65  
ASP OXT  O N N 66  
ASP H    H N N 67  
ASP H2   H N N 68  
ASP HA   H N N 69  
ASP HB2  H N N 70  
ASP HB3  H N N 71  
ASP HD2  H N N 72  
ASP HXT  H N N 73  
CYS N    N N N 74  
CYS CA   C N R 75  
CYS C    C N N 76  
CYS O    O N N 77  
CYS CB   C N N 78  
CYS SG   S N N 79  
CYS OXT  O N N 80  
CYS H    H N N 81  
CYS H2   H N N 82  
CYS HA   H N N 83  
CYS HB2  H N N 84  
CYS HB3  H N N 85  
CYS HG   H N N 86  
CYS HXT  H N N 87  
GLN N    N N N 88  
GLN CA   C N S 89  
GLN C    C N N 90  
GLN O    O N N 91  
GLN CB   C N N 92  
GLN CG   C N N 93  
GLN CD   C N N 94  
GLN OE1  O N N 95  
GLN NE2  N N N 96  
GLN OXT  O N N 97  
GLN H    H N N 98  
GLN H2   H N N 99  
GLN HA   H N N 100 
GLN HB2  H N N 101 
GLN HB3  H N N 102 
GLN HG2  H N N 103 
GLN HG3  H N N 104 
GLN HE21 H N N 105 
GLN HE22 H N N 106 
GLN HXT  H N N 107 
GLU N    N N N 108 
GLU CA   C N S 109 
GLU C    C N N 110 
GLU O    O N N 111 
GLU CB   C N N 112 
GLU CG   C N N 113 
GLU CD   C N N 114 
GLU OE1  O N N 115 
GLU OE2  O N N 116 
GLU OXT  O N N 117 
GLU H    H N N 118 
GLU H2   H N N 119 
GLU HA   H N N 120 
GLU HB2  H N N 121 
GLU HB3  H N N 122 
GLU HG2  H N N 123 
GLU HG3  H N N 124 
GLU HE2  H N N 125 
GLU HXT  H N N 126 
GLY N    N N N 127 
GLY CA   C N N 128 
GLY C    C N N 129 
GLY O    O N N 130 
GLY OXT  O N N 131 
GLY H    H N N 132 
GLY H2   H N N 133 
GLY HA2  H N N 134 
GLY HA3  H N N 135 
GLY HXT  H N N 136 
HIS N    N N N 137 
HIS CA   C N S 138 
HIS C    C N N 139 
HIS O    O N N 140 
HIS CB   C N N 141 
HIS CG   C Y N 142 
HIS ND1  N Y N 143 
HIS CD2  C Y N 144 
HIS CE1  C Y N 145 
HIS NE2  N Y N 146 
HIS OXT  O N N 147 
HIS H    H N N 148 
HIS H2   H N N 149 
HIS HA   H N N 150 
HIS HB2  H N N 151 
HIS HB3  H N N 152 
HIS HD1  H N N 153 
HIS HD2  H N N 154 
HIS HE1  H N N 155 
HIS HE2  H N N 156 
HIS HXT  H N N 157 
HOH O    O N N 158 
HOH H1   H N N 159 
HOH H2   H N N 160 
ILE N    N N N 161 
ILE CA   C N S 162 
ILE C    C N N 163 
ILE O    O N N 164 
ILE CB   C N S 165 
ILE CG1  C N N 166 
ILE CG2  C N N 167 
ILE CD1  C N N 168 
ILE OXT  O N N 169 
ILE H    H N N 170 
ILE H2   H N N 171 
ILE HA   H N N 172 
ILE HB   H N N 173 
ILE HG12 H N N 174 
ILE HG13 H N N 175 
ILE HG21 H N N 176 
ILE HG22 H N N 177 
ILE HG23 H N N 178 
ILE HD11 H N N 179 
ILE HD12 H N N 180 
ILE HD13 H N N 181 
ILE HXT  H N N 182 
LEU N    N N N 183 
LEU CA   C N S 184 
LEU C    C N N 185 
LEU O    O N N 186 
LEU CB   C N N 187 
LEU CG   C N N 188 
LEU CD1  C N N 189 
LEU CD2  C N N 190 
LEU OXT  O N N 191 
LEU H    H N N 192 
LEU H2   H N N 193 
LEU HA   H N N 194 
LEU HB2  H N N 195 
LEU HB3  H N N 196 
LEU HG   H N N 197 
LEU HD11 H N N 198 
LEU HD12 H N N 199 
LEU HD13 H N N 200 
LEU HD21 H N N 201 
LEU HD22 H N N 202 
LEU HD23 H N N 203 
LEU HXT  H N N 204 
LYS N    N N N 205 
LYS CA   C N S 206 
LYS C    C N N 207 
LYS O    O N N 208 
LYS CB   C N N 209 
LYS CG   C N N 210 
LYS CD   C N N 211 
LYS CE   C N N 212 
LYS NZ   N N N 213 
LYS OXT  O N N 214 
LYS H    H N N 215 
LYS H2   H N N 216 
LYS HA   H N N 217 
LYS HB2  H N N 218 
LYS HB3  H N N 219 
LYS HG2  H N N 220 
LYS HG3  H N N 221 
LYS HD2  H N N 222 
LYS HD3  H N N 223 
LYS HE2  H N N 224 
LYS HE3  H N N 225 
LYS HZ1  H N N 226 
LYS HZ2  H N N 227 
LYS HZ3  H N N 228 
LYS HXT  H N N 229 
MET N    N N N 230 
MET CA   C N S 231 
MET C    C N N 232 
MET O    O N N 233 
MET CB   C N N 234 
MET CG   C N N 235 
MET SD   S N N 236 
MET CE   C N N 237 
MET OXT  O N N 238 
MET H    H N N 239 
MET H2   H N N 240 
MET HA   H N N 241 
MET HB2  H N N 242 
MET HB3  H N N 243 
MET HG2  H N N 244 
MET HG3  H N N 245 
MET HE1  H N N 246 
MET HE2  H N N 247 
MET HE3  H N N 248 
MET HXT  H N N 249 
PHE N    N N N 250 
PHE CA   C N S 251 
PHE C    C N N 252 
PHE O    O N N 253 
PHE CB   C N N 254 
PHE CG   C Y N 255 
PHE CD1  C Y N 256 
PHE CD2  C Y N 257 
PHE CE1  C Y N 258 
PHE CE2  C Y N 259 
PHE CZ   C Y N 260 
PHE OXT  O N N 261 
PHE H    H N N 262 
PHE H2   H N N 263 
PHE HA   H N N 264 
PHE HB2  H N N 265 
PHE HB3  H N N 266 
PHE HD1  H N N 267 
PHE HD2  H N N 268 
PHE HE1  H N N 269 
PHE HE2  H N N 270 
PHE HZ   H N N 271 
PHE HXT  H N N 272 
PRO N    N N N 273 
PRO CA   C N S 274 
PRO C    C N N 275 
PRO O    O N N 276 
PRO CB   C N N 277 
PRO CG   C N N 278 
PRO CD   C N N 279 
PRO OXT  O N N 280 
PRO H    H N N 281 
PRO HA   H N N 282 
PRO HB2  H N N 283 
PRO HB3  H N N 284 
PRO HG2  H N N 285 
PRO HG3  H N N 286 
PRO HD2  H N N 287 
PRO HD3  H N N 288 
PRO HXT  H N N 289 
SER N    N N N 290 
SER CA   C N S 291 
SER C    C N N 292 
SER O    O N N 293 
SER CB   C N N 294 
SER OG   O N N 295 
SER OXT  O N N 296 
SER H    H N N 297 
SER H2   H N N 298 
SER HA   H N N 299 
SER HB2  H N N 300 
SER HB3  H N N 301 
SER HG   H N N 302 
SER HXT  H N N 303 
THR N    N N N 304 
THR CA   C N S 305 
THR C    C N N 306 
THR O    O N N 307 
THR CB   C N R 308 
THR OG1  O N N 309 
THR CG2  C N N 310 
THR OXT  O N N 311 
THR H    H N N 312 
THR H2   H N N 313 
THR HA   H N N 314 
THR HB   H N N 315 
THR HG1  H N N 316 
THR HG21 H N N 317 
THR HG22 H N N 318 
THR HG23 H N N 319 
THR HXT  H N N 320 
TYR N    N N N 321 
TYR CA   C N S 322 
TYR C    C N N 323 
TYR O    O N N 324 
TYR CB   C N N 325 
TYR CG   C Y N 326 
TYR CD1  C Y N 327 
TYR CD2  C Y N 328 
TYR CE1  C Y N 329 
TYR CE2  C Y N 330 
TYR CZ   C Y N 331 
TYR OH   O N N 332 
TYR OXT  O N N 333 
TYR H    H N N 334 
TYR H2   H N N 335 
TYR HA   H N N 336 
TYR HB2  H N N 337 
TYR HB3  H N N 338 
TYR HD1  H N N 339 
TYR HD2  H N N 340 
TYR HE1  H N N 341 
TYR HE2  H N N 342 
TYR HH   H N N 343 
TYR HXT  H N N 344 
VAL N    N N N 345 
VAL CA   C N S 346 
VAL C    C N N 347 
VAL O    O N N 348 
VAL CB   C N N 349 
VAL CG1  C N N 350 
VAL CG2  C N N 351 
VAL OXT  O N N 352 
VAL H    H N N 353 
VAL H2   H N N 354 
VAL HA   H N N 355 
VAL HB   H N N 356 
VAL HG11 H N N 357 
VAL HG12 H N N 358 
VAL HG13 H N N 359 
VAL HG21 H N N 360 
VAL HG22 H N N 361 
VAL HG23 H N N 362 
VAL HXT  H N N 363 
# 
loop_
_chem_comp_bond.comp_id 
_chem_comp_bond.atom_id_1 
_chem_comp_bond.atom_id_2 
_chem_comp_bond.value_order 
_chem_comp_bond.pdbx_aromatic_flag 
_chem_comp_bond.pdbx_stereo_config 
_chem_comp_bond.pdbx_ordinal 
ALA N   CA   sing N N 1   
ALA N   H    sing N N 2   
ALA N   H2   sing N N 3   
ALA CA  C    sing N N 4   
ALA CA  CB   sing N N 5   
ALA CA  HA   sing N N 6   
ALA C   O    doub N N 7   
ALA C   OXT  sing N N 8   
ALA CB  HB1  sing N N 9   
ALA CB  HB2  sing N N 10  
ALA CB  HB3  sing N N 11  
ALA OXT HXT  sing N N 12  
ARG N   CA   sing N N 13  
ARG N   H    sing N N 14  
ARG N   H2   sing N N 15  
ARG CA  C    sing N N 16  
ARG CA  CB   sing N N 17  
ARG CA  HA   sing N N 18  
ARG C   O    doub N N 19  
ARG C   OXT  sing N N 20  
ARG CB  CG   sing N N 21  
ARG CB  HB2  sing N N 22  
ARG CB  HB3  sing N N 23  
ARG CG  CD   sing N N 24  
ARG CG  HG2  sing N N 25  
ARG CG  HG3  sing N N 26  
ARG CD  NE   sing N N 27  
ARG CD  HD2  sing N N 28  
ARG CD  HD3  sing N N 29  
ARG NE  CZ   sing N N 30  
ARG NE  HE   sing N N 31  
ARG CZ  NH1  sing N N 32  
ARG CZ  NH2  doub N N 33  
ARG NH1 HH11 sing N N 34  
ARG NH1 HH12 sing N N 35  
ARG NH2 HH21 sing N N 36  
ARG NH2 HH22 sing N N 37  
ARG OXT HXT  sing N N 38  
ASN N   CA   sing N N 39  
ASN N   H    sing N N 40  
ASN N   H2   sing N N 41  
ASN CA  C    sing N N 42  
ASN CA  CB   sing N N 43  
ASN CA  HA   sing N N 44  
ASN C   O    doub N N 45  
ASN C   OXT  sing N N 46  
ASN CB  CG   sing N N 47  
ASN CB  HB2  sing N N 48  
ASN CB  HB3  sing N N 49  
ASN CG  OD1  doub N N 50  
ASN CG  ND2  sing N N 51  
ASN ND2 HD21 sing N N 52  
ASN ND2 HD22 sing N N 53  
ASN OXT HXT  sing N N 54  
ASP N   CA   sing N N 55  
ASP N   H    sing N N 56  
ASP N   H2   sing N N 57  
ASP CA  C    sing N N 58  
ASP CA  CB   sing N N 59  
ASP CA  HA   sing N N 60  
ASP C   O    doub N N 61  
ASP C   OXT  sing N N 62  
ASP CB  CG   sing N N 63  
ASP CB  HB2  sing N N 64  
ASP CB  HB3  sing N N 65  
ASP CG  OD1  doub N N 66  
ASP CG  OD2  sing N N 67  
ASP OD2 HD2  sing N N 68  
ASP OXT HXT  sing N N 69  
CYS N   CA   sing N N 70  
CYS N   H    sing N N 71  
CYS N   H2   sing N N 72  
CYS CA  C    sing N N 73  
CYS CA  CB   sing N N 74  
CYS CA  HA   sing N N 75  
CYS C   O    doub N N 76  
CYS C   OXT  sing N N 77  
CYS CB  SG   sing N N 78  
CYS CB  HB2  sing N N 79  
CYS CB  HB3  sing N N 80  
CYS SG  HG   sing N N 81  
CYS OXT HXT  sing N N 82  
GLN N   CA   sing N N 83  
GLN N   H    sing N N 84  
GLN N   H2   sing N N 85  
GLN CA  C    sing N N 86  
GLN CA  CB   sing N N 87  
GLN CA  HA   sing N N 88  
GLN C   O    doub N N 89  
GLN C   OXT  sing N N 90  
GLN CB  CG   sing N N 91  
GLN CB  HB2  sing N N 92  
GLN CB  HB3  sing N N 93  
GLN CG  CD   sing N N 94  
GLN CG  HG2  sing N N 95  
GLN CG  HG3  sing N N 96  
GLN CD  OE1  doub N N 97  
GLN CD  NE2  sing N N 98  
GLN NE2 HE21 sing N N 99  
GLN NE2 HE22 sing N N 100 
GLN OXT HXT  sing N N 101 
GLU N   CA   sing N N 102 
GLU N   H    sing N N 103 
GLU N   H2   sing N N 104 
GLU CA  C    sing N N 105 
GLU CA  CB   sing N N 106 
GLU CA  HA   sing N N 107 
GLU C   O    doub N N 108 
GLU C   OXT  sing N N 109 
GLU CB  CG   sing N N 110 
GLU CB  HB2  sing N N 111 
GLU CB  HB3  sing N N 112 
GLU CG  CD   sing N N 113 
GLU CG  HG2  sing N N 114 
GLU CG  HG3  sing N N 115 
GLU CD  OE1  doub N N 116 
GLU CD  OE2  sing N N 117 
GLU OE2 HE2  sing N N 118 
GLU OXT HXT  sing N N 119 
GLY N   CA   sing N N 120 
GLY N   H    sing N N 121 
GLY N   H2   sing N N 122 
GLY CA  C    sing N N 123 
GLY CA  HA2  sing N N 124 
GLY CA  HA3  sing N N 125 
GLY C   O    doub N N 126 
GLY C   OXT  sing N N 127 
GLY OXT HXT  sing N N 128 
HIS N   CA   sing N N 129 
HIS N   H    sing N N 130 
HIS N   H2   sing N N 131 
HIS CA  C    sing N N 132 
HIS CA  CB   sing N N 133 
HIS CA  HA   sing N N 134 
HIS C   O    doub N N 135 
HIS C   OXT  sing N N 136 
HIS CB  CG   sing N N 137 
HIS CB  HB2  sing N N 138 
HIS CB  HB3  sing N N 139 
HIS CG  ND1  sing Y N 140 
HIS CG  CD2  doub Y N 141 
HIS ND1 CE1  doub Y N 142 
HIS ND1 HD1  sing N N 143 
HIS CD2 NE2  sing Y N 144 
HIS CD2 HD2  sing N N 145 
HIS CE1 NE2  sing Y N 146 
HIS CE1 HE1  sing N N 147 
HIS NE2 HE2  sing N N 148 
HIS OXT HXT  sing N N 149 
HOH O   H1   sing N N 150 
HOH O   H2   sing N N 151 
ILE N   CA   sing N N 152 
ILE N   H    sing N N 153 
ILE N   H2   sing N N 154 
ILE CA  C    sing N N 155 
ILE CA  CB   sing N N 156 
ILE CA  HA   sing N N 157 
ILE C   O    doub N N 158 
ILE C   OXT  sing N N 159 
ILE CB  CG1  sing N N 160 
ILE CB  CG2  sing N N 161 
ILE CB  HB   sing N N 162 
ILE CG1 CD1  sing N N 163 
ILE CG1 HG12 sing N N 164 
ILE CG1 HG13 sing N N 165 
ILE CG2 HG21 sing N N 166 
ILE CG2 HG22 sing N N 167 
ILE CG2 HG23 sing N N 168 
ILE CD1 HD11 sing N N 169 
ILE CD1 HD12 sing N N 170 
ILE CD1 HD13 sing N N 171 
ILE OXT HXT  sing N N 172 
LEU N   CA   sing N N 173 
LEU N   H    sing N N 174 
LEU N   H2   sing N N 175 
LEU CA  C    sing N N 176 
LEU CA  CB   sing N N 177 
LEU CA  HA   sing N N 178 
LEU C   O    doub N N 179 
LEU C   OXT  sing N N 180 
LEU CB  CG   sing N N 181 
LEU CB  HB2  sing N N 182 
LEU CB  HB3  sing N N 183 
LEU CG  CD1  sing N N 184 
LEU CG  CD2  sing N N 185 
LEU CG  HG   sing N N 186 
LEU CD1 HD11 sing N N 187 
LEU CD1 HD12 sing N N 188 
LEU CD1 HD13 sing N N 189 
LEU CD2 HD21 sing N N 190 
LEU CD2 HD22 sing N N 191 
LEU CD2 HD23 sing N N 192 
LEU OXT HXT  sing N N 193 
LYS N   CA   sing N N 194 
LYS N   H    sing N N 195 
LYS N   H2   sing N N 196 
LYS CA  C    sing N N 197 
LYS CA  CB   sing N N 198 
LYS CA  HA   sing N N 199 
LYS C   O    doub N N 200 
LYS C   OXT  sing N N 201 
LYS CB  CG   sing N N 202 
LYS CB  HB2  sing N N 203 
LYS CB  HB3  sing N N 204 
LYS CG  CD   sing N N 205 
LYS CG  HG2  sing N N 206 
LYS CG  HG3  sing N N 207 
LYS CD  CE   sing N N 208 
LYS CD  HD2  sing N N 209 
LYS CD  HD3  sing N N 210 
LYS CE  NZ   sing N N 211 
LYS CE  HE2  sing N N 212 
LYS CE  HE3  sing N N 213 
LYS NZ  HZ1  sing N N 214 
LYS NZ  HZ2  sing N N 215 
LYS NZ  HZ3  sing N N 216 
LYS OXT HXT  sing N N 217 
MET N   CA   sing N N 218 
MET N   H    sing N N 219 
MET N   H2   sing N N 220 
MET CA  C    sing N N 221 
MET CA  CB   sing N N 222 
MET CA  HA   sing N N 223 
MET C   O    doub N N 224 
MET C   OXT  sing N N 225 
MET CB  CG   sing N N 226 
MET CB  HB2  sing N N 227 
MET CB  HB3  sing N N 228 
MET CG  SD   sing N N 229 
MET CG  HG2  sing N N 230 
MET CG  HG3  sing N N 231 
MET SD  CE   sing N N 232 
MET CE  HE1  sing N N 233 
MET CE  HE2  sing N N 234 
MET CE  HE3  sing N N 235 
MET OXT HXT  sing N N 236 
PHE N   CA   sing N N 237 
PHE N   H    sing N N 238 
PHE N   H2   sing N N 239 
PHE CA  C    sing N N 240 
PHE CA  CB   sing N N 241 
PHE CA  HA   sing N N 242 
PHE C   O    doub N N 243 
PHE C   OXT  sing N N 244 
PHE CB  CG   sing N N 245 
PHE CB  HB2  sing N N 246 
PHE CB  HB3  sing N N 247 
PHE CG  CD1  doub Y N 248 
PHE CG  CD2  sing Y N 249 
PHE CD1 CE1  sing Y N 250 
PHE CD1 HD1  sing N N 251 
PHE CD2 CE2  doub Y N 252 
PHE CD2 HD2  sing N N 253 
PHE CE1 CZ   doub Y N 254 
PHE CE1 HE1  sing N N 255 
PHE CE2 CZ   sing Y N 256 
PHE CE2 HE2  sing N N 257 
PHE CZ  HZ   sing N N 258 
PHE OXT HXT  sing N N 259 
PRO N   CA   sing N N 260 
PRO N   CD   sing N N 261 
PRO N   H    sing N N 262 
PRO CA  C    sing N N 263 
PRO CA  CB   sing N N 264 
PRO CA  HA   sing N N 265 
PRO C   O    doub N N 266 
PRO C   OXT  sing N N 267 
PRO CB  CG   sing N N 268 
PRO CB  HB2  sing N N 269 
PRO CB  HB3  sing N N 270 
PRO CG  CD   sing N N 271 
PRO CG  HG2  sing N N 272 
PRO CG  HG3  sing N N 273 
PRO CD  HD2  sing N N 274 
PRO CD  HD3  sing N N 275 
PRO OXT HXT  sing N N 276 
SER N   CA   sing N N 277 
SER N   H    sing N N 278 
SER N   H2   sing N N 279 
SER CA  C    sing N N 280 
SER CA  CB   sing N N 281 
SER CA  HA   sing N N 282 
SER C   O    doub N N 283 
SER C   OXT  sing N N 284 
SER CB  OG   sing N N 285 
SER CB  HB2  sing N N 286 
SER CB  HB3  sing N N 287 
SER OG  HG   sing N N 288 
SER OXT HXT  sing N N 289 
THR N   CA   sing N N 290 
THR N   H    sing N N 291 
THR N   H2   sing N N 292 
THR CA  C    sing N N 293 
THR CA  CB   sing N N 294 
THR CA  HA   sing N N 295 
THR C   O    doub N N 296 
THR C   OXT  sing N N 297 
THR CB  OG1  sing N N 298 
THR CB  CG2  sing N N 299 
THR CB  HB   sing N N 300 
THR OG1 HG1  sing N N 301 
THR CG2 HG21 sing N N 302 
THR CG2 HG22 sing N N 303 
THR CG2 HG23 sing N N 304 
THR OXT HXT  sing N N 305 
TYR N   CA   sing N N 306 
TYR N   H    sing N N 307 
TYR N   H2   sing N N 308 
TYR CA  C    sing N N 309 
TYR CA  CB   sing N N 310 
TYR CA  HA   sing N N 311 
TYR C   O    doub N N 312 
TYR C   OXT  sing N N 313 
TYR CB  CG   sing N N 314 
TYR CB  HB2  sing N N 315 
TYR CB  HB3  sing N N 316 
TYR CG  CD1  doub Y N 317 
TYR CG  CD2  sing Y N 318 
TYR CD1 CE1  sing Y N 319 
TYR CD1 HD1  sing N N 320 
TYR CD2 CE2  doub Y N 321 
TYR CD2 HD2  sing N N 322 
TYR CE1 CZ   doub Y N 323 
TYR CE1 HE1  sing N N 324 
TYR CE2 CZ   sing Y N 325 
TYR CE2 HE2  sing N N 326 
TYR CZ  OH   sing N N 327 
TYR OH  HH   sing N N 328 
TYR OXT HXT  sing N N 329 
VAL N   CA   sing N N 330 
VAL N   H    sing N N 331 
VAL N   H2   sing N N 332 
VAL CA  C    sing N N 333 
VAL CA  CB   sing N N 334 
VAL CA  HA   sing N N 335 
VAL C   O    doub N N 336 
VAL C   OXT  sing N N 337 
VAL CB  CG1  sing N N 338 
VAL CB  CG2  sing N N 339 
VAL CB  HB   sing N N 340 
VAL CG1 HG11 sing N N 341 
VAL CG1 HG12 sing N N 342 
VAL CG1 HG13 sing N N 343 
VAL CG2 HG21 sing N N 344 
VAL CG2 HG22 sing N N 345 
VAL CG2 HG23 sing N N 346 
VAL OXT HXT  sing N N 347 
# 
_atom_sites.entry_id                    1CUK 
_atom_sites.fract_transf_matrix[1][1]   0.01043905 
_atom_sites.fract_transf_matrix[1][2]   0.00549513 
_atom_sites.fract_transf_matrix[1][3]   -0.00188694 
_atom_sites.fract_transf_matrix[2][1]   -0.00532523 
_atom_sites.fract_transf_matrix[2][2]   0.00749754 
_atom_sites.fract_transf_matrix[2][3]   -0.00762624 
_atom_sites.fract_transf_matrix[3][1]   -0.00587575 
_atom_sites.fract_transf_matrix[3][2]   0.01897763 
_atom_sites.fract_transf_matrix[3][3]   0.02276026 
_atom_sites.fract_transf_vector[1]      -0.266473 
_atom_sites.fract_transf_vector[2]      -0.028882 
_atom_sites.fract_transf_vector[3]      -0.641600 
# 
loop_
_atom_type.symbol 
C 
N 
O 
S 
# 
loop_
_atom_site.group_PDB 
_atom_site.id 
_atom_site.type_symbol 
_atom_site.label_atom_id 
_atom_site.label_alt_id 
_atom_site.label_comp_id 
_atom_site.label_asym_id 
_atom_site.label_entity_id 
_atom_site.label_seq_id 
_atom_site.pdbx_PDB_ins_code 
_atom_site.Cartn_x 
_atom_site.Cartn_y 
_atom_site.Cartn_z 
_atom_site.occupancy 
_atom_site.B_iso_or_equiv 
_atom_site.pdbx_formal_charge 
_atom_site.auth_seq_id 
_atom_site.auth_comp_id 
_atom_site.auth_asym_id 
_atom_site.auth_atom_id 
_atom_site.pdbx_PDB_model_num 
ATOM   1    N N   . MET A 1 1   ? 13.456  6.000   -0.238  1.00 21.82  ? 1   MET A N   1 
ATOM   2    C CA  . MET A 1 1   ? 14.036  6.555   0.966   1.00 18.39  ? 1   MET A CA  1 
ATOM   3    C C   . MET A 1 1   ? 12.966  7.382   1.757   1.00 20.00  ? 1   MET A C   1 
ATOM   4    O O   . MET A 1 1   ? 12.847  7.274   2.966   1.00 18.10  ? 1   MET A O   1 
ATOM   5    C CB  . MET A 1 1   ? 15.139  7.451   0.499   1.00 19.97  ? 1   MET A CB  1 
ATOM   6    C CG  . MET A 1 1   ? 16.312  7.457   1.369   1.00 29.38  ? 1   MET A CG  1 
ATOM   7    S SD  . MET A 1 1   ? 17.477  8.673   0.746   1.00 33.40  ? 1   MET A SD  1 
ATOM   8    C CE  . MET A 1 1   ? 16.674  8.972   -0.834  1.00 39.23  ? 1   MET A CE  1 
ATOM   9    N N   . ILE A 1 2   ? 12.192  8.212   1.019   1.00 15.54  ? 2   ILE A N   1 
ATOM   10   C CA  . ILE A 1 2   ? 11.112  9.068   1.605   1.00 15.11  ? 2   ILE A CA  1 
ATOM   11   C C   . ILE A 1 2   ? 9.782   8.320   1.750   1.00 20.46  ? 2   ILE A C   1 
ATOM   12   O O   . ILE A 1 2   ? 9.157   7.965   0.768   1.00 22.33  ? 2   ILE A O   1 
ATOM   13   C CB  . ILE A 1 2   ? 10.937  10.406  0.838   1.00 17.01  ? 2   ILE A CB  1 
ATOM   14   C CG1 . ILE A 1 2   ? 12.267  11.157  0.831   1.00 19.45  ? 2   ILE A CG1 1 
ATOM   15   C CG2 . ILE A 1 2   ? 9.864   11.313  1.501   1.00 15.97  ? 2   ILE A CG2 1 
ATOM   16   C CD1 . ILE A 1 2   ? 12.288  12.297  -0.164  1.00 29.60  ? 2   ILE A CD1 1 
ATOM   17   N N   . GLY A 1 3   ? 9.345   8.102   2.995   1.00 15.21  ? 3   GLY A N   1 
ATOM   18   C CA  . GLY A 1 3   ? 8.101   7.420   3.279   1.00 9.94   ? 3   GLY A CA  1 
ATOM   19   C C   . GLY A 1 3   ? 6.979   8.375   3.758   1.00 14.78  ? 3   GLY A C   1 
ATOM   20   O O   . GLY A 1 3   ? 5.815   8.021   3.757   1.00 13.69  ? 3   GLY A O   1 
ATOM   21   N N   . ARG A 1 4   ? 7.303   9.604   4.169   1.00 13.59  ? 4   ARG A N   1 
ATOM   22   C CA  . ARG A 1 4   ? 6.254   10.493  4.618   1.00 11.58  ? 4   ARG A CA  1 
ATOM   23   C C   . ARG A 1 4   ? 6.642   11.944  4.517   1.00 20.04  ? 4   ARG A C   1 
ATOM   24   O O   . ARG A 1 4   ? 7.775   12.288  4.664   1.00 16.87  ? 4   ARG A O   1 
ATOM   25   C CB  . ARG A 1 4   ? 5.882   10.224  6.087   1.00 14.14  ? 4   ARG A CB  1 
ATOM   26   C CG  . ARG A 1 4   ? 4.477   10.760  6.450   1.00 17.24  ? 4   ARG A CG  1 
ATOM   27   C CD  . ARG A 1 4   ? 4.183   10.602  7.931   1.00 14.62  ? 4   ARG A CD  1 
ATOM   28   N NE  . ARG A 1 4   ? 4.806   11.683  8.664   1.00 24.87  ? 4   ARG A NE  1 
ATOM   29   C CZ  . ARG A 1 4   ? 4.498   12.112  9.899   1.00 32.07  ? 4   ARG A CZ  1 
ATOM   30   N NH1 . ARG A 1 4   ? 3.546   11.563  10.628  1.00 19.48  ? 4   ARG A NH1 1 
ATOM   31   N NH2 . ARG A 1 4   ? 5.178   13.141  10.405  1.00 19.56  ? 4   ARG A NH2 1 
ATOM   32   N N   . LEU A 1 5   ? 5.659   12.804  4.245   1.00 15.72  ? 5   LEU A N   1 
ATOM   33   C CA  . LEU A 1 5   ? 5.934   14.222  4.156   1.00 17.36  ? 5   LEU A CA  1 
ATOM   34   C C   . LEU A 1 5   ? 4.925   14.953  5.061   1.00 15.20  ? 5   LEU A C   1 
ATOM   35   O O   . LEU A 1 5   ? 3.768   14.587  5.100   1.00 17.00  ? 5   LEU A O   1 
ATOM   36   C CB  . LEU A 1 5   ? 5.772   14.788  2.689   1.00 17.97  ? 5   LEU A CB  1 
ATOM   37   C CG  . LEU A 1 5   ? 7.021   15.133  1.834   1.00 23.43  ? 5   LEU A CG  1 
ATOM   38   C CD1 . LEU A 1 5   ? 8.370   14.614  2.316   1.00 19.00  ? 5   LEU A CD1 1 
ATOM   39   C CD2 . LEU A 1 5   ? 6.786   14.897  0.346   1.00 19.63  ? 5   LEU A CD2 1 
ATOM   40   N N   . ARG A 1 6   ? 5.421   15.988  5.740   1.00 17.27  ? 6   ARG A N   1 
ATOM   41   C CA  . ARG A 1 6   ? 4.624   16.832  6.633   1.00 15.90  ? 6   ARG A CA  1 
ATOM   42   C C   . ARG A 1 6   ? 4.912   18.257  6.265   1.00 16.22  ? 6   ARG A C   1 
ATOM   43   O O   . ARG A 1 6   ? 6.006   18.680  6.423   1.00 17.73  ? 6   ARG A O   1 
ATOM   44   C CB  . ARG A 1 6   ? 4.971   16.589  8.085   1.00 12.41  ? 6   ARG A CB  1 
ATOM   45   C CG  . ARG A 1 6   ? 4.043   17.438  8.931   1.00 21.06  ? 6   ARG A CG  1 
ATOM   46   C CD  . ARG A 1 6   ? 4.100   17.138  10.423  1.00 32.37  ? 6   ARG A CD  1 
ATOM   47   N NE  . ARG A 1 6   ? 5.454   17.157  10.923  1.00 39.66  ? 6   ARG A NE  1 
ATOM   48   C CZ  . ARG A 1 6   ? 6.143   18.239  11.252  1.00 73.76  ? 6   ARG A CZ  1 
ATOM   49   N NH1 . ARG A 1 6   ? 5.616   19.475  11.165  1.00 60.29  ? 6   ARG A NH1 1 
ATOM   50   N NH2 . ARG A 1 6   ? 7.407   18.114  11.701  1.00 45.42  ? 6   ARG A NH2 1 
ATOM   51   N N   . GLY A 1 7   ? 3.966   18.989  5.697   1.00 12.77  ? 7   GLY A N   1 
ATOM   52   C CA  . GLY A 1 7   ? 4.256   20.363  5.310   1.00 12.21  ? 7   GLY A CA  1 
ATOM   53   C C   . GLY A 1 7   ? 3.018   21.123  4.889   1.00 13.78  ? 7   GLY A C   1 
ATOM   54   O O   . GLY A 1 7   ? 1.900   20.669  5.061   1.00 21.02  ? 7   GLY A O   1 
ATOM   55   N N   . ILE A 1 8   ? 3.190   22.291  4.303   1.00 14.97  ? 8   ILE A N   1 
ATOM   56   C CA  . ILE A 1 8   ? 2.060   23.109  3.885   1.00 16.34  ? 8   ILE A CA  1 
ATOM   57   C C   . ILE A 1 8   ? 1.654   22.947  2.382   1.00 18.87  ? 8   ILE A C   1 
ATOM   58   O O   . ILE A 1 8   ? 2.513   23.035  1.507   1.00 19.06  ? 8   ILE A O   1 
ATOM   59   C CB  . ILE A 1 8   ? 2.417   24.574  4.147   1.00 20.02  ? 8   ILE A CB  1 
ATOM   60   C CG1 . ILE A 1 8   ? 2.764   24.736  5.615   1.00 23.86  ? 8   ILE A CG1 1 
ATOM   61   C CG2 . ILE A 1 8   ? 1.230   25.468  3.788   1.00 20.65  ? 8   ILE A CG2 1 
ATOM   62   C CD1 . ILE A 1 8   ? 1.581   24.374  6.521   1.00 28.72  ? 8   ILE A CD1 1 
ATOM   63   N N   . ILE A 1 9   ? 0.352   22.749  2.110   1.00 15.65  ? 9   ILE A N   1 
ATOM   64   C CA  . ILE A 1 9   ? -0.148  22.631  0.748   1.00 18.53  ? 9   ILE A CA  1 
ATOM   65   C C   . ILE A 1 9   ? -0.033  23.999  0.102   1.00 26.15  ? 9   ILE A C   1 
ATOM   66   O O   . ILE A 1 9   ? -0.679  24.938  0.542   1.00 24.86  ? 9   ILE A O   1 
ATOM   67   C CB  . ILE A 1 9   ? -1.637  22.158  0.675   1.00 22.37  ? 9   ILE A CB  1 
ATOM   68   C CG1 . ILE A 1 9   ? -1.865  20.796  1.305   1.00 22.50  ? 9   ILE A CG1 1 
ATOM   69   C CG2 . ILE A 1 9   ? -2.126  22.097  -0.782  1.00 21.33  ? 9   ILE A CG2 1 
ATOM   70   C CD1 . ILE A 1 9   ? -1.052  19.704  0.633   1.00 52.26  ? 9   ILE A CD1 1 
ATOM   71   N N   . ILE A 1 10  ? 0.799   24.093  -0.922  1.00 17.26  ? 10  ILE A N   1 
ATOM   72   C CA  . ILE A 1 10  ? 1.028   25.305  -1.642  1.00 16.65  ? 10  ILE A CA  1 
ATOM   73   C C   . ILE A 1 10  ? 0.090   25.402  -2.845  1.00 26.96  ? 10  ILE A C   1 
ATOM   74   O O   . ILE A 1 10  ? -0.398  26.483  -3.166  1.00 28.09  ? 10  ILE A O   1 
ATOM   75   C CB  . ILE A 1 10  ? 2.449   25.332  -2.192  1.00 24.20  ? 10  ILE A CB  1 
ATOM   76   C CG1 . ILE A 1 10  ? 3.507   25.288  -1.126  1.00 24.84  ? 10  ILE A CG1 1 
ATOM   77   C CG2 . ILE A 1 10  ? 2.642   26.571  -3.049  1.00 32.75  ? 10  ILE A CG2 1 
ATOM   78   C CD1 . ILE A 1 10  ? 3.465   26.533  -0.285  1.00 32.59  ? 10  ILE A CD1 1 
ATOM   79   N N   . GLU A 1 11  ? -0.124  24.292  -3.558  1.00 20.66  ? 11  GLU A N   1 
ATOM   80   C CA  . GLU A 1 11  ? -1.015  24.305  -4.733  1.00 21.51  ? 11  GLU A CA  1 
ATOM   81   C C   . GLU A 1 11  ? -1.554  22.971  -4.981  1.00 25.55  ? 11  GLU A C   1 
ATOM   82   O O   . GLU A 1 11  ? -0.918  21.979  -4.706  1.00 22.94  ? 11  GLU A O   1 
ATOM   83   C CB  . GLU A 1 11  ? -0.312  24.601  -6.053  1.00 27.83  ? 11  GLU A CB  1 
ATOM   84   C CG  . GLU A 1 11  ? -0.069  26.052  -6.408  1.00 66.40  ? 11  GLU A CG  1 
ATOM   85   C CD  . GLU A 1 11  ? 1.063   26.139  -7.393  1.00 100.00 ? 11  GLU A CD  1 
ATOM   86   O OE1 . GLU A 1 11  ? 1.137   25.023  -8.145  1.00 86.20  ? 11  GLU A OE1 1 
ATOM   87   O OE2 . GLU A 1 11  ? 1.844   27.061  -7.438  1.00 74.61  ? 11  GLU A OE2 1 
ATOM   88   N N   . LYS A 1 12  ? -2.721  22.972  -5.543  1.00 29.17  ? 12  LYS A N   1 
ATOM   89   C CA  . LYS A 1 12  ? -3.386  21.743  -5.931  1.00 31.94  ? 12  LYS A CA  1 
ATOM   90   C C   . LYS A 1 12  ? -3.727  21.812  -7.456  1.00 41.07  ? 12  LYS A C   1 
ATOM   91   O O   . LYS A 1 12  ? -4.260  22.811  -7.945  1.00 43.42  ? 12  LYS A O   1 
ATOM   92   C CB  . LYS A 1 12  ? -4.650  21.414  -5.129  1.00 33.95  ? 12  LYS A CB  1 
ATOM   93   C CG  . LYS A 1 12  ? -4.523  21.190  -3.620  1.00 25.73  ? 12  LYS A CG  1 
ATOM   94   C CD  . LYS A 1 12  ? -5.930  21.191  -3.042  1.00 28.95  ? 12  LYS A CD  1 
ATOM   95   C CE  . LYS A 1 12  ? -6.039  20.973  -1.550  1.00 31.58  ? 12  LYS A CE  1 
ATOM   96   N NZ  . LYS A 1 12  ? -7.429  20.753  -1.127  1.00 31.73  ? 12  LYS A NZ  1 
ATOM   97   N N   . GLN A 1 13  ? -3.314  20.771  -8.187  1.00 29.46  ? 13  GLN A N   1 
ATOM   98   C CA  . GLN A 1 13  ? -3.499  20.617  -9.638  1.00 27.86  ? 13  GLN A CA  1 
ATOM   99   C C   . GLN A 1 13  ? -3.628  19.101  -9.917  1.00 24.95  ? 13  GLN A C   1 
ATOM   100  O O   . GLN A 1 13  ? -2.688  18.423  -10.391 1.00 25.20  ? 13  GLN A O   1 
ATOM   101  C CB  . GLN A 1 13  ? -2.309  21.212  -10.343 1.00 28.92  ? 13  GLN A CB  1 
ATOM   102  C CG  . GLN A 1 13  ? -2.654  21.905  -11.659 1.00 88.57  ? 13  GLN A CG  1 
ATOM   103  C CD  . GLN A 1 13  ? -1.419  22.030  -12.524 1.00 100.00 ? 13  GLN A CD  1 
ATOM   104  O OE1 . GLN A 1 13  ? -0.299  22.244  -11.998 1.00 100.00 ? 13  GLN A OE1 1 
ATOM   105  N NE2 . GLN A 1 13  ? -1.602  21.885  -13.844 1.00 100.00 ? 13  GLN A NE2 1 
ATOM   106  N N   . PRO A 1 14  ? -4.801  18.592  -9.529  1.00 24.83  ? 14  PRO A N   1 
ATOM   107  C CA  . PRO A 1 14  ? -5.127  17.192  -9.613  1.00 25.70  ? 14  PRO A CA  1 
ATOM   108  C C   . PRO A 1 14  ? -4.631  16.578  -10.906 1.00 36.94  ? 14  PRO A C   1 
ATOM   109  O O   . PRO A 1 14  ? -4.828  17.134  -12.001 1.00 39.28  ? 14  PRO A O   1 
ATOM   110  C CB  . PRO A 1 14  ? -6.631  17.043  -9.400  1.00 24.75  ? 14  PRO A CB  1 
ATOM   111  C CG  . PRO A 1 14  ? -7.191  18.455  -9.247  1.00 31.94  ? 14  PRO A CG  1 
ATOM   112  C CD  . PRO A 1 14  ? -6.032  19.420  -9.407  1.00 28.21  ? 14  PRO A CD  1 
ATOM   113  N N   . PRO A 1 15  ? -3.948  15.434  -10.770 1.00 26.79  ? 15  PRO A N   1 
ATOM   114  C CA  . PRO A 1 15  ? -3.729  14.766  -9.493  1.00 25.61  ? 15  PRO A CA  1 
ATOM   115  C C   . PRO A 1 15  ? -2.423  15.150  -8.740  1.00 27.49  ? 15  PRO A C   1 
ATOM   116  O O   . PRO A 1 15  ? -1.963  14.432  -7.845  1.00 26.09  ? 15  PRO A O   1 
ATOM   117  C CB  . PRO A 1 15  ? -3.686  13.271  -9.860  1.00 27.34  ? 15  PRO A CB  1 
ATOM   118  C CG  . PRO A 1 15  ? -3.490  13.172  -11.370 1.00 29.44  ? 15  PRO A CG  1 
ATOM   119  C CD  . PRO A 1 15  ? -3.651  14.559  -11.930 1.00 25.87  ? 15  PRO A CD  1 
ATOM   120  N N   . LEU A 1 16  ? -1.844  16.283  -9.101  1.00 24.22  ? 16  LEU A N   1 
ATOM   121  C CA  . LEU A 1 16  ? -0.609  16.758  -8.502  1.00 26.03  ? 16  LEU A CA  1 
ATOM   122  C C   . LEU A 1 16  ? -0.879  17.743  -7.341  1.00 23.75  ? 16  LEU A C   1 
ATOM   123  O O   . LEU A 1 16  ? -1.774  18.587  -7.401  1.00 20.83  ? 16  LEU A O   1 
ATOM   124  C CB  . LEU A 1 16  ? 0.136   17.520  -9.625  1.00 30.73  ? 16  LEU A CB  1 
ATOM   125  C CG  . LEU A 1 16  ? 1.681   17.595  -9.620  1.00 44.14  ? 16  LEU A CG  1 
ATOM   126  C CD1 . LEU A 1 16  ? 2.230   18.556  -8.559  1.00 48.72  ? 16  LEU A CD1 1 
ATOM   127  C CD2 . LEU A 1 16  ? 2.337   16.219  -9.563  1.00 52.46  ? 16  LEU A CD2 1 
ATOM   128  N N   . VAL A 1 17  ? -0.096  17.619  -6.304  1.00 18.41  ? 17  VAL A N   1 
ATOM   129  C CA  . VAL A 1 17  ? -0.178  18.520  -5.142  1.00 20.03  ? 17  VAL A CA  1 
ATOM   130  C C   . VAL A 1 17  ? 1.248   18.940  -4.818  1.00 23.41  ? 17  VAL A C   1 
ATOM   131  O O   . VAL A 1 17  ? 2.152   18.109  -4.861  1.00 23.27  ? 17  VAL A O   1 
ATOM   132  C CB  . VAL A 1 17  ? -0.965  18.000  -3.895  1.00 23.48  ? 17  VAL A CB  1 
ATOM   133  C CG1 . VAL A 1 17  ? -0.297  16.760  -3.265  1.00 20.36  ? 17  VAL A CG1 1 
ATOM   134  C CG2 . VAL A 1 17  ? -1.013  19.101  -2.848  1.00 22.97  ? 17  VAL A CG2 1 
ATOM   135  N N   . LEU A 1 18  ? 1.457   20.214  -4.538  1.00 16.29  ? 18  LEU A N   1 
ATOM   136  C CA  . LEU A 1 18  ? 2.765   20.728  -4.206  1.00 12.81  ? 18  LEU A CA  1 
ATOM   137  C C   . LEU A 1 18  ? 2.761   21.022  -2.716  1.00 19.06  ? 18  LEU A C   1 
ATOM   138  O O   . LEU A 1 18  ? 1.961   21.859  -2.286  1.00 17.35  ? 18  LEU A O   1 
ATOM   139  C CB  . LEU A 1 18  ? 2.988   22.028  -4.982  1.00 12.54  ? 18  LEU A CB  1 
ATOM   140  C CG  . LEU A 1 18  ? 4.371   22.631  -4.813  1.00 16.27  ? 18  LEU A CG  1 
ATOM   141  C CD1 . LEU A 1 18  ? 5.452   21.715  -5.376  1.00 20.18  ? 18  LEU A CD1 1 
ATOM   142  C CD2 . LEU A 1 18  ? 4.371   23.931  -5.574  1.00 20.69  ? 18  LEU A CD2 1 
ATOM   143  N N   . ILE A 1 19  ? 3.647   20.311  -1.956  1.00 16.65  ? 19  ILE A N   1 
ATOM   144  C CA  . ILE A 1 19  ? 3.796   20.416  -0.498  1.00 16.71  ? 19  ILE A CA  1 
ATOM   145  C C   . ILE A 1 19  ? 5.138   21.021  -0.104  1.00 17.05  ? 19  ILE A C   1 
ATOM   146  O O   . ILE A 1 19  ? 6.174   20.499  -0.508  1.00 23.55  ? 19  ILE A O   1 
ATOM   147  C CB  . ILE A 1 19  ? 3.626   19.064  0.174   1.00 18.32  ? 19  ILE A CB  1 
ATOM   148  C CG1 . ILE A 1 19  ? 2.383   18.406  -0.336  1.00 21.85  ? 19  ILE A CG1 1 
ATOM   149  C CG2 . ILE A 1 19  ? 3.535   19.200  1.703   1.00 21.70  ? 19  ILE A CG2 1 
ATOM   150  C CD1 . ILE A 1 19  ? 1.928   17.282  0.583   1.00 37.14  ? 19  ILE A CD1 1 
ATOM   151  N N   . GLU A 1 20  ? 5.087   22.173  0.632   1.00 18.10  ? 20  GLU A N   1 
ATOM   152  C CA  . GLU A 1 20  ? 6.265   22.869  1.079   1.00 14.60  ? 20  GLU A CA  1 
ATOM   153  C C   . GLU A 1 20  ? 6.758   22.396  2.376   1.00 17.65  ? 20  GLU A C   1 
ATOM   154  O O   . GLU A 1 20  ? 6.065   22.398  3.357   1.00 16.59  ? 20  GLU A O   1 
ATOM   155  C CB  . GLU A 1 20  ? 6.178   24.371  1.042   1.00 15.46  ? 20  GLU A CB  1 
ATOM   156  C CG  . GLU A 1 20  ? 7.609   24.877  0.946   1.00 17.43  ? 20  GLU A CG  1 
ATOM   157  C CD  . GLU A 1 20  ? 7.739   26.353  0.898   1.00 24.79  ? 20  GLU A CD  1 
ATOM   158  O OE1 . GLU A 1 20  ? 7.457   27.053  1.802   1.00 43.66  ? 20  GLU A OE1 1 
ATOM   159  O OE2 . GLU A 1 20  ? 8.170   26.793  -0.246  1.00 43.76  ? 20  GLU A OE2 1 
ATOM   160  N N   . VAL A 1 21  ? 7.963   21.931  2.340   1.00 16.21  ? 21  VAL A N   1 
ATOM   161  C CA  . VAL A 1 21  ? 8.562   21.423  3.478   1.00 14.30  ? 21  VAL A CA  1 
ATOM   162  C C   . VAL A 1 21  ? 9.859   22.130  3.712   1.00 21.70  ? 21  VAL A C   1 
ATOM   163  O O   . VAL A 1 21  ? 10.851  21.852  3.050   1.00 20.54  ? 21  VAL A O   1 
ATOM   164  C CB  . VAL A 1 21  ? 8.825   19.913  3.334   1.00 20.96  ? 21  VAL A CB  1 
ATOM   165  C CG1 . VAL A 1 21  ? 9.478   19.415  4.618   1.00 22.49  ? 21  VAL A CG1 1 
ATOM   166  C CG2 . VAL A 1 21  ? 7.529   19.130  3.018   1.00 19.05  ? 21  VAL A CG2 1 
ATOM   167  N N   . GLY A 1 22  ? 9.868   23.063  4.657   1.00 17.29  ? 22  GLY A N   1 
ATOM   168  C CA  . GLY A 1 22  ? 11.082  23.781  4.977   1.00 16.13  ? 22  GLY A CA  1 
ATOM   169  C C   . GLY A 1 22  ? 11.711  24.467  3.757   1.00 23.20  ? 22  GLY A C   1 
ATOM   170  O O   . GLY A 1 22  ? 12.927  24.450  3.602   1.00 27.63  ? 22  GLY A O   1 
ATOM   171  N N   . GLY A 1 23  ? 10.876  25.039  2.896   1.00 16.87  ? 23  GLY A N   1 
ATOM   172  C CA  . GLY A 1 23  ? 11.357  25.742  1.715   1.00 14.92  ? 23  GLY A CA  1 
ATOM   173  C C   . GLY A 1 23  ? 11.455  24.855  0.462   1.00 17.07  ? 23  GLY A C   1 
ATOM   174  O O   . GLY A 1 23  ? 11.617  25.367  -0.620  1.00 19.84  ? 23  GLY A O   1 
ATOM   175  N N   . VAL A 1 24  ? 11.385  23.555  0.632   1.00 17.04  ? 24  VAL A N   1 
ATOM   176  C CA  . VAL A 1 24  ? 11.450  22.651  -0.501  1.00 15.79  ? 24  VAL A CA  1 
ATOM   177  C C   . VAL A 1 24  ? 10.030  22.241  -0.897  1.00 12.13  ? 24  VAL A C   1 
ATOM   178  O O   . VAL A 1 24  ? 9.300   21.671  -0.110  1.00 14.03  ? 24  VAL A O   1 
ATOM   179  C CB  . VAL A 1 24  ? 12.359  21.445  -0.268  1.00 19.09  ? 24  VAL A CB  1 
ATOM   180  C CG1 . VAL A 1 24  ? 12.374  20.563  -1.529  1.00 17.99  ? 24  VAL A CG1 1 
ATOM   181  C CG2 . VAL A 1 24  ? 13.770  21.904  0.057   1.00 17.73  ? 24  VAL A CG2 1 
ATOM   182  N N   . GLY A 1 25  ? 9.641   22.587  -2.126  1.00 13.09  ? 25  GLY A N   1 
ATOM   183  C CA  . GLY A 1 25  ? 8.326   22.268  -2.619  1.00 12.44  ? 25  GLY A CA  1 
ATOM   184  C C   . GLY A 1 25  ? 8.357   20.911  -3.342  1.00 15.88  ? 25  GLY A C   1 
ATOM   185  O O   . GLY A 1 25  ? 8.909   20.781  -4.410  1.00 15.88  ? 25  GLY A O   1 
ATOM   186  N N   . TYR A 1 26  ? 7.779   19.909  -2.731  1.00 12.81  ? 26  TYR A N   1 
ATOM   187  C CA  . TYR A 1 26  ? 7.720   18.552  -3.269  1.00 14.03  ? 26  TYR A CA  1 
ATOM   188  C C   . TYR A 1 26  ? 6.453   18.301  -4.062  1.00 23.04  ? 26  TYR A C   1 
ATOM   189  O O   . TYR A 1 26  ? 5.358   18.566  -3.593  1.00 18.15  ? 26  TYR A O   1 
ATOM   190  C CB  . TYR A 1 26  ? 7.759   17.468  -2.164  1.00 9.88   ? 26  TYR A CB  1 
ATOM   191  C CG  . TYR A 1 26  ? 9.114   17.332  -1.539  1.00 16.56  ? 26  TYR A CG  1 
ATOM   192  C CD1 . TYR A 1 26  ? 10.079  16.518  -2.138  1.00 19.04  ? 26  TYR A CD1 1 
ATOM   193  C CD2 . TYR A 1 26  ? 9.452   18.023  -0.368  1.00 18.15  ? 26  TYR A CD2 1 
ATOM   194  C CE1 . TYR A 1 26  ? 11.352  16.381  -1.594  1.00 19.70  ? 26  TYR A CE1 1 
ATOM   195  C CE2 . TYR A 1 26  ? 10.725  17.895  0.196   1.00 16.93  ? 26  TYR A CE2 1 
ATOM   196  C CZ  . TYR A 1 26  ? 11.667  17.071  -0.422  1.00 27.13  ? 26  TYR A CZ  1 
ATOM   197  O OH  . TYR A 1 26  ? 12.907  16.941  0.113   1.00 29.87  ? 26  TYR A OH  1 
ATOM   198  N N   . GLU A 1 27  ? 6.589   17.768  -5.287  1.00 17.79  ? 27  GLU A N   1 
ATOM   199  C CA  . GLU A 1 27  ? 5.426   17.439  -6.092  1.00 16.53  ? 27  GLU A CA  1 
ATOM   200  C C   . GLU A 1 27  ? 5.039   16.052  -5.740  1.00 20.07  ? 27  GLU A C   1 
ATOM   201  O O   . GLU A 1 27  ? 5.888   15.159  -5.706  1.00 20.11  ? 27  GLU A O   1 
ATOM   202  C CB  . GLU A 1 27  ? 5.739   17.374  -7.564  1.00 20.19  ? 27  GLU A CB  1 
ATOM   203  C CG  . GLU A 1 27  ? 6.121   18.703  -8.144  1.00 29.06  ? 27  GLU A CG  1 
ATOM   204  C CD  . GLU A 1 27  ? 6.607   18.552  -9.557  1.00 58.55  ? 27  GLU A CD  1 
ATOM   205  O OE1 . GLU A 1 27  ? 7.062   17.329  -9.840  1.00 55.28  ? 27  GLU A OE1 1 
ATOM   206  O OE2 . GLU A 1 27  ? 6.595   19.475  -10.337 1.00 33.14  ? 27  GLU A OE2 1 
ATOM   207  N N   . VAL A 1 28  ? 3.776   15.856  -5.460  1.00 18.46  ? 28  VAL A N   1 
ATOM   208  C CA  . VAL A 1 28  ? 3.261   14.552  -5.072  1.00 16.94  ? 28  VAL A CA  1 
ATOM   209  C C   . VAL A 1 28  ? 2.118   14.170  -5.968  1.00 20.58  ? 28  VAL A C   1 
ATOM   210  O O   . VAL A 1 28  ? 1.213   14.973  -6.171  1.00 19.73  ? 28  VAL A O   1 
ATOM   211  C CB  . VAL A 1 28  ? 2.793   14.582  -3.615  1.00 17.74  ? 28  VAL A CB  1 
ATOM   212  C CG1 . VAL A 1 28  ? 2.307   13.213  -3.205  1.00 17.75  ? 28  VAL A CG1 1 
ATOM   213  C CG2 . VAL A 1 28  ? 3.967   14.948  -2.715  1.00 16.61  ? 28  VAL A CG2 1 
ATOM   214  N N   . HIS A 1 29  ? 2.153   12.937  -6.496  1.00 17.16  ? 29  HIS A N   1 
ATOM   215  C CA  . HIS A 1 29  ? 1.066   12.449  -7.397  1.00 16.66  ? 29  HIS A CA  1 
ATOM   216  C C   . HIS A 1 29  ? 0.098   11.611  -6.605  1.00 18.40  ? 29  HIS A C   1 
ATOM   217  O O   . HIS A 1 29  ? 0.508   10.594  -6.047  1.00 18.87  ? 29  HIS A O   1 
ATOM   218  C CB  . HIS A 1 29  ? 1.628   11.644  -8.601  1.00 16.80  ? 29  HIS A CB  1 
ATOM   219  C CG  . HIS A 1 29  ? 2.620   12.439  -9.388  1.00 18.98  ? 29  HIS A CG  1 
ATOM   220  N ND1 . HIS A 1 29  ? 2.327   12.929  -10.623 1.00 22.50  ? 29  HIS A ND1 1 
ATOM   221  C CD2 . HIS A 1 29  ? 3.879   12.822  -9.094  1.00 21.08  ? 29  HIS A CD2 1 
ATOM   222  C CE1 . HIS A 1 29  ? 3.396   13.588  -11.054 1.00 20.07  ? 29  HIS A CE1 1 
ATOM   223  N NE2 . HIS A 1 29  ? 4.349   13.540  -10.165 1.00 20.25  ? 29  HIS A NE2 1 
ATOM   224  N N   . MET A 1 30  ? -1.170  12.051  -6.511  1.00 16.66  ? 30  MET A N   1 
ATOM   225  C CA  . MET A 1 30  ? -2.138  11.295  -5.715  1.00 20.50  ? 30  MET A CA  1 
ATOM   226  C C   . MET A 1 30  ? -3.361  10.875  -6.443  1.00 19.53  ? 30  MET A C   1 
ATOM   227  O O   . MET A 1 30  ? -3.923  11.642  -7.209  1.00 23.97  ? 30  MET A O   1 
ATOM   228  C CB  . MET A 1 30  ? -2.653  12.105  -4.507  1.00 24.27  ? 30  MET A CB  1 
ATOM   229  C CG  . MET A 1 30  ? -1.552  12.699  -3.651  1.00 30.60  ? 30  MET A CG  1 
ATOM   230  S SD  . MET A 1 30  ? -2.216  13.491  -2.168  1.00 34.37  ? 30  MET A SD  1 
ATOM   231  C CE  . MET A 1 30  ? -3.077  12.159  -1.287  1.00 31.25  ? 30  MET A CE  1 
ATOM   232  N N   . PRO A 1 31  ? -3.791  9.660   -6.149  1.00 20.75  ? 31  PRO A N   1 
ATOM   233  C CA  . PRO A 1 31  ? -5.015  9.169   -6.743  1.00 22.82  ? 31  PRO A CA  1 
ATOM   234  C C   . PRO A 1 31  ? -6.140  10.120  -6.297  1.00 30.62  ? 31  PRO A C   1 
ATOM   235  O O   . PRO A 1 31  ? -6.178  10.595  -5.157  1.00 22.89  ? 31  PRO A O   1 
ATOM   236  C CB  . PRO A 1 31  ? -5.253  7.773   -6.175  1.00 21.44  ? 31  PRO A CB  1 
ATOM   237  C CG  . PRO A 1 31  ? -3.968  7.362   -5.499  1.00 25.22  ? 31  PRO A CG  1 
ATOM   238  C CD  . PRO A 1 31  ? -3.079  8.597   -5.393  1.00 17.29  ? 31  PRO A CD  1 
ATOM   239  N N   . MET A 1 32  ? -7.031  10.405  -7.215  1.00 29.05  ? 32  MET A N   1 
ATOM   240  C CA  . MET A 1 32  ? -8.138  11.295  -6.974  1.00 30.45  ? 32  MET A CA  1 
ATOM   241  C C   . MET A 1 32  ? -8.893  11.018  -5.686  1.00 27.15  ? 32  MET A C   1 
ATOM   242  O O   . MET A 1 32  ? -9.285  11.941  -5.005  1.00 26.15  ? 32  MET A O   1 
ATOM   243  C CB  . MET A 1 32  ? -9.102  11.324  -8.171  1.00 32.11  ? 32  MET A CB  1 
ATOM   244  C CG  . MET A 1 32  ? -8.531  12.033  -9.381  1.00 34.55  ? 32  MET A CG  1 
ATOM   245  S SD  . MET A 1 32  ? -7.773  13.634  -8.994  1.00 37.14  ? 32  MET A SD  1 
ATOM   246  C CE  . MET A 1 32  ? -9.195  14.528  -8.269  1.00 31.03  ? 32  MET A CE  1 
ATOM   247  N N   . THR A 1 33  ? -9.093  9.760   -5.364  1.00 21.70  ? 33  THR A N   1 
ATOM   248  C CA  . THR A 1 33  ? -9.803  9.439   -4.166  1.00 23.86  ? 33  THR A CA  1 
ATOM   249  C C   . THR A 1 33  ? -9.082  9.905   -2.923  1.00 34.64  ? 33  THR A C   1 
ATOM   250  O O   . THR A 1 33  ? -9.720  10.172  -1.915  1.00 32.13  ? 33  THR A O   1 
ATOM   251  C CB  . THR A 1 33  ? -10.344 8.022   -4.086  1.00 22.90  ? 33  THR A CB  1 
ATOM   252  O OG1 . THR A 1 33  ? -9.274  7.089   -4.016  1.00 29.24  ? 33  THR A OG1 1 
ATOM   253  C CG2 . THR A 1 33  ? -11.262 7.757   -5.287  1.00 20.72  ? 33  THR A CG2 1 
ATOM   254  N N   . CYS A 1 34  ? -7.741  10.027  -3.004  1.00 32.46  ? 34  CYS A N   1 
ATOM   255  C CA  . CYS A 1 34  ? -6.964  10.520  -1.854  1.00 27.58  ? 34  CYS A CA  1 
ATOM   256  C C   . CYS A 1 34  ? -7.006  12.010  -1.883  1.00 29.92  ? 34  CYS A C   1 
ATOM   257  O O   . CYS A 1 34  ? -7.116  12.680  -0.873  1.00 27.30  ? 34  CYS A O   1 
ATOM   258  C CB  . CYS A 1 34  ? -5.508  10.073  -1.838  1.00 23.63  ? 34  CYS A CB  1 
ATOM   259  S SG  . CYS A 1 34  ? -5.392  8.300   -1.605  1.00 28.74  ? 34  CYS A SG  1 
ATOM   260  N N   . PHE A 1 35  ? -6.922  12.487  -3.087  1.00 26.92  ? 35  PHE A N   1 
ATOM   261  C CA  . PHE A 1 35  ? -6.929  13.873  -3.404  1.00 26.30  ? 35  PHE A CA  1 
ATOM   262  C C   . PHE A 1 35  ? -8.092  14.618  -2.793  1.00 33.18  ? 35  PHE A C   1 
ATOM   263  O O   . PHE A 1 35  ? -7.937  15.745  -2.266  1.00 31.27  ? 35  PHE A O   1 
ATOM   264  C CB  . PHE A 1 35  ? -6.882  14.091  -4.929  1.00 23.71  ? 35  PHE A CB  1 
ATOM   265  C CG  . PHE A 1 35  ? -6.193  15.356  -5.300  1.00 24.08  ? 35  PHE A CG  1 
ATOM   266  C CD1 . PHE A 1 35  ? -6.882  16.569  -5.335  1.00 27.62  ? 35  PHE A CD1 1 
ATOM   267  C CD2 . PHE A 1 35  ? -4.841  15.354  -5.621  1.00 24.50  ? 35  PHE A CD2 1 
ATOM   268  C CE1 . PHE A 1 35  ? -6.239  17.757  -5.686  1.00 27.34  ? 35  PHE A CE1 1 
ATOM   269  C CE2 . PHE A 1 35  ? -4.183  16.525  -5.978  1.00 24.18  ? 35  PHE A CE2 1 
ATOM   270  C CZ  . PHE A 1 35  ? -4.886  17.726  -6.010  1.00 24.08  ? 35  PHE A CZ  1 
ATOM   271  N N   . TYR A 1 36  ? -9.258  14.001  -2.865  1.00 28.36  ? 36  TYR A N   1 
ATOM   272  C CA  . TYR A 1 36  ? -10.445 14.618  -2.331  1.00 28.92  ? 36  TYR A CA  1 
ATOM   273  C C   . TYR A 1 36  ? -10.316 14.945  -0.837  1.00 40.22  ? 36  TYR A C   1 
ATOM   274  O O   . TYR A 1 36  ? -10.876 15.930  -0.359  1.00 45.86  ? 36  TYR A O   1 
ATOM   275  C CB  . TYR A 1 36  ? -11.728 13.776  -2.586  1.00 31.79  ? 36  TYR A CB  1 
ATOM   276  C CG  . TYR A 1 36  ? -11.996 13.410  -4.038  1.00 28.43  ? 36  TYR A CG  1 
ATOM   277  C CD1 . TYR A 1 36  ? -11.813 14.323  -5.083  1.00 29.34  ? 36  TYR A CD1 1 
ATOM   278  C CD2 . TYR A 1 36  ? -12.442 12.127  -4.353  1.00 29.33  ? 36  TYR A CD2 1 
ATOM   279  C CE1 . TYR A 1 36  ? -12.056 13.974  -6.418  1.00 30.40  ? 36  TYR A CE1 1 
ATOM   280  C CE2 . TYR A 1 36  ? -12.679 11.759  -5.679  1.00 33.97  ? 36  TYR A CE2 1 
ATOM   281  C CZ  . TYR A 1 36  ? -12.489 12.682  -6.714  1.00 32.33  ? 36  TYR A CZ  1 
ATOM   282  O OH  . TYR A 1 36  ? -12.724 12.310  -8.032  1.00 34.85  ? 36  TYR A OH  1 
ATOM   283  N N   . GLU A 1 37  ? -9.587  14.094  -0.101  1.00 33.45  ? 37  GLU A N   1 
ATOM   284  C CA  . GLU A 1 37  ? -9.375  14.225  1.356   1.00 30.97  ? 37  GLU A CA  1 
ATOM   285  C C   . GLU A 1 37  ? -8.311  15.241  1.792   1.00 35.20  ? 37  GLU A C   1 
ATOM   286  O O   . GLU A 1 37  ? -8.131  15.455  2.983   1.00 37.45  ? 37  GLU A O   1 
ATOM   287  C CB  . GLU A 1 37  ? -9.075  12.859  2.018   1.00 30.15  ? 37  GLU A CB  1 
ATOM   288  C CG  . GLU A 1 37  ? -10.235 11.867  1.898   1.00 49.58  ? 37  GLU A CG  1 
ATOM   289  C CD  . GLU A 1 37  ? -11.509 12.454  2.409   1.00 90.40  ? 37  GLU A CD  1 
ATOM   290  O OE1 . GLU A 1 37  ? -11.709 12.691  3.581   1.00 94.20  ? 37  GLU A OE1 1 
ATOM   291  O OE2 . GLU A 1 37  ? -12.373 12.688  1.456   1.00 100.00 ? 37  GLU A OE2 1 
ATOM   292  N N   . LEU A 1 38  ? -7.606  15.839  0.847   1.00 24.11  ? 38  LEU A N   1 
ATOM   293  C CA  . LEU A 1 38  ? -6.584  16.800  1.165   1.00 20.72  ? 38  LEU A CA  1 
ATOM   294  C C   . LEU A 1 38  ? -7.205  18.066  1.751   1.00 34.49  ? 38  LEU A C   1 
ATOM   295  O O   . LEU A 1 38  ? -8.299  18.470  1.362   1.00 36.04  ? 38  LEU A O   1 
ATOM   296  C CB  . LEU A 1 38  ? -5.864  17.253  -0.122  1.00 19.78  ? 38  LEU A CB  1 
ATOM   297  C CG  . LEU A 1 38  ? -4.936  16.240  -0.740  1.00 22.42  ? 38  LEU A CG  1 
ATOM   298  C CD1 . LEU A 1 38  ? -4.189  16.951  -1.847  1.00 22.20  ? 38  LEU A CD1 1 
ATOM   299  C CD2 . LEU A 1 38  ? -3.957  15.800  0.326   1.00 23.88  ? 38  LEU A CD2 1 
ATOM   300  N N   . PRO A 1 39  ? -6.474  18.705  2.660   1.00 30.52  ? 39  PRO A N   1 
ATOM   301  C CA  . PRO A 1 39  ? -6.916  19.933  3.263   1.00 33.01  ? 39  PRO A CA  1 
ATOM   302  C C   . PRO A 1 39  ? -6.737  21.059  2.265   1.00 34.91  ? 39  PRO A C   1 
ATOM   303  O O   . PRO A 1 39  ? -6.259  20.848  1.162   1.00 34.07  ? 39  PRO A O   1 
ATOM   304  C CB  . PRO A 1 39  ? -5.996  20.187  4.477   1.00 34.27  ? 39  PRO A CB  1 
ATOM   305  C CG  . PRO A 1 39  ? -5.088  18.987  4.629   1.00 37.64  ? 39  PRO A CG  1 
ATOM   306  C CD  . PRO A 1 39  ? -5.470  18.006  3.525   1.00 33.07  ? 39  PRO A CD  1 
ATOM   307  N N   . GLU A 1 40  ? -7.102  22.268  2.658   1.00 29.89  ? 40  GLU A N   1 
ATOM   308  C CA  . GLU A 1 40  ? -6.973  23.386  1.766   1.00 28.10  ? 40  GLU A CA  1 
ATOM   309  C C   . GLU A 1 40  ? -5.577  23.932  1.624   1.00 28.67  ? 40  GLU A C   1 
ATOM   310  O O   . GLU A 1 40  ? -4.704  23.783  2.496   1.00 28.88  ? 40  GLU A O   1 
ATOM   311  C CB  . GLU A 1 40  ? -8.009  24.493  2.068   1.00 30.33  ? 40  GLU A CB  1 
ATOM   312  C CG  . GLU A 1 40  ? -9.466  23.956  2.019   1.00 58.60  ? 40  GLU A CG  1 
ATOM   313  C CD  . GLU A 1 40  ? -10.520 25.008  2.312   1.00 100.00 ? 40  GLU A CD  1 
ATOM   314  O OE1 . GLU A 1 40  ? -10.345 25.591  3.469   1.00 100.00 ? 40  GLU A OE1 1 
ATOM   315  O OE2 . GLU A 1 40  ? -11.459 25.266  1.552   1.00 100.00 ? 40  GLU A OE2 1 
ATOM   316  N N   . ALA A 1 41  ? -5.346  24.579  0.507   1.00 22.62  ? 41  ALA A N   1 
ATOM   317  C CA  . ALA A 1 41  ? -4.071  25.151  0.339   1.00 25.42  ? 41  ALA A CA  1 
ATOM   318  C C   . ALA A 1 41  ? -3.842  26.099  1.534   1.00 31.58  ? 41  ALA A C   1 
ATOM   319  O O   . ALA A 1 41  ? -4.748  26.769  1.987   1.00 35.51  ? 41  ALA A O   1 
ATOM   320  C CB  . ALA A 1 41  ? -4.029  25.903  -0.973  1.00 26.02  ? 41  ALA A CB  1 
ATOM   321  N N   . GLY A 1 42  ? -2.645  26.158  2.051   1.00 24.81  ? 42  GLY A N   1 
ATOM   322  C CA  . GLY A 1 42  ? -2.347  27.018  3.176   1.00 21.84  ? 42  GLY A CA  1 
ATOM   323  C C   . GLY A 1 42  ? -2.314  26.245  4.482   1.00 22.59  ? 42  GLY A C   1 
ATOM   324  O O   . GLY A 1 42  ? -1.759  26.677  5.516   1.00 25.48  ? 42  GLY A O   1 
ATOM   325  N N   . GLN A 1 43  ? -2.872  25.095  4.449   1.00 17.27  ? 43  GLN A N   1 
ATOM   326  C CA  . GLN A 1 43  ? -2.867  24.329  5.636   1.00 20.96  ? 43  GLN A CA  1 
ATOM   327  C C   . GLN A 1 43  ? -1.890  23.182  5.587   1.00 27.70  ? 43  GLN A C   1 
ATOM   328  O O   . GLN A 1 43  ? -1.438  22.762  4.522   1.00 25.54  ? 43  GLN A O   1 
ATOM   329  C CB  . GLN A 1 43  ? -4.259  23.776  5.884   1.00 22.51  ? 43  GLN A CB  1 
ATOM   330  C CG  . GLN A 1 43  ? -5.290  24.896  6.015   1.00 26.78  ? 43  GLN A CG  1 
ATOM   331  C CD  . GLN A 1 43  ? -6.685  24.358  6.310   1.00 37.21  ? 43  GLN A CD  1 
ATOM   332  O OE1 . GLN A 1 43  ? -6.881  23.143  6.447   1.00 40.66  ? 43  GLN A OE1 1 
ATOM   333  N NE2 . GLN A 1 43  ? -7.660  25.270  6.391   1.00 55.92  ? 43  GLN A NE2 1 
ATOM   334  N N   . GLU A 1 44  ? -1.620  22.661  6.770   1.00 20.71  ? 44  GLU A N   1 
ATOM   335  C CA  . GLU A 1 44  ? -0.727  21.550  6.954   1.00 20.59  ? 44  GLU A CA  1 
ATOM   336  C C   . GLU A 1 44  ? -1.349  20.249  6.568   1.00 24.19  ? 44  GLU A C   1 
ATOM   337  O O   . GLU A 1 44  ? -2.509  19.971  6.912   1.00 21.39  ? 44  GLU A O   1 
ATOM   338  C CB  . GLU A 1 44  ? -0.252  21.414  8.429   1.00 25.25  ? 44  GLU A CB  1 
ATOM   339  C CG  . GLU A 1 44  ? 0.818   20.323  8.612   1.00 56.30  ? 44  GLU A CG  1 
ATOM   340  C CD  . GLU A 1 44  ? 1.291   20.162  10.030  1.00 78.55  ? 44  GLU A CD  1 
ATOM   341  O OE1 . GLU A 1 44  ? 2.298   20.967  10.293  1.00 54.56  ? 44  GLU A OE1 1 
ATOM   342  O OE2 . GLU A 1 44  ? 0.806   19.349  10.833  1.00 52.73  ? 44  GLU A OE2 1 
ATOM   343  N N   . ALA A 1 45  ? -0.532  19.421  5.863   1.00 23.04  ? 45  ALA A N   1 
ATOM   344  C CA  . ALA A 1 45  ? -0.937  18.110  5.446   1.00 21.35  ? 45  ALA A CA  1 
ATOM   345  C C   . ALA A 1 45  ? 0.144   17.060  5.743   1.00 20.03  ? 45  ALA A C   1 
ATOM   346  O O   . ALA A 1 45  ? 1.333   17.341  5.808   1.00 19.02  ? 45  ALA A O   1 
ATOM   347  C CB  . ALA A 1 45  ? -1.296  18.082  3.972   1.00 23.28  ? 45  ALA A CB  1 
ATOM   348  N N   . ILE A 1 46  ? -0.316  15.846  5.940   1.00 18.10  ? 46  ILE A N   1 
ATOM   349  C CA  . ILE A 1 46  ? 0.563   14.713  6.173   1.00 19.43  ? 46  ILE A CA  1 
ATOM   350  C C   . ILE A 1 46  ? 0.262   13.682  5.084   1.00 23.05  ? 46  ILE A C   1 
ATOM   351  O O   . ILE A 1 46  ? -0.891  13.250  4.944   1.00 21.01  ? 46  ILE A O   1 
ATOM   352  C CB  . ILE A 1 46  ? 0.444   14.080  7.558   1.00 20.51  ? 46  ILE A CB  1 
ATOM   353  C CG1 . ILE A 1 46  ? 1.099   15.007  8.553   1.00 22.67  ? 46  ILE A CG1 1 
ATOM   354  C CG2 . ILE A 1 46  ? 1.193   12.749  7.569   1.00 19.58  ? 46  ILE A CG2 1 
ATOM   355  C CD1 . ILE A 1 46  ? 0.898   14.568  9.966   1.00 27.68  ? 46  ILE A CD1 1 
ATOM   356  N N   . VAL A 1 47  ? 1.286   13.308  4.305   1.00 19.43  ? 47  VAL A N   1 
ATOM   357  C CA  . VAL A 1 47  ? 1.070   12.311  3.245   1.00 20.90  ? 47  VAL A CA  1 
ATOM   358  C C   . VAL A 1 47  ? 2.128   11.211  3.274   1.00 18.65  ? 47  VAL A C   1 
ATOM   359  O O   . VAL A 1 47  ? 3.313   11.466  3.526   1.00 14.65  ? 47  VAL A O   1 
ATOM   360  C CB  . VAL A 1 47  ? 0.815   12.866  1.829   1.00 24.28  ? 47  VAL A CB  1 
ATOM   361  C CG1 . VAL A 1 47  ? -0.170  14.031  1.835   1.00 22.95  ? 47  VAL A CG1 1 
ATOM   362  C CG2 . VAL A 1 47  ? 2.104   13.302  1.224   1.00 26.79  ? 47  VAL A CG2 1 
ATOM   363  N N   . PHE A 1 48  ? 1.649   9.989   3.049   1.00 19.98  ? 48  PHE A N   1 
ATOM   364  C CA  . PHE A 1 48  ? 2.482   8.759   3.001   1.00 18.81  ? 48  PHE A CA  1 
ATOM   365  C C   . PHE A 1 48  ? 2.927   8.632   1.559   1.00 17.74  ? 48  PHE A C   1 
ATOM   366  O O   . PHE A 1 48  ? 2.093   8.733   0.635   1.00 20.98  ? 48  PHE A O   1 
ATOM   367  C CB  . PHE A 1 48  ? 1.691   7.520   3.492   1.00 18.37  ? 48  PHE A CB  1 
ATOM   368  C CG  . PHE A 1 48  ? 1.584   7.632   4.980   1.00 20.29  ? 48  PHE A CG  1 
ATOM   369  C CD1 . PHE A 1 48  ? 0.549   8.374   5.558   1.00 21.35  ? 48  PHE A CD1 1 
ATOM   370  C CD2 . PHE A 1 48  ? 2.552   7.068   5.811   1.00 23.38  ? 48  PHE A CD2 1 
ATOM   371  C CE1 . PHE A 1 48  ? 0.447   8.518   6.945   1.00 26.27  ? 48  PHE A CE1 1 
ATOM   372  C CE2 . PHE A 1 48  ? 2.470   7.204   7.200   1.00 26.81  ? 48  PHE A CE2 1 
ATOM   373  C CZ  . PHE A 1 48  ? 1.413   7.928   7.760   1.00 26.38  ? 48  PHE A CZ  1 
ATOM   374  N N   . THR A 1 49  ? 4.228   8.456   1.359   1.00 17.59  ? 49  THR A N   1 
ATOM   375  C CA  . THR A 1 49  ? 4.734   8.410   0.024   1.00 18.16  ? 49  THR A CA  1 
ATOM   376  C C   . THR A 1 49  ? 5.407   7.141   -0.395  1.00 20.65  ? 49  THR A C   1 
ATOM   377  O O   . THR A 1 49  ? 5.917   6.382   0.411   1.00 21.09  ? 49  THR A O   1 
ATOM   378  C CB  . THR A 1 49  ? 5.747   9.558   -0.216  1.00 12.38  ? 49  THR A CB  1 
ATOM   379  O OG1 . THR A 1 49  ? 6.810   9.432   0.716   1.00 15.01  ? 49  THR A OG1 1 
ATOM   380  C CG2 . THR A 1 49  ? 5.086   10.923  -0.068  1.00 17.20  ? 49  THR A CG2 1 
ATOM   381  N N   . HIS A 1 50  ? 5.397   6.990   -1.712  1.00 21.11  ? 50  HIS A N   1 
ATOM   382  C CA  . HIS A 1 50  ? 6.015   5.899   -2.403  1.00 20.81  ? 50  HIS A CA  1 
ATOM   383  C C   . HIS A 1 50  ? 6.912   6.506   -3.502  1.00 22.63  ? 50  HIS A C   1 
ATOM   384  O O   . HIS A 1 50  ? 6.488   7.234   -4.376  1.00 19.92  ? 50  HIS A O   1 
ATOM   385  C CB  . HIS A 1 50  ? 4.999   4.883   -2.946  1.00 24.18  ? 50  HIS A CB  1 
ATOM   386  C CG  . HIS A 1 50  ? 5.762   3.798   -3.583  1.00 28.74  ? 50  HIS A CG  1 
ATOM   387  N ND1 . HIS A 1 50  ? 6.514   2.914   -2.813  1.00 31.07  ? 50  HIS A ND1 1 
ATOM   388  C CD2 . HIS A 1 50  ? 5.917   3.489   -4.898  1.00 29.63  ? 50  HIS A CD2 1 
ATOM   389  C CE1 . HIS A 1 50  ? 7.089   2.073   -3.656  1.00 30.04  ? 50  HIS A CE1 1 
ATOM   390  N NE2 . HIS A 1 50  ? 6.742   2.386   -4.908  1.00 30.12  ? 50  HIS A NE2 1 
ATOM   391  N N   . PHE A 1 51  ? 8.173   6.221   -3.418  1.00 21.11  ? 51  PHE A N   1 
ATOM   392  C CA  . PHE A 1 51  ? 9.109   6.745   -4.356  1.00 23.31  ? 51  PHE A CA  1 
ATOM   393  C C   . PHE A 1 51  ? 9.300   5.882   -5.605  1.00 25.10  ? 51  PHE A C   1 
ATOM   394  O O   . PHE A 1 51  ? 9.569   4.683   -5.537  1.00 26.74  ? 51  PHE A O   1 
ATOM   395  C CB  . PHE A 1 51  ? 10.447  6.927   -3.627  1.00 26.86  ? 51  PHE A CB  1 
ATOM   396  C CG  . PHE A 1 51  ? 11.598  7.485   -4.457  1.00 29.02  ? 51  PHE A CG  1 
ATOM   397  C CD1 . PHE A 1 51  ? 11.562  8.804   -4.922  1.00 27.92  ? 51  PHE A CD1 1 
ATOM   398  C CD2 . PHE A 1 51  ? 12.719  6.696   -4.743  1.00 30.79  ? 51  PHE A CD2 1 
ATOM   399  C CE1 . PHE A 1 51  ? 12.607  9.339   -5.676  1.00 28.32  ? 51  PHE A CE1 1 
ATOM   400  C CE2 . PHE A 1 51  ? 13.775  7.213   -5.495  1.00 34.11  ? 51  PHE A CE2 1 
ATOM   401  C CZ  . PHE A 1 51  ? 13.713  8.532   -5.957  1.00 28.58  ? 51  PHE A CZ  1 
ATOM   402  N N   . VAL A 1 52  ? 9.192   6.507   -6.721  1.00 19.11  ? 52  VAL A N   1 
ATOM   403  C CA  . VAL A 1 52  ? 9.374   5.813   -7.959  1.00 19.65  ? 52  VAL A CA  1 
ATOM   404  C C   . VAL A 1 52  ? 10.488  6.389   -8.815  1.00 28.86  ? 52  VAL A C   1 
ATOM   405  O O   . VAL A 1 52  ? 10.511  7.541   -9.207  1.00 27.84  ? 52  VAL A O   1 
ATOM   406  C CB  . VAL A 1 52  ? 8.110   5.749   -8.780  1.00 27.05  ? 52  VAL A CB  1 
ATOM   407  C CG1 . VAL A 1 52  ? 8.427   5.192   -10.158 1.00 31.06  ? 52  VAL A CG1 1 
ATOM   408  C CG2 . VAL A 1 52  ? 7.097   4.866   -8.087  1.00 24.30  ? 52  VAL A CG2 1 
ATOM   409  N N   . VAL A 1 53  ? 11.456  5.481   -8.966  1.00 30.41  ? 53  VAL A N   1 
ATOM   410  C CA  . VAL A 1 53  ? 12.590  5.894   -9.801  1.00 34.32  ? 53  VAL A CA  1 
ATOM   411  C C   . VAL A 1 53  ? 12.346  5.502   -11.229 1.00 35.56  ? 53  VAL A C   1 
ATOM   412  O O   . VAL A 1 53  ? 11.903  4.388   -11.534 1.00 40.33  ? 53  VAL A O   1 
ATOM   413  C CB  . VAL A 1 53  ? 13.862  5.218   -9.350  1.00 41.68  ? 53  VAL A CB  1 
ATOM   414  C CG1 . VAL A 1 53  ? 15.093  5.753   -10.087 1.00 43.94  ? 53  VAL A CG1 1 
ATOM   415  C CG2 . VAL A 1 53  ? 14.115  5.405   -7.859  1.00 41.84  ? 53  VAL A CG2 1 
ATOM   416  N N   . ARG A 1 54  ? 12.667  6.406   -12.075 1.00 28.55  ? 54  ARG A N   1 
ATOM   417  C CA  . ARG A 1 54  ? 12.385  6.218   -13.449 1.00 29.08  ? 54  ARG A CA  1 
ATOM   418  C C   . ARG A 1 54  ? 13.530  6.781   -14.291 1.00 40.58  ? 54  ARG A C   1 
ATOM   419  O O   . ARG A 1 54  ? 14.325  7.599   -13.819 1.00 38.64  ? 54  ARG A O   1 
ATOM   420  C CB  . ARG A 1 54  ? 11.054  6.880   -13.626 1.00 23.40  ? 54  ARG A CB  1 
ATOM   421  C CG  . ARG A 1 54  ? 10.514  6.673   -14.981 1.00 46.15  ? 54  ARG A CG  1 
ATOM   422  C CD  . ARG A 1 54  ? 9.041   6.392   -15.001 1.00 71.67  ? 54  ARG A CD  1 
ATOM   423  N NE  . ARG A 1 54  ? 8.449   7.092   -16.101 1.00 91.26  ? 54  ARG A NE  1 
ATOM   424  C CZ  . ARG A 1 54  ? 7.293   6.775   -16.702 1.00 100.00 ? 54  ARG A CZ  1 
ATOM   425  N NH1 . ARG A 1 54  ? 6.555   5.735   -16.294 1.00 43.94  ? 54  ARG A NH1 1 
ATOM   426  N NH2 . ARG A 1 54  ? 6.792   7.454   -17.744 1.00 100.00 ? 54  ARG A NH2 1 
ATOM   427  N N   . GLU A 1 55  ? 13.599  6.389   -15.428 1.00 40.61  ? 55  GLU A N   1 
ATOM   428  C CA  . GLU A 1 55  ? 14.592  6.624   -16.484 1.00 40.30  ? 55  GLU A CA  1 
ATOM   429  C C   . GLU A 1 55  ? 15.023  8.089   -16.507 1.00 38.96  ? 55  GLU A C   1 
ATOM   430  O O   . GLU A 1 55  ? 16.211  8.417   -16.446 1.00 38.20  ? 55  GLU A O   1 
ATOM   431  C CB  . GLU A 1 55  ? 13.993  6.305   -17.851 1.00 44.02  ? 55  GLU A CB  1 
ATOM   432  C CG  . GLU A 1 55  ? 15.013  6.331   -18.991 1.00 44.88  ? 55  GLU A CG  1 
ATOM   433  C CD  . GLU A 1 55  ? 14.394  5.902   -20.320 1.00 58.98  ? 55  GLU A CD  1 
ATOM   434  O OE1 . GLU A 1 55  ? 13.110  5.913   -20.460 1.00 52.32  ? 55  GLU A OE1 1 
ATOM   435  O OE2 . GLU A 1 55  ? 15.147  5.527   -21.295 1.00 48.28  ? 55  GLU A OE2 1 
ATOM   436  N N   . ASP A 1 56  ? 14.053  8.950   -16.600 1.00 40.17  ? 56  ASP A N   1 
ATOM   437  C CA  . ASP A 1 56  ? 14.324  10.375  -16.714 1.00 43.86  ? 56  ASP A CA  1 
ATOM   438  C C   . ASP A 1 56  ? 13.672  11.144  -15.575 1.00 42.42  ? 56  ASP A C   1 
ATOM   439  O O   . ASP A 1 56  ? 13.545  12.376  -15.641 1.00 43.14  ? 56  ASP A O   1 
ATOM   440  C CB  . ASP A 1 56  ? 13.751  10.855  -18.029 1.00 46.12  ? 56  ASP A CB  1 
ATOM   441  C CG  . ASP A 1 56  ? 12.365  10.274  -18.278 1.00 61.93  ? 56  ASP A CG  1 
ATOM   442  O OD1 . ASP A 1 56  ? 11.830  9.483   -17.407 1.00 58.67  ? 56  ASP A OD1 1 
ATOM   443  O OD2 . ASP A 1 56  ? 11.729  10.583  -19.351 1.00 91.61  ? 56  ASP A OD2 1 
ATOM   444  N N   . ALA A 1 57  ? 13.267  10.435  -14.539 1.00 34.19  ? 57  ALA A N   1 
ATOM   445  C CA  . ALA A 1 57  ? 12.570  11.088  -13.454 1.00 33.14  ? 57  ALA A CA  1 
ATOM   446  C C   . ALA A 1 57  ? 12.551  10.332  -12.147 1.00 29.98  ? 57  ALA A C   1 
ATOM   447  O O   . ALA A 1 57  ? 12.685  9.131   -12.074 1.00 27.47  ? 57  ALA A O   1 
ATOM   448  C CB  . ALA A 1 57  ? 11.131  11.258  -13.878 1.00 34.73  ? 57  ALA A CB  1 
ATOM   449  N N   . GLN A 1 58  ? 12.329  11.130  -11.105 1.00 20.50  ? 58  GLN A N   1 
ATOM   450  C CA  . GLN A 1 58  ? 12.184  10.602  -9.786  1.00 21.53  ? 58  GLN A CA  1 
ATOM   451  C C   . GLN A 1 58  ? 10.831  11.108  -9.307  1.00 24.61  ? 58  GLN A C   1 
ATOM   452  O O   . GLN A 1 58  ? 10.574  12.289  -9.360  1.00 27.50  ? 58  GLN A O   1 
ATOM   453  C CB  . GLN A 1 58  ? 13.310  11.017  -8.921  1.00 22.47  ? 58  GLN A CB  1 
ATOM   454  C CG  . GLN A 1 58  ? 14.466  10.111  -9.199  1.00 36.91  ? 58  GLN A CG  1 
ATOM   455  C CD  . GLN A 1 58  ? 15.637  10.560  -8.439  1.00 39.19  ? 58  GLN A CD  1 
ATOM   456  O OE1 . GLN A 1 58  ? 16.743  10.018  -8.620  1.00 55.30  ? 58  GLN A OE1 1 
ATOM   457  N NE2 . GLN A 1 58  ? 15.428  11.572  -7.595  1.00 35.80  ? 58  GLN A NE2 1 
ATOM   458  N N   . LEU A 1 59  ? 9.942   10.203  -8.929  1.00 23.37  ? 59  LEU A N   1 
ATOM   459  C CA  . LEU A 1 59  ? 8.603   10.643  -8.571  1.00 21.33  ? 59  LEU A CA  1 
ATOM   460  C C   . LEU A 1 59  ? 8.161   10.172  -7.240  1.00 22.30  ? 59  LEU A C   1 
ATOM   461  O O   . LEU A 1 59  ? 8.619   9.149   -6.770  1.00 21.58  ? 59  LEU A O   1 
ATOM   462  C CB  . LEU A 1 59  ? 7.594   10.010  -9.537  1.00 23.98  ? 59  LEU A CB  1 
ATOM   463  C CG  . LEU A 1 59  ? 7.846   10.391  -10.984 1.00 32.94  ? 59  LEU A CG  1 
ATOM   464  C CD1 . LEU A 1 59  ? 6.849   9.713   -11.896 1.00 36.15  ? 59  LEU A CD1 1 
ATOM   465  C CD2 . LEU A 1 59  ? 7.745   11.890  -11.101 1.00 35.96  ? 59  LEU A CD2 1 
ATOM   466  N N   . LEU A 1 60  ? 7.202   10.917  -6.684  1.00 19.53  ? 60  LEU A N   1 
ATOM   467  C CA  . LEU A 1 60  ? 6.604   10.540  -5.418  1.00 19.22  ? 60  LEU A CA  1 
ATOM   468  C C   . LEU A 1 60  ? 5.108   10.390  -5.607  1.00 15.46  ? 60  LEU A C   1 
ATOM   469  O O   . LEU A 1 60  ? 4.434   11.285  -6.095  1.00 15.28  ? 60  LEU A O   1 
ATOM   470  C CB  . LEU A 1 60  ? 6.799   11.649  -4.311  1.00 19.91  ? 60  LEU A CB  1 
ATOM   471  C CG  . LEU A 1 60  ? 8.170   11.742  -3.608  1.00 20.51  ? 60  LEU A CG  1 
ATOM   472  C CD1 . LEU A 1 60  ? 8.182   12.932  -2.623  1.00 18.97  ? 60  LEU A CD1 1 
ATOM   473  C CD2 . LEU A 1 60  ? 8.593   10.427  -2.942  1.00 19.12  ? 60  LEU A CD2 1 
ATOM   474  N N   . TYR A 1 61  ? 4.588   9.260   -5.205  1.00 13.74  ? 61  TYR A N   1 
ATOM   475  C CA  . TYR A 1 61  ? 3.165   8.948   -5.223  1.00 14.81  ? 61  TYR A CA  1 
ATOM   476  C C   . TYR A 1 61  ? 2.729   9.076   -3.758  1.00 16.97  ? 61  TYR A C   1 
ATOM   477  O O   . TYR A 1 61  ? 3.388   8.552   -2.941  1.00 19.72  ? 61  TYR A O   1 
ATOM   478  C CB  . TYR A 1 61  ? 2.933   7.502   -5.750  1.00 16.04  ? 61  TYR A CB  1 
ATOM   479  C CG  . TYR A 1 61  ? 2.979   7.528   -7.262  1.00 21.48  ? 61  TYR A CG  1 
ATOM   480  C CD1 . TYR A 1 61  ? 1.836   7.810   -8.010  1.00 22.99  ? 61  TYR A CD1 1 
ATOM   481  C CD2 . TYR A 1 61  ? 4.173   7.371   -7.962  1.00 23.94  ? 61  TYR A CD2 1 
ATOM   482  C CE1 . TYR A 1 61  ? 1.850   7.892   -9.403  1.00 25.55  ? 61  TYR A CE1 1 
ATOM   483  C CE2 . TYR A 1 61  ? 4.208   7.463   -9.361  1.00 23.63  ? 61  TYR A CE2 1 
ATOM   484  C CZ  . TYR A 1 61  ? 3.047   7.725   -10.094 1.00 32.08  ? 61  TYR A CZ  1 
ATOM   485  O OH  . TYR A 1 61  ? 3.069   7.772   -11.494 1.00 29.45  ? 61  TYR A OH  1 
ATOM   486  N N   . GLY A 1 62  ? 1.634   9.803   -3.439  1.00 17.06  ? 62  GLY A N   1 
ATOM   487  C CA  . GLY A 1 62  ? 1.212   9.981   -2.032  1.00 12.99  ? 62  GLY A CA  1 
ATOM   488  C C   . GLY A 1 62  ? -0.212  9.478   -1.750  1.00 18.16  ? 62  GLY A C   1 
ATOM   489  O O   . GLY A 1 62  ? -1.092  9.373   -2.626  1.00 16.54  ? 62  GLY A O   1 
ATOM   490  N N   . PHE A 1 63  ? -0.411  9.137   -0.507  1.00 18.18  ? 63  PHE A N   1 
ATOM   491  C CA  . PHE A 1 63  ? -1.644  8.608   0.003   1.00 18.61  ? 63  PHE A CA  1 
ATOM   492  C C   . PHE A 1 63  ? -1.956  9.196   1.357   1.00 23.95  ? 63  PHE A C   1 
ATOM   493  O O   . PHE A 1 63  ? -1.083  9.701   2.052   1.00 20.46  ? 63  PHE A O   1 
ATOM   494  C CB  . PHE A 1 63  ? -1.505  7.071   0.118   1.00 20.84  ? 63  PHE A CB  1 
ATOM   495  C CG  . PHE A 1 63  ? -0.920  6.536   -1.170  1.00 23.59  ? 63  PHE A CG  1 
ATOM   496  C CD1 . PHE A 1 63  ? -1.732  6.254   -2.275  1.00 23.90  ? 63  PHE A CD1 1 
ATOM   497  C CD2 . PHE A 1 63  ? 0.459   6.365   -1.294  1.00 23.33  ? 63  PHE A CD2 1 
ATOM   498  C CE1 . PHE A 1 63  ? -1.182  5.802   -3.475  1.00 22.70  ? 63  PHE A CE1 1 
ATOM   499  C CE2 . PHE A 1 63  ? 1.026   5.911   -2.484  1.00 24.57  ? 63  PHE A CE2 1 
ATOM   500  C CZ  . PHE A 1 63  ? 0.196   5.633   -3.572  1.00 20.86  ? 63  PHE A CZ  1 
ATOM   501  N N   . ASN A 1 64  ? -3.207  9.119   1.733   1.00 24.56  ? 64  ASN A N   1 
ATOM   502  C CA  . ASN A 1 64  ? -3.638  9.632   3.028   1.00 24.96  ? 64  ASN A CA  1 
ATOM   503  C C   . ASN A 1 64  ? -3.342  8.687   4.184   1.00 29.42  ? 64  ASN A C   1 
ATOM   504  O O   . ASN A 1 64  ? -3.207  9.118   5.314   1.00 26.69  ? 64  ASN A O   1 
ATOM   505  C CB  . ASN A 1 64  ? -5.069  10.194  3.034   1.00 26.06  ? 64  ASN A CB  1 
ATOM   506  C CG  . ASN A 1 64  ? -5.230  11.394  2.073   1.00 35.16  ? 64  ASN A CG  1 
ATOM   507  O OD1 . ASN A 1 64  ? -4.425  12.394  2.075   1.00 38.95  ? 64  ASN A OD1 1 
ATOM   508  N ND2 . ASN A 1 64  ? -6.281  11.298  1.260   1.00 35.00  ? 64  ASN A ND2 1 
ATOM   509  N N   . ASN A 1 65  ? -3.294  7.347   3.909   1.00 27.01  ? 65  ASN A N   1 
ATOM   510  C CA  . ASN A 1 65  ? -2.869  6.451   4.995   1.00 28.33  ? 65  ASN A CA  1 
ATOM   511  C C   . ASN A 1 65  ? -2.017  5.313   4.429   1.00 28.76  ? 65  ASN A C   1 
ATOM   512  O O   . ASN A 1 65  ? -1.926  5.132   3.207   1.00 28.41  ? 65  ASN A O   1 
ATOM   513  C CB  . ASN A 1 65  ? -4.088  5.871   5.708   1.00 28.25  ? 65  ASN A CB  1 
ATOM   514  C CG  . ASN A 1 65  ? -4.990  5.062   4.782   1.00 32.39  ? 65  ASN A CG  1 
ATOM   515  O OD1 . ASN A 1 65  ? -4.557  4.045   4.241   1.00 36.61  ? 65  ASN A OD1 1 
ATOM   516  N ND2 . ASN A 1 65  ? -6.229  5.460   4.567   1.00 29.31  ? 65  ASN A ND2 1 
ATOM   517  N N   . LYS A 1 66  ? -1.428  4.576   5.349   1.00 22.60  ? 66  LYS A N   1 
ATOM   518  C CA  . LYS A 1 66  ? -0.509  3.473   5.027   1.00 24.34  ? 66  LYS A CA  1 
ATOM   519  C C   . LYS A 1 66  ? -1.220  2.319   4.304   1.00 30.90  ? 66  LYS A C   1 
ATOM   520  O O   . LYS A 1 66  ? -0.609  1.584   3.520   1.00 31.61  ? 66  LYS A O   1 
ATOM   521  C CB  . LYS A 1 66  ? 0.135   2.927   6.305   1.00 24.17  ? 66  LYS A CB  1 
ATOM   522  C CG  . LYS A 1 66  ? 1.316   3.778   6.785   1.00 25.59  ? 66  LYS A CG  1 
ATOM   523  C CD  . LYS A 1 66  ? 2.258   3.028   7.730   1.00 43.82  ? 66  LYS A CD  1 
ATOM   524  C CE  . LYS A 1 66  ? 1.565   2.539   9.005   1.00 78.35  ? 66  LYS A CE  1 
ATOM   525  N NZ  . LYS A 1 66  ? 0.993   3.631   9.807   1.00 100.00 ? 66  LYS A NZ  1 
ATOM   526  N N   . GLN A 1 67  ? -2.503  2.165   4.563   1.00 27.74  ? 67  GLN A N   1 
ATOM   527  C CA  . GLN A 1 67  ? -3.283  1.069   3.957   1.00 34.05  ? 67  GLN A CA  1 
ATOM   528  C C   . GLN A 1 67  ? -3.382  1.250   2.435   1.00 31.02  ? 67  GLN A C   1 
ATOM   529  O O   . GLN A 1 67  ? -3.142  0.312   1.663   1.00 28.99  ? 67  GLN A O   1 
ATOM   530  C CB  . GLN A 1 67  ? -4.680  1.006   4.568   1.00 40.97  ? 67  GLN A CB  1 
ATOM   531  C CG  . GLN A 1 67  ? -4.662  0.565   6.036   1.00 89.52  ? 67  GLN A CG  1 
ATOM   532  C CD  . GLN A 1 67  ? -4.276  -0.907  6.230   1.00 100.00 ? 67  GLN A CD  1 
ATOM   533  O OE1 . GLN A 1 67  ? -5.120  -1.720  6.604   1.00 82.92  ? 67  GLN A OE1 1 
ATOM   534  N NE2 . GLN A 1 67  ? -3.037  -1.302  5.997   1.00 99.33  ? 67  GLN A NE2 1 
ATOM   535  N N   . GLU A 1 68  ? -3.735  2.456   2.030   1.00 21.76  ? 68  GLU A N   1 
ATOM   536  C CA  . GLU A 1 68  ? -3.871  2.794   0.603   1.00 23.23  ? 68  GLU A CA  1 
ATOM   537  C C   . GLU A 1 68  ? -2.516  2.657   -0.097  1.00 28.64  ? 68  GLU A C   1 
ATOM   538  O O   . GLU A 1 68  ? -2.435  2.205   -1.248  1.00 24.44  ? 68  GLU A O   1 
ATOM   539  C CB  . GLU A 1 68  ? -4.363  4.229   0.439   1.00 23.90  ? 68  GLU A CB  1 
ATOM   540  C CG  . GLU A 1 68  ? -5.707  4.482   1.119   1.00 26.63  ? 68  GLU A CG  1 
ATOM   541  C CD  . GLU A 1 68  ? -6.031  5.969   1.248   1.00 36.29  ? 68  GLU A CD  1 
ATOM   542  O OE1 . GLU A 1 68  ? -5.076  6.835   1.260   1.00 31.96  ? 68  GLU A OE1 1 
ATOM   543  O OE2 . GLU A 1 68  ? -7.257  6.350   1.342   1.00 44.25  ? 68  GLU A OE2 1 
ATOM   544  N N   . ARG A 1 69  ? -1.442  3.014   0.568   1.00 22.35  ? 69  ARG A N   1 
ATOM   545  C CA  . ARG A 1 69  ? -0.106  2.903   -0.007  1.00 26.24  ? 69  ARG A CA  1 
ATOM   546  C C   . ARG A 1 69  ? 0.247   1.436   -0.262  1.00 27.46  ? 69  ARG A C   1 
ATOM   547  O O   . ARG A 1 69  ? 0.820   1.051   -1.295  1.00 22.15  ? 69  ARG A O   1 
ATOM   548  C CB  . ARG A 1 69  ? 0.944   3.559   0.899   1.00 22.80  ? 69  ARG A CB  1 
ATOM   549  C CG  . ARG A 1 69  ? 2.285   3.684   0.199   1.00 25.68  ? 69  ARG A CG  1 
ATOM   550  C CD  . ARG A 1 69  ? 3.340   4.421   1.017   1.00 25.78  ? 69  ARG A CD  1 
ATOM   551  N NE  . ARG A 1 69  ? 3.510   3.828   2.333   1.00 23.73  ? 69  ARG A NE  1 
ATOM   552  C CZ  . ARG A 1 69  ? 4.356   4.288   3.253   1.00 36.00  ? 69  ARG A CZ  1 
ATOM   553  N NH1 . ARG A 1 69  ? 5.134   5.348   3.013   1.00 21.21  ? 69  ARG A NH1 1 
ATOM   554  N NH2 . ARG A 1 69  ? 4.428   3.661   4.440   1.00 25.44  ? 69  ARG A NH2 1 
ATOM   555  N N   . THR A 1 70  ? -0.112  0.621   0.702   1.00 23.51  ? 70  THR A N   1 
ATOM   556  C CA  . THR A 1 70  ? 0.132   -0.804  0.612   1.00 25.76  ? 70  THR A CA  1 
ATOM   557  C C   . THR A 1 70  ? -0.575  -1.388  -0.588  1.00 28.54  ? 70  THR A C   1 
ATOM   558  O O   . THR A 1 70  ? -0.025  -2.141  -1.360  1.00 28.75  ? 70  THR A O   1 
ATOM   559  C CB  . THR A 1 70  ? -0.329  -1.515  1.877   1.00 29.58  ? 70  THR A CB  1 
ATOM   560  O OG1 . THR A 1 70  ? 0.600   -1.221  2.860   1.00 31.91  ? 70  THR A OG1 1 
ATOM   561  C CG2 . THR A 1 70  ? -0.328  -3.016  1.650   1.00 27.76  ? 70  THR A CG2 1 
ATOM   562  N N   . LEU A 1 71  ? -1.813  -1.032  -0.717  1.00 24.37  ? 71  LEU A N   1 
ATOM   563  C CA  . LEU A 1 71  ? -2.622  -1.510  -1.812  1.00 26.76  ? 71  LEU A CA  1 
ATOM   564  C C   . LEU A 1 71  ? -1.969  -1.139  -3.150  1.00 36.53  ? 71  LEU A C   1 
ATOM   565  O O   . LEU A 1 71  ? -1.914  -1.943  -4.090  1.00 33.41  ? 71  LEU A O   1 
ATOM   566  C CB  . LEU A 1 71  ? -4.067  -0.957  -1.705  1.00 23.98  ? 71  LEU A CB  1 
ATOM   567  C CG  . LEU A 1 71  ? -4.900  -1.222  -2.935  1.00 31.28  ? 71  LEU A CG  1 
ATOM   568  C CD1 . LEU A 1 71  ? -5.069  -2.731  -3.091  1.00 32.58  ? 71  LEU A CD1 1 
ATOM   569  C CD2 . LEU A 1 71  ? -6.274  -0.545  -2.799  1.00 30.36  ? 71  LEU A CD2 1 
ATOM   570  N N   . PHE A 1 72  ? -1.472  0.116   -3.205  1.00 30.14  ? 72  PHE A N   1 
ATOM   571  C CA  . PHE A 1 72  ? -0.794  0.665   -4.376  1.00 24.99  ? 72  PHE A CA  1 
ATOM   572  C C   . PHE A 1 72  ? 0.469   -0.158  -4.655  1.00 25.02  ? 72  PHE A C   1 
ATOM   573  O O   . PHE A 1 72  ? 0.695   -0.631  -5.770  1.00 25.76  ? 72  PHE A O   1 
ATOM   574  C CB  . PHE A 1 72  ? -0.450  2.147   -4.138  1.00 23.06  ? 72  PHE A CB  1 
ATOM   575  C CG  . PHE A 1 72  ? 0.317   2.815   -5.265  1.00 21.01  ? 72  PHE A CG  1 
ATOM   576  C CD1 . PHE A 1 72  ? -0.357  3.389   -6.342  1.00 19.59  ? 72  PHE A CD1 1 
ATOM   577  C CD2 . PHE A 1 72  ? 1.712   2.880   -5.233  1.00 25.98  ? 72  PHE A CD2 1 
ATOM   578  C CE1 . PHE A 1 72  ? 0.346   4.010   -7.375  1.00 19.19  ? 72  PHE A CE1 1 
ATOM   579  C CE2 . PHE A 1 72  ? 2.435   3.499   -6.253  1.00 21.38  ? 72  PHE A CE2 1 
ATOM   580  C CZ  . PHE A 1 72  ? 1.740   4.062   -7.320  1.00 14.67  ? 72  PHE A CZ  1 
ATOM   581  N N   . LYS A 1 73  ? 1.271   -0.321  -3.615  1.00 20.24  ? 73  LYS A N   1 
ATOM   582  C CA  . LYS A 1 73  ? 2.483   -1.079  -3.714  1.00 22.87  ? 73  LYS A CA  1 
ATOM   583  C C   . LYS A 1 73  ? 2.199   -2.479  -4.259  1.00 31.89  ? 73  LYS A C   1 
ATOM   584  O O   . LYS A 1 73  ? 2.902   -3.000  -5.109  1.00 27.32  ? 73  LYS A O   1 
ATOM   585  C CB  . LYS A 1 73  ? 3.151   -1.163  -2.370  1.00 25.00  ? 73  LYS A CB  1 
ATOM   586  C CG  . LYS A 1 73  ? 3.749   0.182   -1.992  1.00 31.97  ? 73  LYS A CG  1 
ATOM   587  C CD  . LYS A 1 73  ? 4.730   0.126   -0.817  1.00 42.00  ? 73  LYS A CD  1 
ATOM   588  C CE  . LYS A 1 73  ? 5.642   1.359   -0.802  1.00 59.54  ? 73  LYS A CE  1 
ATOM   589  N NZ  . LYS A 1 73  ? 6.170   1.710   0.515   1.00 70.66  ? 73  LYS A NZ  1 
ATOM   590  N N   . GLU A 1 74  ? 1.134   -3.058  -3.747  1.00 31.98  ? 74  GLU A N   1 
ATOM   591  C CA  . GLU A 1 74  ? 0.687   -4.369  -4.121  1.00 27.96  ? 74  GLU A CA  1 
ATOM   592  C C   . GLU A 1 74  ? 0.326   -4.437  -5.579  1.00 30.10  ? 74  GLU A C   1 
ATOM   593  O O   . GLU A 1 74  ? 0.752   -5.329  -6.296  1.00 31.87  ? 74  GLU A O   1 
ATOM   594  C CB  . GLU A 1 74  ? -0.492  -4.821  -3.247  1.00 29.08  ? 74  GLU A CB  1 
ATOM   595  C CG  . GLU A 1 74  ? 0.012   -5.325  -1.869  1.00 37.71  ? 74  GLU A CG  1 
ATOM   596  C CD  . GLU A 1 74  ? 1.231   -6.244  -1.981  1.00 82.76  ? 74  GLU A CD  1 
ATOM   597  O OE1 . GLU A 1 74  ? 1.251   -7.260  -2.678  1.00 84.88  ? 74  GLU A OE1 1 
ATOM   598  O OE2 . GLU A 1 74  ? 2.268   -5.834  -1.257  1.00 88.43  ? 74  GLU A OE2 1 
ATOM   599  N N   . LEU A 1 75  ? -0.470  -3.490  -6.008  1.00 26.38  ? 75  LEU A N   1 
ATOM   600  C CA  . LEU A 1 75  ? -0.903  -3.408  -7.391  1.00 24.83  ? 75  LEU A CA  1 
ATOM   601  C C   . LEU A 1 75  ? 0.268   -3.318  -8.374  1.00 38.67  ? 75  LEU A C   1 
ATOM   602  O O   . LEU A 1 75  ? 0.337   -4.016  -9.393  1.00 38.33  ? 75  LEU A O   1 
ATOM   603  C CB  . LEU A 1 75  ? -1.734  -2.176  -7.586  1.00 23.65  ? 75  LEU A CB  1 
ATOM   604  C CG  . LEU A 1 75  ? -3.130  -2.272  -7.056  1.00 28.72  ? 75  LEU A CG  1 
ATOM   605  C CD1 . LEU A 1 75  ? -3.797  -0.913  -7.251  1.00 30.22  ? 75  LEU A CD1 1 
ATOM   606  C CD2 . LEU A 1 75  ? -3.878  -3.277  -7.901  1.00 42.04  ? 75  LEU A CD2 1 
ATOM   607  N N   . ILE A 1 76  ? 1.204   -2.428  -8.074  1.00 30.45  ? 76  ILE A N   1 
ATOM   608  C CA  . ILE A 1 76  ? 2.315   -2.264  -8.958  1.00 27.89  ? 76  ILE A CA  1 
ATOM   609  C C   . ILE A 1 76  ? 3.275   -3.455  -9.063  1.00 37.63  ? 76  ILE A C   1 
ATOM   610  O O   . ILE A 1 76  ? 3.949   -3.574  -10.027 1.00 40.06  ? 76  ILE A O   1 
ATOM   611  C CB  . ILE A 1 76  ? 3.049   -0.958  -8.806  1.00 27.31  ? 76  ILE A CB  1 
ATOM   612  C CG1 . ILE A 1 76  ? 3.816   -0.944  -7.507  1.00 27.05  ? 76  ILE A CG1 1 
ATOM   613  C CG2 . ILE A 1 76  ? 2.093   0.218   -8.905  1.00 19.13  ? 76  ILE A CG2 1 
ATOM   614  C CD1 . ILE A 1 76  ? 4.514   0.392   -7.312  1.00 33.32  ? 76  ILE A CD1 1 
ATOM   615  N N   . LYS A 1 77  ? 3.285   -4.341  -8.033  1.00 43.24  ? 77  LYS A N   1 
ATOM   616  C CA  . LYS A 1 77  ? 4.181   -5.516  -8.058  1.00 40.91  ? 77  LYS A CA  1 
ATOM   617  C C   . LYS A 1 77  ? 3.761   -6.503  -9.152  1.00 48.34  ? 77  LYS A C   1 
ATOM   618  O O   . LYS A 1 77  ? 4.567   -7.347  -9.577  1.00 55.39  ? 77  LYS A O   1 
ATOM   619  C CB  . LYS A 1 77  ? 4.299   -6.239  -6.716  1.00 43.47  ? 77  LYS A CB  1 
ATOM   620  C CG  . LYS A 1 77  ? 5.656   -6.057  -6.026  1.00 76.34  ? 77  LYS A CG  1 
ATOM   621  C CD  . LYS A 1 77  ? 5.704   -4.848  -5.088  1.00 100.00 ? 77  LYS A CD  1 
ATOM   622  C CE  . LYS A 1 77  ? 5.800   -3.493  -5.814  1.00 100.00 ? 77  LYS A CE  1 
ATOM   623  N NZ  . LYS A 1 77  ? 5.463   -2.325  -4.960  1.00 99.51  ? 77  LYS A NZ  1 
ATOM   624  N N   . THR A 1 78  ? 2.533   -6.378  -9.633  1.00 35.12  ? 78  THR A N   1 
ATOM   625  C CA  . THR A 1 78  ? 2.093   -7.252  -10.682 1.00 29.21  ? 78  THR A CA  1 
ATOM   626  C C   . THR A 1 78  ? 2.716   -6.867  -12.009 1.00 43.80  ? 78  THR A C   1 
ATOM   627  O O   . THR A 1 78  ? 3.102   -5.717  -12.224 1.00 44.02  ? 78  THR A O   1 
ATOM   628  C CB  . THR A 1 78  ? 0.600   -7.232  -10.858 1.00 32.11  ? 78  THR A CB  1 
ATOM   629  O OG1 . THR A 1 78  ? 0.308   -6.123  -11.686 1.00 40.09  ? 78  THR A OG1 1 
ATOM   630  C CG2 . THR A 1 78  ? -0.088  -7.140  -9.492  1.00 45.92  ? 78  THR A CG2 1 
ATOM   631  N N   . ASN A 1 79  ? 2.767   -7.865  -12.906 1.00 41.80  ? 79  ASN A N   1 
ATOM   632  C CA  . ASN A 1 79  ? 3.345   -7.728  -14.236 1.00 42.16  ? 79  ASN A CA  1 
ATOM   633  C C   . ASN A 1 79  ? 2.620   -6.781  -15.134 1.00 34.48  ? 79  ASN A C   1 
ATOM   634  O O   . ASN A 1 79  ? 3.222   -6.106  -15.980 1.00 31.88  ? 79  ASN A O   1 
ATOM   635  C CB  . ASN A 1 79  ? 3.487   -9.088  -14.961 1.00 53.31  ? 79  ASN A CB  1 
ATOM   636  C CG  . ASN A 1 79  ? 4.754   -9.856  -14.627 1.00 52.38  ? 79  ASN A CG  1 
ATOM   637  O OD1 . ASN A 1 79  ? 4.869   -11.051 -14.925 1.00 58.57  ? 79  ASN A OD1 1 
ATOM   638  N ND2 . ASN A 1 79  ? 5.700   -9.204  -14.003 1.00 47.83  ? 79  ASN A ND2 1 
ATOM   639  N N   . GLY A 1 80  ? 1.342   -6.763  -14.985 1.00 30.19  ? 80  GLY A N   1 
ATOM   640  C CA  . GLY A 1 80  ? 0.546   -5.918  -15.862 1.00 31.71  ? 80  GLY A CA  1 
ATOM   641  C C   . GLY A 1 80  ? 0.282   -4.485  -15.371 1.00 38.55  ? 80  GLY A C   1 
ATOM   642  O O   . GLY A 1 80  ? -0.151  -3.634  -16.177 1.00 34.25  ? 80  GLY A O   1 
ATOM   643  N N   . VAL A 1 81  ? 0.498   -4.224  -14.071 1.00 33.77  ? 81  VAL A N   1 
ATOM   644  C CA  . VAL A 1 81  ? 0.204   -2.888  -13.576 1.00 31.06  ? 81  VAL A CA  1 
ATOM   645  C C   . VAL A 1 81  ? 1.432   -2.091  -13.175 1.00 28.23  ? 81  VAL A C   1 
ATOM   646  O O   . VAL A 1 81  ? 2.298   -2.593  -12.486 1.00 29.40  ? 81  VAL A O   1 
ATOM   647  C CB  . VAL A 1 81  ? -0.827  -2.944  -12.453 1.00 34.53  ? 81  VAL A CB  1 
ATOM   648  C CG1 . VAL A 1 81  ? -1.159  -1.536  -11.936 1.00 36.26  ? 81  VAL A CG1 1 
ATOM   649  C CG2 . VAL A 1 81  ? -2.117  -3.580  -12.973 1.00 31.03  ? 81  VAL A CG2 1 
ATOM   650  N N   . GLY A 1 82  ? 1.461   -0.829  -13.643 1.00 29.67  ? 82  GLY A N   1 
ATOM   651  C CA  . GLY A 1 82  ? 2.516   0.131   -13.348 1.00 28.05  ? 82  GLY A CA  1 
ATOM   652  C C   . GLY A 1 82  ? 1.907   1.288   -12.517 1.00 26.60  ? 82  GLY A C   1 
ATOM   653  O O   . GLY A 1 82  ? 0.689   1.363   -12.324 1.00 23.64  ? 82  GLY A O   1 
ATOM   654  N N   . PRO A 1 83  ? 2.749   2.193   -12.025 1.00 27.47  ? 83  PRO A N   1 
ATOM   655  C CA  . PRO A 1 83  ? 2.297   3.330   -11.201 1.00 25.69  ? 83  PRO A CA  1 
ATOM   656  C C   . PRO A 1 83  ? 1.218   4.192   -11.823 1.00 23.02  ? 83  PRO A C   1 
ATOM   657  O O   . PRO A 1 83  ? 0.221   4.599   -11.184 1.00 20.36  ? 83  PRO A O   1 
ATOM   658  C CB  . PRO A 1 83  ? 3.555   4.160   -10.941 1.00 28.80  ? 83  PRO A CB  1 
ATOM   659  C CG  . PRO A 1 83  ? 4.746   3.260   -11.226 1.00 32.36  ? 83  PRO A CG  1 
ATOM   660  C CD  . PRO A 1 83  ? 4.231   2.064   -12.013 1.00 28.13  ? 83  PRO A CD  1 
ATOM   661  N N   . LYS A 1 84  ? 1.385   4.497   -13.082 1.00 17.79  ? 84  LYS A N   1 
ATOM   662  C CA  . LYS A 1 84  ? 0.378   5.309   -13.706 1.00 17.72  ? 84  LYS A CA  1 
ATOM   663  C C   . LYS A 1 84  ? -0.988  4.646   -13.748 1.00 28.64  ? 84  LYS A C   1 
ATOM   664  O O   . LYS A 1 84  ? -2.021  5.273   -13.534 1.00 29.12  ? 84  LYS A O   1 
ATOM   665  C CB  . LYS A 1 84  ? 0.787   5.818   -15.057 1.00 16.67  ? 84  LYS A CB  1 
ATOM   666  C CG  . LYS A 1 84  ? 1.966   6.757   -14.985 1.00 27.59  ? 84  LYS A CG  1 
ATOM   667  C CD  . LYS A 1 84  ? 2.477   7.137   -16.372 1.00 40.26  ? 84  LYS A CD  1 
ATOM   668  C CE  . LYS A 1 84  ? 3.379   8.346   -16.375 1.00 48.85  ? 84  LYS A CE  1 
ATOM   669  N NZ  . LYS A 1 84  ? 3.692   8.800   -17.731 1.00 58.97  ? 84  LYS A NZ  1 
ATOM   670  N N   . LEU A 1 85  ? -1.029  3.362   -14.026 1.00 27.46  ? 85  LEU A N   1 
ATOM   671  C CA  . LEU A 1 85  ? -2.325  2.722   -14.063 1.00 24.79  ? 85  LEU A CA  1 
ATOM   672  C C   . LEU A 1 85  ? -2.844  2.531   -12.657 1.00 19.28  ? 85  LEU A C   1 
ATOM   673  O O   . LEU A 1 85  ? -4.025  2.668   -12.392 1.00 25.32  ? 85  LEU A O   1 
ATOM   674  C CB  . LEU A 1 85  ? -2.274  1.402   -14.813 1.00 28.31  ? 85  LEU A CB  1 
ATOM   675  C CG  . LEU A 1 85  ? -3.648  0.898   -15.250 1.00 35.86  ? 85  LEU A CG  1 
ATOM   676  C CD1 . LEU A 1 85  ? -4.386  1.963   -16.051 1.00 31.39  ? 85  LEU A CD1 1 
ATOM   677  C CD2 . LEU A 1 85  ? -3.451  -0.355  -16.099 1.00 50.30  ? 85  LEU A CD2 1 
ATOM   678  N N   . ALA A 1 86  ? -1.935  2.214   -11.736 1.00 20.04  ? 86  ALA A N   1 
ATOM   679  C CA  . ALA A 1 86  ? -2.371  2.054   -10.351 1.00 18.52  ? 86  ALA A CA  1 
ATOM   680  C C   . ALA A 1 86  ? -3.029  3.356   -9.875  1.00 24.22  ? 86  ALA A C   1 
ATOM   681  O O   . ALA A 1 86  ? -4.048  3.357   -9.197  1.00 25.43  ? 86  ALA A O   1 
ATOM   682  C CB  . ALA A 1 86  ? -1.233  1.664   -9.466  1.00 18.83  ? 86  ALA A CB  1 
ATOM   683  N N   . LEU A 1 87  ? -2.461  4.492   -10.268 1.00 23.89  ? 87  LEU A N   1 
ATOM   684  C CA  . LEU A 1 87  ? -3.038  5.768   -9.889  1.00 24.19  ? 87  LEU A CA  1 
ATOM   685  C C   . LEU A 1 87  ? -4.419  5.959   -10.516 1.00 29.01  ? 87  LEU A C   1 
ATOM   686  O O   . LEU A 1 87  ? -5.311  6.553   -9.924  1.00 24.11  ? 87  LEU A O   1 
ATOM   687  C CB  . LEU A 1 87  ? -2.109  6.925   -10.270 1.00 25.75  ? 87  LEU A CB  1 
ATOM   688  C CG  . LEU A 1 87  ? -2.552  8.273   -9.710  1.00 31.94  ? 87  LEU A CG  1 
ATOM   689  C CD1 . LEU A 1 87  ? -1.367  8.984   -9.105  1.00 31.94  ? 87  LEU A CD1 1 
ATOM   690  C CD2 . LEU A 1 87  ? -3.095  9.128   -10.834 1.00 33.75  ? 87  LEU A CD2 1 
ATOM   691  N N   . ALA A 1 88  ? -4.597  5.448   -11.737 1.00 29.97  ? 88  ALA A N   1 
ATOM   692  C CA  . ALA A 1 88  ? -5.891  5.566   -12.408 1.00 28.00  ? 88  ALA A CA  1 
ATOM   693  C C   . ALA A 1 88  ? -6.913  4.646   -11.734 1.00 28.86  ? 88  ALA A C   1 
ATOM   694  O O   . ALA A 1 88  ? -8.062  5.049   -11.479 1.00 32.28  ? 88  ALA A O   1 
ATOM   695  C CB  . ALA A 1 88  ? -5.797  5.409   -13.929 1.00 27.15  ? 88  ALA A CB  1 
ATOM   696  N N   . ILE A 1 89  ? -6.494  3.422   -11.380 1.00 20.32  ? 89  ILE A N   1 
ATOM   697  C CA  . ILE A 1 89  ? -7.417  2.524   -10.689 1.00 22.25  ? 89  ILE A CA  1 
ATOM   698  C C   . ILE A 1 89  ? -7.979  3.145   -9.375  1.00 30.13  ? 89  ILE A C   1 
ATOM   699  O O   . ILE A 1 89  ? -9.156  3.053   -9.054  1.00 30.28  ? 89  ILE A O   1 
ATOM   700  C CB  . ILE A 1 89  ? -6.720  1.245   -10.384 1.00 25.41  ? 89  ILE A CB  1 
ATOM   701  C CG1 . ILE A 1 89  ? -6.538  0.487   -11.667 1.00 27.87  ? 89  ILE A CG1 1 
ATOM   702  C CG2 . ILE A 1 89  ? -7.544  0.413   -9.419  1.00 23.90  ? 89  ILE A CG2 1 
ATOM   703  C CD1 . ILE A 1 89  ? -5.436  -0.541  -11.544 1.00 36.75  ? 89  ILE A CD1 1 
ATOM   704  N N   . LEU A 1 90  ? -7.111  3.778   -8.619  1.00 25.33  ? 90  LEU A N   1 
ATOM   705  C CA  . LEU A 1 90  ? -7.480  4.403   -7.360  1.00 23.32  ? 90  LEU A CA  1 
ATOM   706  C C   . LEU A 1 90  ? -8.049  5.822   -7.504  1.00 27.50  ? 90  LEU A C   1 
ATOM   707  O O   . LEU A 1 90  ? -8.338  6.495   -6.516  1.00 27.94  ? 90  LEU A O   1 
ATOM   708  C CB  . LEU A 1 90  ? -6.320  4.378   -6.373  1.00 24.06  ? 90  LEU A CB  1 
ATOM   709  C CG  . LEU A 1 90  ? -6.016  2.964   -5.982  1.00 28.44  ? 90  LEU A CG  1 
ATOM   710  C CD1 . LEU A 1 90  ? -4.815  2.928   -5.021  1.00 29.25  ? 90  LEU A CD1 1 
ATOM   711  C CD2 . LEU A 1 90  ? -7.244  2.366   -5.333  1.00 28.23  ? 90  LEU A CD2 1 
ATOM   712  N N   . SER A 1 91  ? -8.263  6.253   -8.733  1.00 21.93  ? 91  SER A N   1 
ATOM   713  C CA  . SER A 1 91  ? -8.855  7.533   -8.982  1.00 20.19  ? 91  SER A CA  1 
ATOM   714  C C   . SER A 1 91  ? -10.304 7.280   -9.380  1.00 34.95  ? 91  SER A C   1 
ATOM   715  O O   . SER A 1 91  ? -11.164 8.115   -9.189  1.00 37.03  ? 91  SER A O   1 
ATOM   716  C CB  . SER A 1 91  ? -8.187  8.304   -10.066 1.00 22.94  ? 91  SER A CB  1 
ATOM   717  O OG  . SER A 1 91  ? -6.847  8.435   -9.728  1.00 28.10  ? 91  SER A OG  1 
ATOM   718  N N   . GLY A 1 92  ? -10.552 6.096   -9.953  1.00 34.86  ? 92  GLY A N   1 
ATOM   719  C CA  . GLY A 1 92  ? -11.900 5.702   -10.378 1.00 33.96  ? 92  GLY A CA  1 
ATOM   720  C C   . GLY A 1 92  ? -12.668 5.108   -9.195  1.00 34.24  ? 92  GLY A C   1 
ATOM   721  O O   . GLY A 1 92  ? -13.882 5.264   -9.044  1.00 35.23  ? 92  GLY A O   1 
ATOM   722  N N   . MET A 1 93  ? -11.932 4.425   -8.344  1.00 29.72  ? 93  MET A N   1 
ATOM   723  C CA  . MET A 1 93  ? -12.517 3.841   -7.170  1.00 31.44  ? 93  MET A CA  1 
ATOM   724  C C   . MET A 1 93  ? -11.627 3.979   -5.976  1.00 34.67  ? 93  MET A C   1 
ATOM   725  O O   . MET A 1 93  ? -10.406 4.183   -6.126  1.00 33.47  ? 93  MET A O   1 
ATOM   726  C CB  . MET A 1 93  ? -13.052 2.422   -7.332  1.00 37.39  ? 93  MET A CB  1 
ATOM   727  C CG  . MET A 1 93  ? -12.059 1.361   -7.744  1.00 44.66  ? 93  MET A CG  1 
ATOM   728  S SD  . MET A 1 93  ? -12.894 -0.265  -7.873  1.00 50.35  ? 93  MET A SD  1 
ATOM   729  C CE  . MET A 1 93  ? -14.109 0.141   -9.152  1.00 51.77  ? 93  MET A CE  1 
ATOM   730  N N   . SER A 1 94  ? -12.245 3.895   -4.781  1.00 28.29  ? 94  SER A N   1 
ATOM   731  C CA  . SER A 1 94  ? -11.514 4.007   -3.516  1.00 26.93  ? 94  SER A CA  1 
ATOM   732  C C   . SER A 1 94  ? -10.865 2.670   -3.144  1.00 29.25  ? 94  SER A C   1 
ATOM   733  O O   . SER A 1 94  ? -11.259 1.629   -3.659  1.00 31.70  ? 94  SER A O   1 
ATOM   734  C CB  . SER A 1 94  ? -12.374 4.558   -2.389  1.00 30.08  ? 94  SER A CB  1 
ATOM   735  O OG  . SER A 1 94  ? -13.226 3.530   -1.892  1.00 34.65  ? 94  SER A OG  1 
ATOM   736  N N   . ALA A 1 95  ? -9.861  2.692   -2.259  1.00 27.67  ? 95  ALA A N   1 
ATOM   737  C CA  . ALA A 1 95  ? -9.194  1.454   -1.876  1.00 26.75  ? 95  ALA A CA  1 
ATOM   738  C C   . ALA A 1 95  ? -10.205 0.389   -1.481  1.00 35.82  ? 95  ALA A C   1 
ATOM   739  O O   . ALA A 1 95  ? -10.096 -0.801  -1.846  1.00 36.62  ? 95  ALA A O   1 
ATOM   740  C CB  . ALA A 1 95  ? -8.179  1.686   -0.784  1.00 26.72  ? 95  ALA A CB  1 
ATOM   741  N N   . GLN A 1 96  ? -11.207 0.854   -0.721  1.00 36.30  ? 96  GLN A N   1 
ATOM   742  C CA  . GLN A 1 96  ? -12.307 0.024   -0.229  1.00 37.44  ? 96  GLN A CA  1 
ATOM   743  C C   . GLN A 1 96  ? -13.079 -0.645  -1.375  1.00 37.93  ? 96  GLN A C   1 
ATOM   744  O O   . GLN A 1 96  ? -13.166 -1.877  -1.452  1.00 35.19  ? 96  GLN A O   1 
ATOM   745  C CB  . GLN A 1 96  ? -13.274 0.848   0.633   1.00 38.47  ? 96  GLN A CB  1 
ATOM   746  C CG  . GLN A 1 96  ? -14.396 -0.030  1.139   1.00 59.23  ? 96  GLN A CG  1 
ATOM   747  C CD  . GLN A 1 96  ? -13.846 -1.158  1.976   1.00 78.27  ? 96  GLN A CD  1 
ATOM   748  O OE1 . GLN A 1 96  ? -13.830 -2.314  1.554   1.00 70.28  ? 96  GLN A OE1 1 
ATOM   749  N NE2 . GLN A 1 96  ? -13.374 -0.825  3.171   1.00 100.00 ? 96  GLN A NE2 1 
ATOM   750  N N   . GLN A 1 97  ? -13.526 0.086   -2.174  1.00 33.52  ? 97  GLN A N   1 
ATOM   751  C CA  . GLN A 1 97  ? -14.295 -0.421  -3.315  1.00 33.26  ? 97  GLN A CA  1 
ATOM   752  C C   . GLN A 1 97  ? -13.441 -1.370  -4.148  1.00 39.55  ? 97  GLN A C   1 
ATOM   753  O O   . GLN A 1 97  ? -13.930 -2.395  -4.642  1.00 42.60  ? 97  GLN A O   1 
ATOM   754  C CB  . GLN A 1 97  ? -14.730 0.735   -4.192  1.00 36.45  ? 97  GLN A CB  1 
ATOM   755  C CG  . GLN A 1 97  ? -15.577 1.751   -3.438  1.00 63.59  ? 97  GLN A CG  1 
ATOM   756  C CD  . GLN A 1 97  ? -16.110 2.845   -4.350  1.00 85.53  ? 97  GLN A CD  1 
ATOM   757  O OE1 . GLN A 1 97  ? -17.293 3.173   -4.285  1.00 71.33  ? 97  GLN A OE1 1 
ATOM   758  N NE2 . GLN A 1 97  ? -15.296 3.430   -5.206  1.00 100.00 ? 97  GLN A NE2 1 
ATOM   759  N N   . PHE A 1 98  ? -12.251 -0.901  -4.407  1.00 32.53  ? 98  PHE A N   1 
ATOM   760  C CA  . PHE A 1 98  ? -11.369 -1.743  -5.163  1.00 27.96  ? 98  PHE A CA  1 
ATOM   761  C C   . PHE A 1 98  ? -11.251 -3.076  -4.518  1.00 34.10  ? 98  PHE A C   1 
ATOM   762  O O   . PHE A 1 98  ? -11.375 -4.096  -5.161  1.00 34.43  ? 98  PHE A O   1 
ATOM   763  C CB  . PHE A 1 98  ? -9.993  -1.141  -5.377  1.00 25.94  ? 98  PHE A CB  1 
ATOM   764  C CG  . PHE A 1 98  ? -9.127  -2.087  -6.133  1.00 27.54  ? 98  PHE A CG  1 
ATOM   765  C CD1 . PHE A 1 98  ? -9.273  -2.255  -7.517  1.00 28.34  ? 98  PHE A CD1 1 
ATOM   766  C CD2 . PHE A 1 98  ? -8.159  -2.831  -5.464  1.00 28.95  ? 98  PHE A CD2 1 
ATOM   767  C CE1 . PHE A 1 98  ? -8.450  -3.144  -8.219  1.00 26.71  ? 98  PHE A CE1 1 
ATOM   768  C CE2 . PHE A 1 98  ? -7.326  -3.721  -6.147  1.00 30.64  ? 98  PHE A CE2 1 
ATOM   769  C CZ  . PHE A 1 98  ? -7.478  -3.873  -7.529  1.00 26.51  ? 98  PHE A CZ  1 
ATOM   770  N N   . VAL A 1 99  ? -11.003 -3.063  -3.228  1.00 31.65  ? 99  VAL A N   1 
ATOM   771  C CA  . VAL A 1 99  ? -10.875 -4.290  -2.510  1.00 30.66  ? 99  VAL A CA  1 
ATOM   772  C C   . VAL A 1 99  ? -12.148 -5.135  -2.642  1.00 38.13  ? 99  VAL A C   1 
ATOM   773  O O   . VAL A 1 99  ? -12.101 -6.345  -2.811  1.00 37.93  ? 99  VAL A O   1 
ATOM   774  C CB  . VAL A 1 99  ? -10.484 -4.049  -1.091  1.00 34.09  ? 99  VAL A CB  1 
ATOM   775  C CG1 . VAL A 1 99  ? -10.522 -5.361  -0.350  1.00 32.85  ? 99  VAL A CG1 1 
ATOM   776  C CG2 . VAL A 1 99  ? -9.066  -3.495  -1.087  1.00 33.96  ? 99  VAL A CG2 1 
ATOM   777  N N   . ASN A 1 100 ? -13.297 -4.497  -2.596  1.00 34.14  ? 100 ASN A N   1 
ATOM   778  C CA  . ASN A 1 100 ? -14.551 -5.237  -2.737  1.00 34.81  ? 100 ASN A CA  1 
ATOM   779  C C   . ASN A 1 100 ? -14.638 -5.914  -4.106  1.00 44.49  ? 100 ASN A C   1 
ATOM   780  O O   . ASN A 1 100 ? -14.875 -7.110  -4.200  1.00 47.63  ? 100 ASN A O   1 
ATOM   781  C CB  . ASN A 1 100 ? -15.776 -4.328  -2.518  1.00 33.30  ? 100 ASN A CB  1 
ATOM   782  C CG  . ASN A 1 100 ? -15.909 -3.859  -1.087  1.00 81.86  ? 100 ASN A CG  1 
ATOM   783  O OD1 . ASN A 1 100 ? -15.442 -4.549  -0.160  1.00 74.34  ? 100 ASN A OD1 1 
ATOM   784  N ND2 . ASN A 1 100 ? -16.504 -2.667  -0.899  1.00 82.78  ? 100 ASN A ND2 1 
ATOM   785  N N   . ALA A 1 101 ? -14.436 -5.109  -5.163  1.00 37.98  ? 101 ALA A N   1 
ATOM   786  C CA  . ALA A 1 101 ? -14.485 -5.569  -6.559  1.00 36.67  ? 101 ALA A CA  1 
ATOM   787  C C   . ALA A 1 101 ? -13.703 -6.842  -6.773  1.00 37.55  ? 101 ALA A C   1 
ATOM   788  O O   . ALA A 1 101 ? -14.171 -7.765  -7.403  1.00 38.58  ? 101 ALA A O   1 
ATOM   789  C CB  . ALA A 1 101 ? -14.036 -4.477  -7.515  1.00 35.98  ? 101 ALA A CB  1 
ATOM   790  N N   . VAL A 1 102 ? -12.509 -6.866  -6.229  1.00 33.22  ? 102 VAL A N   1 
ATOM   791  C CA  . VAL A 1 102 ? -11.629 -7.996  -6.299  1.00 33.14  ? 102 VAL A CA  1 
ATOM   792  C C   . VAL A 1 102 ? -12.204 -9.199  -5.562  1.00 36.29  ? 102 VAL A C   1 
ATOM   793  O O   . VAL A 1 102 ? -12.216 -10.305 -6.069  1.00 37.85  ? 102 VAL A O   1 
ATOM   794  C CB  . VAL A 1 102 ? -10.305 -7.676  -5.640  1.00 35.09  ? 102 VAL A CB  1 
ATOM   795  C CG1 . VAL A 1 102 ? -9.529  -8.970  -5.400  1.00 32.68  ? 102 VAL A CG1 1 
ATOM   796  C CG2 . VAL A 1 102 ? -9.519  -6.701  -6.485  1.00 34.74  ? 102 VAL A CG2 1 
ATOM   797  N N   . GLU A 1 103 ? -12.646 -8.970  -4.336  1.00 31.69  ? 103 GLU A N   1 
ATOM   798  C CA  . GLU A 1 103 ? -13.196 -10.039 -3.529  1.00 31.81  ? 103 GLU A CA  1 
ATOM   799  C C   . GLU A 1 103 ? -14.435 -10.631 -4.188  1.00 33.06  ? 103 GLU A C   1 
ATOM   800  O O   . GLU A 1 103 ? -14.622 -11.855 -4.260  1.00 35.84  ? 103 GLU A O   1 
ATOM   801  C CB  . GLU A 1 103 ? -13.531 -9.583  -2.074  1.00 32.90  ? 103 GLU A CB  1 
ATOM   802  C CG  . GLU A 1 103 ? -12.333 -9.217  -1.186  1.00 37.50  ? 103 GLU A CG  1 
ATOM   803  C CD  . GLU A 1 103 ? -11.367 -10.352 -1.003  1.00 59.66  ? 103 GLU A CD  1 
ATOM   804  O OE1 . GLU A 1 103 ? -11.444 -11.382 -1.603  1.00 57.35  ? 103 GLU A OE1 1 
ATOM   805  O OE2 . GLU A 1 103 ? -10.445 -10.117 -0.113  1.00 67.45  ? 103 GLU A OE2 1 
ATOM   806  N N   . ARG A 1 104 ? -15.293 -9.736  -4.673  1.00 31.84  ? 104 ARG A N   1 
ATOM   807  C CA  . ARG A 1 104 ? -16.547 -10.107 -5.340  1.00 32.65  ? 104 ARG A CA  1 
ATOM   808  C C   . ARG A 1 104 ? -16.289 -10.449 -6.788  1.00 47.69  ? 104 ARG A C   1 
ATOM   809  O O   . ARG A 1 104 ? -17.223 -10.725 -7.558  1.00 50.22  ? 104 ARG A O   1 
ATOM   810  C CB  . ARG A 1 104 ? -17.595 -8.978  -5.292  1.00 33.51  ? 104 ARG A CB  1 
ATOM   811  C CG  . ARG A 1 104 ? -18.384 -8.925  -3.983  1.00 47.55  ? 104 ARG A CG  1 
ATOM   812  C CD  . ARG A 1 104 ? -18.919 -7.518  -3.658  1.00 74.26  ? 104 ARG A CD  1 
ATOM   813  N NE  . ARG A 1 104 ? -19.317 -7.416  -2.225  1.00 100.00 ? 104 ARG A NE  1 
ATOM   814  C CZ  . ARG A 1 104 ? -19.648 -6.275  -1.541  1.00 100.00 ? 104 ARG A CZ  1 
ATOM   815  N NH1 . ARG A 1 104 ? -19.704 -5.048  -2.114  1.00 100.00 ? 104 ARG A NH1 1 
ATOM   816  N NH2 . ARG A 1 104 ? -19.941 -6.395  -0.243  1.00 100.00 ? 104 ARG A NH2 1 
ATOM   817  N N   . GLU A 1 105 ? -15.014 -10.420 -7.160  1.00 43.86  ? 105 GLU A N   1 
ATOM   818  C CA  . GLU A 1 105 ? -14.582 -10.691 -8.490  1.00 41.68  ? 105 GLU A CA  1 
ATOM   819  C C   . GLU A 1 105 ? -15.459 -10.030 -9.527  1.00 47.90  ? 105 GLU A C   1 
ATOM   820  O O   . GLU A 1 105 ? -16.114 -10.698 -10.301 1.00 49.44  ? 105 GLU A O   1 
ATOM   821  C CB  . GLU A 1 105 ? -14.499 -12.197 -8.783  1.00 42.02  ? 105 GLU A CB  1 
ATOM   822  C CG  . GLU A 1 105 ? -14.040 -13.042 -7.588  1.00 64.67  ? 105 GLU A CG  1 
ATOM   823  C CD  . GLU A 1 105 ? -14.042 -14.525 -7.897  1.00 100.00 ? 105 GLU A CD  1 
ATOM   824  O OE1 . GLU A 1 105 ? -14.387 -14.997 -8.983  1.00 92.44  ? 105 GLU A OE1 1 
ATOM   825  O OE2 . GLU A 1 105 ? -13.623 -15.256 -6.890  1.00 100.00 ? 105 GLU A OE2 1 
ATOM   826  N N   . GLU A 1 106 ? -15.457 -8.722  -9.726  1.00 45.56  ? 106 GLU A N   1 
ATOM   827  C CA  . GLU A 1 106 ? -16.265 -8.004  -10.728 1.00 48.07  ? 106 GLU A CA  1 
ATOM   828  C C   . GLU A 1 106 ? -15.361 -7.256  -11.693 1.00 63.57  ? 106 GLU A C   1 
ATOM   829  O O   . GLU A 1 106 ? -15.193 -6.035  -11.583 1.00 65.77  ? 106 GLU A O   1 
ATOM   830  C CB  . GLU A 1 106 ? -17.169 -6.999  -10.033 1.00 49.51  ? 106 GLU A CB  1 
ATOM   831  C CG  . GLU A 1 106 ? -17.560 -7.499  -8.659  1.00 71.33  ? 106 GLU A CG  1 
ATOM   832  C CD  . GLU A 1 106 ? -18.146 -6.428  -7.769  1.00 100.00 ? 106 GLU A CD  1 
ATOM   833  O OE1 . GLU A 1 106 ? -17.473 -5.364  -7.501  1.00 79.77  ? 106 GLU A OE1 1 
ATOM   834  O OE2 . GLU A 1 106 ? -19.326 -6.599  -7.276  1.00 100.00 ? 106 GLU A OE2 1 
ATOM   835  N N   . VAL A 1 107 ? -15.060 -8.035  -12.647 1.00 67.64  ? 107 VAL A N   1 
ATOM   836  C CA  . VAL A 1 107 ? -14.267 -7.455  -13.751 1.00 67.82  ? 107 VAL A CA  1 
ATOM   837  C C   . VAL A 1 107 ? -14.997 -6.329  -14.424 1.00 68.25  ? 107 VAL A C   1 
ATOM   838  O O   . VAL A 1 107 ? -14.419 -5.286  -14.764 1.00 62.23  ? 107 VAL A O   1 
ATOM   839  C CB  . VAL A 1 107 ? -13.864 -8.458  -14.832 1.00 71.52  ? 107 VAL A CB  1 
ATOM   840  C CG1 . VAL A 1 107 ? -12.483 -9.065  -14.536 1.00 71.24  ? 107 VAL A CG1 1 
ATOM   841  C CG2 . VAL A 1 107 ? -14.931 -9.537  -14.991 1.00 70.05  ? 107 VAL A CG2 1 
ATOM   842  N N   . GLY A 1 108 ? -16.269 -6.540  -14.628 1.00 69.52  ? 108 GLY A N   1 
ATOM   843  C CA  . GLY A 1 108 ? -17.048 -5.546  -15.282 1.00 73.21  ? 108 GLY A CA  1 
ATOM   844  C C   . GLY A 1 108 ? -16.504 -4.165  -14.969 1.00 85.92  ? 108 GLY A C   1 
ATOM   845  O O   . GLY A 1 108 ? -16.036 -3.432  -15.850 1.00 91.07  ? 108 GLY A O   1 
ATOM   846  N N   . ALA A 1 109 ? -16.570 -3.831  -13.698 1.00 81.18  ? 109 ALA A N   1 
ATOM   847  C CA  . ALA A 1 109 ? -16.108 -2.549  -13.191 1.00 78.55  ? 109 ALA A CA  1 
ATOM   848  C C   . ALA A 1 109 ? -14.680 -2.180  -13.615 1.00 72.82  ? 109 ALA A C   1 
ATOM   849  O O   . ALA A 1 109 ? -14.419 -1.085  -14.112 1.00 71.16  ? 109 ALA A O   1 
ATOM   850  C CB  . ALA A 1 109 ? -16.233 -2.534  -11.684 1.00 80.08  ? 109 ALA A CB  1 
ATOM   851  N N   . LEU A 1 110 ? -13.755 -3.101  -13.406 1.00 63.32  ? 110 LEU A N   1 
ATOM   852  C CA  . LEU A 1 110 ? -12.369 -2.854  -13.753 1.00 61.72  ? 110 LEU A CA  1 
ATOM   853  C C   . LEU A 1 110 ? -12.146 -2.455  -15.193 1.00 73.46  ? 110 LEU A C   1 
ATOM   854  O O   . LEU A 1 110 ? -11.367 -1.562  -15.465 1.00 72.56  ? 110 LEU A O   1 
ATOM   855  C CB  . LEU A 1 110 ? -11.436 -4.015  -13.372 1.00 59.18  ? 110 LEU A CB  1 
ATOM   856  C CG  . LEU A 1 110 ? -11.630 -4.467  -11.938 1.00 58.69  ? 110 LEU A CG  1 
ATOM   857  C CD1 . LEU A 1 110 ? -10.664 -5.591  -11.600 1.00 54.44  ? 110 LEU A CD1 1 
ATOM   858  C CD2 . LEU A 1 110 ? -11.372 -3.295  -11.017 1.00 57.84  ? 110 LEU A CD2 1 
ATOM   859  N N   . VAL A 1 111 ? -12.815 -3.145  -16.114 1.00 72.92  ? 111 VAL A N   1 
ATOM   860  C CA  . VAL A 1 111 ? -12.657 -2.869  -17.543 1.00 71.52  ? 111 VAL A CA  1 
ATOM   861  C C   . VAL A 1 111 ? -12.997 -1.443  -17.940 1.00 75.64  ? 111 VAL A C   1 
ATOM   862  O O   . VAL A 1 111 ? -12.356 -0.873  -18.846 1.00 73.97  ? 111 VAL A O   1 
ATOM   863  C CB  . VAL A 1 111 ? -13.366 -3.896  -18.393 1.00 74.33  ? 111 VAL A CB  1 
ATOM   864  C CG1 . VAL A 1 111 ? -12.675 -5.258  -18.229 1.00 72.08  ? 111 VAL A CG1 1 
ATOM   865  C CG2 . VAL A 1 111 ? -14.829 -3.984  -17.970 1.00 74.26  ? 111 VAL A CG2 1 
ATOM   866  N N   . LYS A 1 112 ? -14.018 -0.884  -17.259 1.00 72.17  ? 112 LYS A N   1 
ATOM   867  C CA  . LYS A 1 112 ? -14.481 0.477   -17.476 1.00 72.05  ? 112 LYS A CA  1 
ATOM   868  C C   . LYS A 1 112 ? -13.325 1.493   -17.322 1.00 79.34  ? 112 LYS A C   1 
ATOM   869  O O   . LYS A 1 112 ? -13.537 2.706   -17.336 1.00 77.55  ? 112 LYS A O   1 
ATOM   870  C CB  . LYS A 1 112 ? -15.616 0.797   -16.512 1.00 72.48  ? 112 LYS A CB  1 
ATOM   871  C CG  . LYS A 1 112 ? -16.704 -0.269  -16.514 1.00 85.24  ? 112 LYS A CG  1 
ATOM   872  C CD  . LYS A 1 112 ? -18.108 0.320   -16.480 1.00 100.00 ? 112 LYS A CD  1 
ATOM   873  C CE  . LYS A 1 112 ? -18.751 0.441   -17.867 1.00 100.00 ? 112 LYS A CE  1 
ATOM   874  N NZ  . LYS A 1 112 ? -20.019 1.197   -17.867 1.00 100.00 ? 112 LYS A NZ  1 
ATOM   875  N N   . LEU A 1 113 ? -12.088 0.949   -17.201 1.00 76.83  ? 113 LEU A N   1 
ATOM   876  C CA  . LEU A 1 113 ? -10.870 1.735   -17.008 1.00 74.42  ? 113 LEU A CA  1 
ATOM   877  C C   . LEU A 1 113 ? -9.857  1.668   -18.130 1.00 72.44  ? 113 LEU A C   1 
ATOM   878  O O   . LEU A 1 113 ? -9.435  0.598   -18.576 1.00 72.37  ? 113 LEU A O   1 
ATOM   879  C CB  . LEU A 1 113 ? -10.186 1.360   -15.699 1.00 74.69  ? 113 LEU A CB  1 
ATOM   880  C CG  . LEU A 1 113 ? -10.938 1.902   -14.512 1.00 77.92  ? 113 LEU A CG  1 
ATOM   881  C CD1 . LEU A 1 113 ? -10.880 0.933   -13.336 1.00 76.01  ? 113 LEU A CD1 1 
ATOM   882  C CD2 . LEU A 1 113 ? -10.317 3.229   -14.139 1.00 83.63  ? 113 LEU A CD2 1 
ATOM   883  N N   . PRO A 1 114 ? -9.459  2.837   -18.551 1.00 65.39  ? 114 PRO A N   1 
ATOM   884  C CA  . PRO A 1 114 ? -8.492  2.969   -19.599 1.00 63.89  ? 114 PRO A CA  1 
ATOM   885  C C   . PRO A 1 114 ? -7.263  2.143   -19.259 1.00 71.36  ? 114 PRO A C   1 
ATOM   886  O O   . PRO A 1 114 ? -6.878  2.036   -18.087 1.00 76.38  ? 114 PRO A O   1 
ATOM   887  C CB  . PRO A 1 114 ? -8.164  4.459   -19.657 1.00 66.11  ? 114 PRO A CB  1 
ATOM   888  C CG  . PRO A 1 114 ? -8.748  5.100   -18.393 1.00 70.42  ? 114 PRO A CG  1 
ATOM   889  C CD  . PRO A 1 114 ? -9.493  4.011   -17.650 1.00 65.65  ? 114 PRO A CD  1 
ATOM   890  N N   . GLY A 1 115 ? -6.721  1.542   -20.253 1.00 65.98  ? 115 GLY A N   1 
ATOM   891  C CA  . GLY A 1 115 ? -5.526  0.687   -20.276 1.00 65.03  ? 115 GLY A CA  1 
ATOM   892  C C   . GLY A 1 115 ? -5.791  -0.615  -19.515 1.00 69.49  ? 115 GLY A C   1 
ATOM   893  O O   . GLY A 1 115 ? -4.934  -1.511  -19.468 1.00 69.19  ? 115 GLY A O   1 
ATOM   894  N N   . ILE A 1 116 ? -7.118  -0.536  -18.999 1.00 69.83  ? 116 ILE A N   1 
ATOM   895  C CA  . ILE A 1 116 ? -7.292  -1.733  -18.170 1.00 73.09  ? 116 ILE A CA  1 
ATOM   896  C C   . ILE A 1 116 ? -7.743  -2.895  -19.035 1.00 86.13  ? 116 ILE A C   1 
ATOM   897  O O   . ILE A 1 116 ? -8.817  -2.840  -19.661 1.00 85.48  ? 116 ILE A O   1 
ATOM   898  C CB  . ILE A 1 116 ? -8.305  -1.464  -17.067 1.00 74.12  ? 116 ILE A CB  1 
ATOM   899  C CG1 . ILE A 1 116 ? -7.620  -1.136  -15.744 1.00 71.89  ? 116 ILE A CG1 1 
ATOM   900  C CG2 . ILE A 1 116 ? -9.227  -2.656  -16.793 1.00 74.37  ? 116 ILE A CG2 1 
ATOM   901  C CD1 . ILE A 1 116 ? -8.586  -0.639  -14.674 1.00 65.69  ? 116 ILE A CD1 1 
ATOM   902  N N   . GLY A 1 117 ? -6.876  -3.884  -19.013 1.00 84.45  ? 117 GLY A N   1 
ATOM   903  C CA  . GLY A 1 117 ? -7.030  -5.123  -19.773 1.00 83.99  ? 117 GLY A CA  1 
ATOM   904  C C   . GLY A 1 117 ? -8.183  -5.956  -19.215 1.00 84.76  ? 117 GLY A C   1 
ATOM   905  O O   . GLY A 1 117 ? -8.403  -6.016  -17.997 1.00 84.76  ? 117 GLY A O   1 
ATOM   906  N N   . LYS A 1 118 ? -8.682  -6.777  -20.130 1.00 77.18  ? 118 LYS A N   1 
ATOM   907  C CA  . LYS A 1 118 ? -9.725  -7.798  -19.699 1.00 71.73  ? 118 LYS A CA  1 
ATOM   908  C C   . LYS A 1 118 ? -9.019  -9.028  -19.109 1.00 62.54  ? 118 LYS A C   1 
ATOM   909  O O   . LYS A 1 118 ? -9.222  -9.388  -17.942 1.00 58.92  ? 118 LYS A O   1 
ATOM   910  C CB  . LYS A 1 118 ? -10.660 -8.280  -20.831 1.00 73.83  ? 118 LYS A CB  1 
ATOM   911  C CG  . LYS A 1 118 ? -11.709 -9.316  -20.341 1.00 89.48  ? 118 LYS A CG  1 
ATOM   912  C CD  . LYS A 1 118 ? -12.649 -9.809  -21.453 1.00 100.00 ? 118 LYS A CD  1 
ATOM   913  C CE  . LYS A 1 118 ? -13.693 -10.826 -20.967 1.00 100.00 ? 118 LYS A CE  1 
ATOM   914  N NZ  . LYS A 1 118 ? -14.588 -11.294 -22.040 1.00 100.00 ? 118 LYS A NZ  1 
ATOM   915  N N   . LYS A 1 119 ? -8.191  -9.659  -19.925 1.00 59.58  ? 119 LYS A N   1 
ATOM   916  C CA  . LYS A 1 119 ? -7.388  -10.802 -19.467 1.00 63.03  ? 119 LYS A CA  1 
ATOM   917  C C   . LYS A 1 119 ? -6.524  -10.341 -18.289 1.00 65.23  ? 119 LYS A C   1 
ATOM   918  O O   . LYS A 1 119 ? -6.308  -11.075 -17.317 1.00 59.21  ? 119 LYS A O   1 
ATOM   919  C CB  . LYS A 1 119 ? -6.462  -11.299 -20.583 1.00 70.61  ? 119 LYS A CB  1 
ATOM   920  N N   . THR A 1 120 ? -6.333  -8.949  -18.420 1.00 66.68  ? 120 THR A N   1 
ATOM   921  C CA  . THR A 1 120 ? -5.588  -8.180  -17.424 1.00 66.24  ? 120 THR A CA  1 
ATOM   922  C C   . THR A 1 120 ? -6.458  -8.056  -16.163 1.00 54.86  ? 120 THR A C   1 
ATOM   923  O O   . THR A 1 120 ? -6.037  -8.390  -15.049 1.00 52.21  ? 120 THR A O   1 
ATOM   924  C CB  . THR A 1 120 ? -5.067  -6.802  -17.973 1.00 81.24  ? 120 THR A CB  1 
ATOM   925  O OG1 . THR A 1 120 ? -4.028  -6.996  -18.920 1.00 83.54  ? 120 THR A OG1 1 
ATOM   926  C CG2 . THR A 1 120 ? -4.556  -5.892  -16.856 1.00 79.27  ? 120 THR A CG2 1 
ATOM   927  N N   . ALA A 1 121 ? -7.685  -7.599  -16.397 1.00 42.41  ? 121 ALA A N   1 
ATOM   928  C CA  . ALA A 1 121 ? -8.659  -7.449  -15.350 1.00 39.75  ? 121 ALA A CA  1 
ATOM   929  C C   . ALA A 1 121 ? -8.815  -8.795  -14.656 1.00 50.53  ? 121 ALA A C   1 
ATOM   930  O O   . ALA A 1 121 ? -8.657  -8.925  -13.434 1.00 52.58  ? 121 ALA A O   1 
ATOM   931  C CB  . ALA A 1 121 ? -9.993  -6.984  -15.920 1.00 38.59  ? 121 ALA A CB  1 
ATOM   932  N N   . GLU A 1 122 ? -9.088  -9.807  -15.461 1.00 45.31  ? 122 GLU A N   1 
ATOM   933  C CA  . GLU A 1 122 ? -9.248  -11.123 -14.916 1.00 47.01  ? 122 GLU A CA  1 
ATOM   934  C C   . GLU A 1 122 ? -8.054  -11.545 -14.127 1.00 49.17  ? 122 GLU A C   1 
ATOM   935  O O   . GLU A 1 122 ? -8.170  -11.990 -12.973 1.00 50.72  ? 122 GLU A O   1 
ATOM   936  C CB  . GLU A 1 122 ? -9.598  -12.189 -15.971 1.00 50.64  ? 122 GLU A CB  1 
ATOM   937  C CG  . GLU A 1 122 ? -10.985 -11.997 -16.626 1.00 75.10  ? 122 GLU A CG  1 
ATOM   938  C CD  . GLU A 1 122 ? -11.080 -12.635 -18.001 1.00 100.00 ? 122 GLU A CD  1 
ATOM   939  O OE1 . GLU A 1 122 ? -10.173 -13.292 -18.495 1.00 68.27  ? 122 GLU A OE1 1 
ATOM   940  O OE2 . GLU A 1 122 ? -12.235 -12.412 -18.603 1.00 100.00 ? 122 GLU A OE2 1 
ATOM   941  N N   . ARG A 1 123 ? -6.892  -11.410 -14.741 1.00 43.05  ? 123 ARG A N   1 
ATOM   942  C CA  . ARG A 1 123 ? -5.660  -11.811 -14.068 1.00 46.85  ? 123 ARG A CA  1 
ATOM   943  C C   . ARG A 1 123 ? -5.438  -11.077 -12.784 1.00 52.63  ? 123 ARG A C   1 
ATOM   944  O O   . ARG A 1 123 ? -4.949  -11.626 -11.791 1.00 54.23  ? 123 ARG A O   1 
ATOM   945  C CB  . ARG A 1 123 ? -4.439  -11.635 -14.963 1.00 49.15  ? 123 ARG A CB  1 
ATOM   946  N N   . LEU A 1 124 ? -5.796  -9.815  -12.827 1.00 47.74  ? 124 LEU A N   1 
ATOM   947  C CA  . LEU A 1 124 ? -5.643  -8.945  -11.688 1.00 46.74  ? 124 LEU A CA  1 
ATOM   948  C C   . LEU A 1 124 ? -6.335  -9.487  -10.471 1.00 43.81  ? 124 LEU A C   1 
ATOM   949  O O   . LEU A 1 124 ? -5.694  -9.728  -9.413  1.00 38.75  ? 124 LEU A O   1 
ATOM   950  C CB  . LEU A 1 124 ? -6.173  -7.544  -12.025 1.00 47.31  ? 124 LEU A CB  1 
ATOM   951  C CG  . LEU A 1 124 ? -5.507  -6.449  -11.204 1.00 50.97  ? 124 LEU A CG  1 
ATOM   952  C CD1 . LEU A 1 124 ? -4.006  -6.715  -11.092 1.00 49.30  ? 124 LEU A CD1 1 
ATOM   953  C CD2 . LEU A 1 124 ? -5.761  -5.086  -11.834 1.00 49.31  ? 124 LEU A CD2 1 
ATOM   954  N N   . ILE A 1 125 ? -7.651  -9.667  -10.659 1.00 39.96  ? 125 ILE A N   1 
ATOM   955  C CA  . ILE A 1 125 ? -8.579  -10.164 -9.642  1.00 39.59  ? 125 ILE A CA  1 
ATOM   956  C C   . ILE A 1 125 ? -8.030  -11.376 -8.979  1.00 39.87  ? 125 ILE A C   1 
ATOM   957  O O   . ILE A 1 125 ? -7.900  -11.508 -7.752  1.00 43.65  ? 125 ILE A O   1 
ATOM   958  C CB  . ILE A 1 125 ? -9.912  -10.440 -10.302 1.00 43.86  ? 125 ILE A CB  1 
ATOM   959  C CG1 . ILE A 1 125 ? -10.503 -9.130  -10.802 1.00 45.62  ? 125 ILE A CG1 1 
ATOM   960  C CG2 . ILE A 1 125 ? -10.868 -11.091 -9.324  1.00 45.42  ? 125 ILE A CG2 1 
ATOM   961  C CD1 . ILE A 1 125 ? -12.015 -9.128  -10.862 1.00 54.41  ? 125 ILE A CD1 1 
ATOM   962  N N   . VAL A 1 126 ? -7.672  -12.276 -9.826  1.00 38.03  ? 126 VAL A N   1 
ATOM   963  C CA  . VAL A 1 126 ? -7.137  -13.506 -9.415  1.00 36.59  ? 126 VAL A CA  1 
ATOM   964  C C   . VAL A 1 126 ? -5.940  -13.281 -8.583  1.00 40.05  ? 126 VAL A C   1 
ATOM   965  O O   . VAL A 1 126 ? -5.812  -13.828 -7.505  1.00 42.37  ? 126 VAL A O   1 
ATOM   966  C CB  . VAL A 1 126 ? -6.754  -14.300 -10.623 1.00 43.39  ? 126 VAL A CB  1 
ATOM   967  C CG1 . VAL A 1 126 ? -5.966  -15.524 -10.218 1.00 42.70  ? 126 VAL A CG1 1 
ATOM   968  C CG2 . VAL A 1 126 ? -8.033  -14.689 -11.366 1.00 44.55  ? 126 VAL A CG2 1 
ATOM   969  N N   . GLU A 1 127 ? -5.053  -12.453 -9.084  1.00 41.56  ? 127 GLU A N   1 
ATOM   970  C CA  . GLU A 1 127 ? -3.835  -12.167 -8.383  1.00 40.54  ? 127 GLU A CA  1 
ATOM   971  C C   . GLU A 1 127 ? -3.964  -11.429 -7.090  1.00 33.53  ? 127 GLU A C   1 
ATOM   972  O O   . GLU A 1 127 ? -3.336  -11.786 -6.090  1.00 33.48  ? 127 GLU A O   1 
ATOM   973  C CB  . GLU A 1 127 ? -2.802  -11.492 -9.256  1.00 44.47  ? 127 GLU A CB  1 
ATOM   974  C CG  . GLU A 1 127 ? -1.404  -11.805 -8.710  1.00 84.13  ? 127 GLU A CG  1 
ATOM   975  C CD  . GLU A 1 127 ? -0.321  -11.521 -9.701  1.00 100.00 ? 127 GLU A CD  1 
ATOM   976  O OE1 . GLU A 1 127 ? -0.779  -11.462 -10.955 1.00 100.00 ? 127 GLU A OE1 1 
ATOM   977  O OE2 . GLU A 1 127 ? 0.852   -11.358 -9.363  1.00 100.00 ? 127 GLU A OE2 1 
ATOM   978  N N   . MET A 1 128 ? -4.731  -10.383 -7.129  1.00 29.81  ? 128 MET A N   1 
ATOM   979  C CA  . MET A 1 128 ? -4.926  -9.598  -5.954  1.00 28.97  ? 128 MET A CA  1 
ATOM   980  C C   . MET A 1 128 ? -5.694  -10.415 -4.955  1.00 36.00  ? 128 MET A C   1 
ATOM   981  O O   . MET A 1 128 ? -5.376  -10.455 -3.764  1.00 34.09  ? 128 MET A O   1 
ATOM   982  C CB  . MET A 1 128 ? -5.724  -8.359  -6.305  1.00 33.14  ? 128 MET A CB  1 
ATOM   983  C CG  . MET A 1 128 ? -4.947  -7.408  -7.179  1.00 41.75  ? 128 MET A CG  1 
ATOM   984  S SD  . MET A 1 128 ? -3.299  -7.102  -6.500  1.00 50.93  ? 128 MET A SD  1 
ATOM   985  C CE  . MET A 1 128 ? -3.729  -5.841  -5.284  1.00 48.87  ? 128 MET A CE  1 
ATOM   986  N N   . LYS A 1 129 ? -6.710  -11.098 -5.509  1.00 36.22  ? 129 LYS A N   1 
ATOM   987  C CA  . LYS A 1 129 ? -7.523  -11.779 -4.494  1.00 41.14  ? 129 LYS A CA  1 
ATOM   988  C C   . LYS A 1 129 ? -6.639  -12.657 -3.611  1.00 55.07  ? 129 LYS A C   1 
ATOM   989  O O   . LYS A 1 129 ? -6.947  -12.899 -2.434  1.00 57.65  ? 129 LYS A O   1 
ATOM   990  C CB  . LYS A 1 129 ? -8.572  -12.672 -5.163  1.00 42.48  ? 129 LYS A CB  1 
ATOM   991  C CG  . LYS A 1 129 ? -9.593  -13.214 -4.163  1.00 56.81  ? 129 LYS A CG  1 
ATOM   992  C CD  . LYS A 1 129 ? -10.786 -13.907 -4.818  1.00 51.33  ? 129 LYS A CD  1 
ATOM   993  C CE  . LYS A 1 129 ? -11.933 -14.154 -3.834  1.00 73.42  ? 129 LYS A CE  1 
ATOM   994  N NZ  . LYS A 1 129 ? -13.258 -14.087 -4.463  1.00 84.69  ? 129 LYS A NZ  1 
ATOM   995  N N   . ASP A 1 130 ? -5.559  -13.099 -4.213  1.00 57.16  ? 130 ASP A N   1 
ATOM   996  C CA  . ASP A 1 130 ? -4.598  -13.993 -3.564  1.00 59.25  ? 130 ASP A CA  1 
ATOM   997  C C   . ASP A 1 130 ? -3.682  -13.248 -2.596  1.00 61.87  ? 130 ASP A C   1 
ATOM   998  O O   . ASP A 1 130 ? -3.422  -13.705 -1.476  1.00 65.53  ? 130 ASP A O   1 
ATOM   999  C CB  . ASP A 1 130 ? -3.712  -14.661 -4.608  1.00 65.03  ? 130 ASP A CB  1 
ATOM   1000 C CG  . ASP A 1 130 ? -3.301  -16.070 -4.199  1.00 96.08  ? 130 ASP A CG  1 
ATOM   1001 O OD1 . ASP A 1 130 ? -4.179  -17.014 -4.188  1.00 100.00 ? 130 ASP A OD1 1 
ATOM   1002 O OD2 . ASP A 1 130 ? -2.081  -16.310 -3.860  1.00 100.00 ? 130 ASP A OD2 1 
ATOM   1003 N N   . ARG A 1 131 ? -3.197  -12.116 -3.046  1.00 52.56  ? 131 ARG A N   1 
ATOM   1004 C CA  . ARG A 1 131 ? -2.266  -11.308 -2.253  1.00 51.23  ? 131 ARG A CA  1 
ATOM   1005 C C   . ARG A 1 131 ? -2.951  -10.775 -0.996  1.00 49.21  ? 131 ARG A C   1 
ATOM   1006 O O   . ARG A 1 131 ? -2.385  -10.839 0.107   1.00 49.10  ? 131 ARG A O   1 
ATOM   1007 C CB  . ARG A 1 131 ? -1.736  -10.157 -3.095  1.00 59.53  ? 131 ARG A CB  1 
ATOM   1008 N N   . PHE A 1 132 ? -4.171  -10.399 -0.996  1.00 43.06  ? 132 PHE A N   1 
ATOM   1009 C CA  . PHE A 1 132 ? -4.832  -9.917  0.191   1.00 44.23  ? 132 PHE A CA  1 
ATOM   1010 C C   . PHE A 1 132 ? -4.808  -10.878 1.358   1.00 61.00  ? 132 PHE A C   1 
ATOM   1011 O O   . PHE A 1 132 ? -4.829  -10.458 2.506   1.00 64.50  ? 132 PHE A O   1 
ATOM   1012 C CB  . PHE A 1 132 ? -6.256  -9.545  -0.107  1.00 45.00  ? 132 PHE A CB  1 
ATOM   1013 C CG  . PHE A 1 132 ? -6.277  -8.453  -1.111  1.00 46.91  ? 132 PHE A CG  1 
ATOM   1014 C CD1 . PHE A 1 132 ? -5.124  -7.698  -1.356  1.00 49.36  ? 132 PHE A CD1 1 
ATOM   1015 C CD2 . PHE A 1 132 ? -7.432  -8.147  -1.855  1.00 46.41  ? 132 PHE A CD2 1 
ATOM   1016 C CE1 . PHE A 1 132 ? -5.107  -6.657  -2.295  1.00 49.95  ? 132 PHE A CE1 1 
ATOM   1017 C CE2 . PHE A 1 132 ? -7.438  -7.080  -2.758  1.00 48.70  ? 132 PHE A CE2 1 
ATOM   1018 C CZ  . PHE A 1 132 ? -6.283  -6.358  -3.021  1.00 47.32  ? 132 PHE A CZ  1 
ATOM   1019 N N   . LYS A 1 133 ? -4.773  -12.169 1.065   1.00 64.93  ? 133 LYS A N   1 
ATOM   1020 C CA  . LYS A 1 133 ? -4.753  -13.177 2.123   1.00 68.02  ? 133 LYS A CA  1 
ATOM   1021 C C   . LYS A 1 133 ? -3.637  -12.921 3.098   1.00 79.08  ? 133 LYS A C   1 
ATOM   1022 O O   . LYS A 1 133 ? -3.860  -12.784 4.309   1.00 78.32  ? 133 LYS A O   1 
ATOM   1023 C CB  . LYS A 1 133 ? -4.660  -14.579 1.575   1.00 68.23  ? 133 LYS A CB  1 
ATOM   1024 N N   . GLY A 1 134 ? -2.428  -12.868 2.554   1.00 82.04  ? 134 GLY A N   1 
ATOM   1025 C CA  . GLY A 1 134 ? -1.247  -12.618 3.363   1.00 84.02  ? 134 GLY A CA  1 
ATOM   1026 C C   . GLY A 1 134 ? -1.196  -11.165 3.856   1.00 87.28  ? 134 GLY A C   1 
ATOM   1027 O O   . GLY A 1 134 ? -0.242  -10.734 4.537   1.00 86.48  ? 134 GLY A O   1 
ATOM   1028 N N   . LEU A 1 135 ? -2.245  -10.412 3.511   1.00 79.52  ? 135 LEU A N   1 
ATOM   1029 C CA  . LEU A 1 135 ? -2.356  -9.010  3.887   1.00 74.77  ? 135 LEU A CA  1 
ATOM   1030 C C   . LEU A 1 135 ? -3.299  -8.791  5.035   1.00 78.55  ? 135 LEU A C   1 
ATOM   1031 O O   . LEU A 1 135 ? -4.514  -9.080  4.919   1.00 75.25  ? 135 LEU A O   1 
ATOM   1032 C CB  . LEU A 1 135 ? -2.765  -8.149  2.684   1.00 72.35  ? 135 LEU A CB  1 
ATOM   1033 C CG  . LEU A 1 135 ? -1.647  -8.041  1.678   1.00 72.47  ? 135 LEU A CG  1 
ATOM   1034 C CD1 . LEU A 1 135 ? -1.989  -6.994  0.620   1.00 70.91  ? 135 LEU A CD1 1 
ATOM   1035 C CD2 . LEU A 1 135 ? -0.366  -7.667  2.412   1.00 71.14  ? 135 LEU A CD2 1 
ATOM   1036 N N   . HIS A 1 136 ? -2.784  -8.241  6.112   1.00 80.32  ? 136 HIS A N   1 
ATOM   1037 C CA  . HIS A 1 136 ? -3.618  -7.977  7.273   1.00 82.82  ? 136 HIS A CA  1 
ATOM   1038 C C   . HIS A 1 136 ? -3.793  -6.487  7.510   1.00 88.13  ? 136 HIS A C   1 
ATOM   1039 O O   . HIS A 1 136 ? -2.844  -5.703  7.476   1.00 92.42  ? 136 HIS A O   1 
ATOM   1040 C CB  . HIS A 1 136 ? -3.150  -8.698  8.529   1.00 84.32  ? 136 HIS A CB  1 
ATOM   1041 N N   . GLY A 1 137 ? -5.041  -6.109  7.749   1.00 78.43  ? 137 GLY A N   1 
ATOM   1042 C CA  . GLY A 1 137 ? -5.403  -4.741  8.002   1.00 75.90  ? 137 GLY A CA  1 
ATOM   1043 C C   . GLY A 1 137 ? -6.849  -4.516  7.660   1.00 80.03  ? 137 GLY A C   1 
ATOM   1044 O O   . GLY A 1 137 ? -7.393  -5.192  6.797   1.00 80.17  ? 137 GLY A O   1 
ATOM   1045 N N   . ASP A 1 138 ? -7.490  -3.580  8.299   1.00 76.61  ? 138 ASP A N   1 
ATOM   1046 C CA  . ASP A 1 138 ? -8.891  -3.155  8.152   1.00 77.12  ? 138 ASP A CA  1 
ATOM   1047 C C   . ASP A 1 138 ? -9.328  -3.256  6.691   1.00 73.33  ? 138 ASP A C   1 
ATOM   1048 O O   . ASP A 1 138 ? -10.409 -3.774  6.380   1.00 71.16  ? 138 ASP A O   1 
ATOM   1049 C CB  . ASP A 1 138 ? -9.049  -1.701  8.588   1.00 81.93  ? 138 ASP A CB  1 
ATOM   1050 C CG  . ASP A 1 138 ? -9.292  -1.544  10.086  1.00 100.00 ? 138 ASP A CG  1 
ATOM   1051 O OD1 . ASP A 1 138 ? -9.249  -2.578  10.857  1.00 100.00 ? 138 ASP A OD1 1 
ATOM   1052 O OD2 . ASP A 1 138 ? -9.538  -0.375  10.571  1.00 100.00 ? 138 ASP A OD2 1 
ATOM   1053 N N   . LEU A 1 139 ? -8.467  -2.744  5.837   1.00 64.88  ? 139 LEU A N   1 
ATOM   1054 C CA  . LEU A 1 139 ? -8.690  -2.743  4.387   1.00 61.07  ? 139 LEU A CA  1 
ATOM   1055 C C   . LEU A 1 139 ? -8.819  -4.184  3.886   1.00 69.51  ? 139 LEU A C   1 
ATOM   1056 O O   . LEU A 1 139 ? -9.858  -4.576  3.335   1.00 72.65  ? 139 LEU A O   1 
ATOM   1057 C CB  . LEU A 1 139 ? -7.498  -2.080  3.679   1.00 58.06  ? 139 LEU A CB  1 
ATOM   1058 C CG  . LEU A 1 139 ? -7.891  -0.918  2.755   1.00 59.32  ? 139 LEU A CG  1 
ATOM   1059 C CD1 . LEU A 1 139 ? -6.931  -0.748  1.576   1.00 56.42  ? 139 LEU A CD1 1 
ATOM   1060 C CD2 . LEU A 1 139 ? -9.284  -1.088  2.148   1.00 56.92  ? 139 LEU A CD2 1 
ATOM   1061 N N   . PHE A 1 140 ? -7.741  -4.913  4.118   1.00 66.89  ? 140 PHE A N   1 
ATOM   1062 C CA  . PHE A 1 140 ? -7.576  -6.311  3.685   1.00 68.24  ? 140 PHE A CA  1 
ATOM   1063 C C   . PHE A 1 140 ? -8.179  -7.287  4.692   1.00 84.46  ? 140 PHE A C   1 
ATOM   1064 O O   . PHE A 1 140 ? -8.112  -8.513  4.500   1.00 83.53  ? 140 PHE A O   1 
ATOM   1065 C CB  . PHE A 1 140 ? -6.086  -6.591  3.533   1.00 68.69  ? 140 PHE A CB  1 
ATOM   1066 C CG  . PHE A 1 140 ? -5.394  -5.435  2.827   1.00 68.96  ? 140 PHE A CG  1 
ATOM   1067 C CD1 . PHE A 1 140 ? -5.751  -5.132  1.512   1.00 69.64  ? 140 PHE A CD1 1 
ATOM   1068 C CD2 . PHE A 1 140 ? -4.425  -4.675  3.492   1.00 68.76  ? 140 PHE A CD2 1 
ATOM   1069 C CE1 . PHE A 1 140 ? -5.140  -4.060  0.854   1.00 71.35  ? 140 PHE A CE1 1 
ATOM   1070 C CE2 . PHE A 1 140 ? -3.810  -3.603  2.833   1.00 69.03  ? 140 PHE A CE2 1 
ATOM   1071 C CZ  . PHE A 1 140 ? -4.169  -3.296  1.514   1.00 68.42  ? 140 PHE A CZ  1 
ATOM   1072 N N   . THR A 1 141 ? -9.013  -6.841  5.586   1.00 91.20  ? 141 THR A N   1 
ATOM   1073 C CA  . THR A 1 141 ? -9.774  -7.700  6.529   1.00 94.22  ? 141 THR A CA  1 
ATOM   1074 C C   . THR A 1 141 ? -11.249 -7.276  6.690   1.00 100.00 ? 141 THR A C   1 
ATOM   1075 O O   . THR A 1 141 ? -11.677 -6.832  7.768   1.00 100.00 ? 141 THR A O   1 
ATOM   1076 C CB  . THR A 1 141 ? -9.107  -7.891  7.936   1.00 100.00 ? 141 THR A CB  1 
ATOM   1077 N N   . PRO A 1 142 ? -12.012 -7.430  5.594   1.00 100.00 ? 142 PRO A N   1 
ATOM   1078 C CA  . PRO A 1 142 ? -13.437 -7.094  5.522   1.00 100.00 ? 142 PRO A CA  1 
ATOM   1079 C C   . PRO A 1 142 ? -14.010 -6.650  6.878   1.00 100.00 ? 142 PRO A C   1 
ATOM   1080 O O   . PRO A 1 142 ? -15.185 -6.254  6.985   1.00 100.00 ? 142 PRO A O   1 
ATOM   1081 C CB  . PRO A 1 142 ? -14.153 -8.376  5.035   1.00 100.00 ? 142 PRO A CB  1 
ATOM   1082 N N   . THR A 1 156 ? -5.663  -12.321 12.970  1.00 100.00 ? 156 THR A N   1 
ATOM   1083 C CA  . THR A 1 156 ? -5.557  -12.849 14.338  1.00 99.80  ? 156 THR A CA  1 
ATOM   1084 C C   . THR A 1 156 ? -4.869  -11.808 15.215  1.00 100.00 ? 156 THR A C   1 
ATOM   1085 O O   . THR A 1 156 ? -5.404  -10.733 15.353  1.00 100.00 ? 156 THR A O   1 
ATOM   1086 C CB  . THR A 1 156 ? -4.822  -14.182 14.328  1.00 100.00 ? 156 THR A CB  1 
ATOM   1087 N N   . ASP A 1 157 ? -3.727  -12.182 15.776  1.00 99.83  ? 157 ASP A N   1 
ATOM   1088 C CA  . ASP A 1 157 ? -2.897  -11.322 16.653  1.00 97.88  ? 157 ASP A CA  1 
ATOM   1089 C C   . ASP A 1 157 ? -2.135  -10.292 15.805  1.00 100.00 ? 157 ASP A C   1 
ATOM   1090 O O   . ASP A 1 157 ? -1.456  -10.642 14.835  1.00 100.00 ? 157 ASP A O   1 
ATOM   1091 C CB  . ASP A 1 157 ? -1.880  -12.200 17.385  1.00 97.92  ? 157 ASP A CB  1 
ATOM   1092 N N   . ASP A 1 158 ? -2.256  -9.030  16.186  1.00 98.29  ? 158 ASP A N   1 
ATOM   1093 C CA  . ASP A 1 158 ? -1.604  -7.926  15.453  1.00 98.24  ? 158 ASP A CA  1 
ATOM   1094 C C   . ASP A 1 158 ? -0.082  -8.088  15.484  1.00 100.00 ? 158 ASP A C   1 
ATOM   1095 O O   . ASP A 1 158 ? 0.591   -7.994  14.444  1.00 100.00 ? 158 ASP A O   1 
ATOM   1096 C CB  . ASP A 1 158 ? -1.976  -6.580  16.074  1.00 98.99  ? 158 ASP A CB  1 
ATOM   1097 N N   . ALA A 1 159 ? 0.536   -8.310  16.652  1.00 97.66  ? 159 ALA A N   1 
ATOM   1098 C CA  . ALA A 1 159 ? 1.983   -8.473  16.857  1.00 97.03  ? 159 ALA A CA  1 
ATOM   1099 C C   . ALA A 1 159 ? 2.562   -9.744  16.265  1.00 97.12  ? 159 ALA A C   1 
ATOM   1100 O O   . ALA A 1 159 ? 3.715   -9.775  15.818  1.00 95.73  ? 159 ALA A O   1 
ATOM   1101 C CB  . ALA A 1 159 ? 2.348   -8.371  18.330  1.00 97.89  ? 159 ALA A CB  1 
ATOM   1102 N N   . GLU A 1 160 ? 1.772   -10.798 16.281  1.00 91.28  ? 160 GLU A N   1 
ATOM   1103 C CA  . GLU A 1 160 ? 2.239   -12.030 15.731  1.00 90.22  ? 160 GLU A CA  1 
ATOM   1104 C C   . GLU A 1 160 ? 2.361   -11.840 14.231  1.00 87.64  ? 160 GLU A C   1 
ATOM   1105 O O   . GLU A 1 160 ? 3.361   -12.202 13.610  1.00 85.27  ? 160 GLU A O   1 
ATOM   1106 C CB  . GLU A 1 160 ? 1.303   -13.188 16.094  1.00 91.76  ? 160 GLU A CB  1 
ATOM   1107 N N   . GLN A 1 161 ? 1.318   -11.238 13.665  1.00 82.58  ? 161 GLN A N   1 
ATOM   1108 C CA  . GLN A 1 161 ? 1.251   -10.969 12.251  1.00 83.86  ? 161 GLN A CA  1 
ATOM   1109 C C   . GLN A 1 161 ? 2.352   -10.033 11.833  1.00 85.10  ? 161 GLN A C   1 
ATOM   1110 O O   . GLN A 1 161 ? 2.794   -10.051 10.682  1.00 83.19  ? 161 GLN A O   1 
ATOM   1111 C CB  . GLN A 1 161 ? -0.112  -10.418 11.883  1.00 86.43  ? 161 GLN A CB  1 
ATOM   1112 N N   . GLU A 1 162 ? 2.787   -9.211  12.806  1.00 80.12  ? 162 GLU A N   1 
ATOM   1113 C CA  . GLU A 1 162 ? 3.862   -8.251  12.606  1.00 77.87  ? 162 GLU A CA  1 
ATOM   1114 C C   . GLU A 1 162 ? 5.195   -8.998  12.669  1.00 72.98  ? 162 GLU A C   1 
ATOM   1115 O O   . GLU A 1 162 ? 6.084   -8.818  11.825  1.00 74.05  ? 162 GLU A O   1 
ATOM   1116 C CB  . GLU A 1 162 ? 3.800   -7.100  13.613  1.00 78.32  ? 162 GLU A CB  1 
ATOM   1117 N N   . ALA A 1 163 ? 5.289   -9.843  13.645  1.00 57.60  ? 163 ALA A N   1 
ATOM   1118 C CA  . ALA A 1 163 ? 6.534   -10.597 13.842  1.00 50.76  ? 163 ALA A CA  1 
ATOM   1119 C C   . ALA A 1 163 ? 6.823   -11.460 12.610  1.00 53.68  ? 163 ALA A C   1 
ATOM   1120 O O   . ALA A 1 163 ? 7.981   -11.658 12.225  1.00 58.15  ? 163 ALA A O   1 
ATOM   1121 C CB  . ALA A 1 163 ? 6.406   -11.503 15.069  1.00 51.13  ? 163 ALA A CB  1 
ATOM   1122 N N   . VAL A 1 164 ? 5.746   -11.939 12.033  1.00 48.39  ? 164 VAL A N   1 
ATOM   1123 C CA  . VAL A 1 164 ? 5.772   -12.810 10.852  1.00 49.57  ? 164 VAL A CA  1 
ATOM   1124 C C   . VAL A 1 164 ? 6.310   -12.062 9.624   1.00 50.17  ? 164 VAL A C   1 
ATOM   1125 O O   . VAL A 1 164 ? 7.233   -12.528 8.936   1.00 48.17  ? 164 VAL A O   1 
ATOM   1126 C CB  . VAL A 1 164 ? 4.349   -13.269 10.561  1.00 58.21  ? 164 VAL A CB  1 
ATOM   1127 C CG1 . VAL A 1 164 ? 4.271   -14.263 9.407   1.00 58.55  ? 164 VAL A CG1 1 
ATOM   1128 C CG2 . VAL A 1 164 ? 3.683   -13.947 11.764  1.00 59.04  ? 164 VAL A CG2 1 
ATOM   1129 N N   . ALA A 1 165 ? 5.704   -10.919 9.382   1.00 50.80  ? 165 ALA A N   1 
ATOM   1130 C CA  . ALA A 1 165 ? 6.055   -10.056 8.248   1.00 54.25  ? 165 ALA A CA  1 
ATOM   1131 C C   . ALA A 1 165 ? 7.549   -9.736  8.279   1.00 53.09  ? 165 ALA A C   1 
ATOM   1132 O O   . ALA A 1 165 ? 8.228   -9.764  7.242   1.00 54.41  ? 165 ALA A O   1 
ATOM   1133 C CB  . ALA A 1 165 ? 5.260   -8.753  8.322   1.00 57.32  ? 165 ALA A CB  1 
ATOM   1134 N N   . ARG A 1 166 ? 7.971   -9.459  9.513   1.00 45.03  ? 166 ARG A N   1 
ATOM   1135 C CA  . ARG A 1 166 ? 9.379   -9.104  9.738   1.00 42.46  ? 166 ARG A CA  1 
ATOM   1136 C C   . ARG A 1 166 ? 10.272  -10.302 9.427   1.00 43.93  ? 166 ARG A C   1 
ATOM   1137 O O   . ARG A 1 166 ? 11.280  -10.189 8.717   1.00 40.94  ? 166 ARG A O   1 
ATOM   1138 C CB  . ARG A 1 166 ? 9.590   -8.690  11.195  1.00 41.30  ? 166 ARG A CB  1 
ATOM   1139 N N   . LEU A 1 167 ? 9.879   -11.433 9.970   1.00 40.19  ? 167 LEU A N   1 
ATOM   1140 C CA  . LEU A 1 167 ? 10.621  -12.675 9.777   1.00 42.85  ? 167 LEU A CA  1 
ATOM   1141 C C   . LEU A 1 167 ? 10.636  -13.039 8.301   1.00 50.35  ? 167 LEU A C   1 
ATOM   1142 O O   . LEU A 1 167 ? 11.574  -13.674 7.807   1.00 52.49  ? 167 LEU A O   1 
ATOM   1143 C CB  . LEU A 1 167 ? 9.992   -13.794 10.582  1.00 43.81  ? 167 LEU A CB  1 
ATOM   1144 C CG  . LEU A 1 167 ? 10.391  -13.735 12.052  1.00 52.26  ? 167 LEU A CG  1 
ATOM   1145 C CD1 . LEU A 1 167 ? 9.586   -14.698 12.919  1.00 53.27  ? 167 LEU A CD1 1 
ATOM   1146 C CD2 . LEU A 1 167 ? 11.865  -14.076 12.282  1.00 54.49  ? 167 LEU A CD2 1 
ATOM   1147 N N   . VAL A 1 168 ? 9.593   -12.625 7.620   1.00 48.15  ? 168 VAL A N   1 
ATOM   1148 C CA  . VAL A 1 168 ? 9.473   -12.878 6.186   1.00 50.25  ? 168 VAL A CA  1 
ATOM   1149 C C   . VAL A 1 168 ? 10.323  -11.873 5.412   1.00 53.77  ? 168 VAL A C   1 
ATOM   1150 O O   . VAL A 1 168 ? 11.038  -12.241 4.471   1.00 54.86  ? 168 VAL A O   1 
ATOM   1151 C CB  . VAL A 1 168 ? 8.025   -12.754 5.736   1.00 58.86  ? 168 VAL A CB  1 
ATOM   1152 C CG1 . VAL A 1 168 ? 7.888   -12.748 4.212   1.00 60.97  ? 168 VAL A CG1 1 
ATOM   1153 C CG2 . VAL A 1 168 ? 7.154   -13.904 6.241   1.00 58.98  ? 168 VAL A CG2 1 
ATOM   1154 N N   . ALA A 1 169 ? 10.416  -10.644 5.976   1.00 50.77  ? 169 ALA A N   1 
ATOM   1155 C CA  . ALA A 1 169 ? 11.267  -9.613  5.400   1.00 47.51  ? 169 ALA A CA  1 
ATOM   1156 C C   . ALA A 1 169 ? 12.695  -10.085 5.478   1.00 54.51  ? 169 ALA A C   1 
ATOM   1157 O O   . ALA A 1 169 ? 13.523  -9.732  4.647   1.00 54.10  ? 169 ALA A O   1 
ATOM   1158 C CB  . ALA A 1 169 ? 11.145  -8.291  6.162   1.00 44.40  ? 169 ALA A CB  1 
ATOM   1159 N N   . LEU A 1 170 ? 12.965  -10.899 6.512   1.00 51.42  ? 170 LEU A N   1 
ATOM   1160 C CA  . LEU A 1 170 ? 14.300  -11.444 6.766   1.00 52.73  ? 170 LEU A CA  1 
ATOM   1161 C C   . LEU A 1 170 ? 14.763  -12.469 5.738   1.00 61.64  ? 170 LEU A C   1 
ATOM   1162 O O   . LEU A 1 170 ? 15.958  -12.569 5.437   1.00 61.30  ? 170 LEU A O   1 
ATOM   1163 C CB  . LEU A 1 170 ? 14.470  -11.957 8.206   1.00 51.38  ? 170 LEU A CB  1 
ATOM   1164 C CG  . LEU A 1 170 ? 14.340  -10.829 9.210   1.00 50.25  ? 170 LEU A CG  1 
ATOM   1165 C CD1 . LEU A 1 170 ? 14.795  -11.285 10.589  1.00 47.96  ? 170 LEU A CD1 1 
ATOM   1166 C CD2 . LEU A 1 170 ? 15.173  -9.653  8.722   1.00 46.22  ? 170 LEU A CD2 1 
ATOM   1167 N N   . GLY A 1 171 ? 13.811  -13.229 5.195   1.00 62.42  ? 171 GLY A N   1 
ATOM   1168 C CA  . GLY A 1 171 ? 14.121  -14.238 4.186   1.00 64.24  ? 171 GLY A CA  1 
ATOM   1169 C C   . GLY A 1 171 ? 13.399  -15.559 4.389   1.00 70.23  ? 171 GLY A C   1 
ATOM   1170 O O   . GLY A 1 171 ? 13.469  -16.490 3.562   1.00 71.13  ? 171 GLY A O   1 
ATOM   1171 N N   . TYR A 1 172 ? 12.713  -15.644 5.501   1.00 65.65  ? 172 TYR A N   1 
ATOM   1172 C CA  . TYR A 1 172 ? 11.988  -16.825 5.827   1.00 65.12  ? 172 TYR A CA  1 
ATOM   1173 C C   . TYR A 1 172 ? 10.760  -16.975 5.004   1.00 76.06  ? 172 TYR A C   1 
ATOM   1174 O O   . TYR A 1 172 ? 10.042  -16.000 4.780   1.00 75.77  ? 172 TYR A O   1 
ATOM   1175 C CB  . TYR A 1 172 ? 11.576  -16.807 7.271   1.00 64.67  ? 172 TYR A CB  1 
ATOM   1176 C CG  . TYR A 1 172 ? 12.727  -17.122 8.131   1.00 70.57  ? 172 TYR A CG  1 
ATOM   1177 C CD1 . TYR A 1 172 ? 13.242  -18.415 8.136   1.00 72.99  ? 172 TYR A CD1 1 
ATOM   1178 C CD2 . TYR A 1 172 ? 13.319  -16.144 8.930   1.00 72.85  ? 172 TYR A CD2 1 
ATOM   1179 C CE1 . TYR A 1 172 ? 14.329  -18.745 8.940   1.00 75.69  ? 172 TYR A CE1 1 
ATOM   1180 C CE2 . TYR A 1 172 ? 14.406  -16.458 9.744   1.00 76.13  ? 172 TYR A CE2 1 
ATOM   1181 C CZ  . TYR A 1 172 ? 14.906  -17.762 9.741   1.00 89.21  ? 172 TYR A CZ  1 
ATOM   1182 O OH  . TYR A 1 172 ? 15.974  -18.083 10.530  1.00 100.00 ? 172 TYR A OH  1 
ATOM   1183 N N   . LYS A 1 173 ? 10.527  -18.218 4.567   1.00 76.31  ? 173 LYS A N   1 
ATOM   1184 C CA  . LYS A 1 173 ? 9.352   -18.542 3.792   1.00 73.97  ? 173 LYS A CA  1 
ATOM   1185 C C   . LYS A 1 173 ? 8.154   -18.367 4.714   1.00 74.18  ? 173 LYS A C   1 
ATOM   1186 O O   . LYS A 1 173 ? 8.115   -18.846 5.861   1.00 63.04  ? 173 LYS A O   1 
ATOM   1187 C CB  . LYS A 1 173 ? 9.391   -19.950 3.164   1.00 74.54  ? 173 LYS A CB  1 
ATOM   1188 N N   . PRO A 1 174 ? 7.202   -17.643 4.197   1.00 80.32  ? 174 PRO A N   1 
ATOM   1189 C CA  . PRO A 1 174 ? 5.981   -17.331 4.885   1.00 81.53  ? 174 PRO A CA  1 
ATOM   1190 C C   . PRO A 1 174 ? 5.516   -18.401 5.848   1.00 85.54  ? 174 PRO A C   1 
ATOM   1191 O O   . PRO A 1 174 ? 5.312   -18.125 7.027   1.00 83.00  ? 174 PRO A O   1 
ATOM   1192 C CB  . PRO A 1 174 ? 4.941   -17.053 3.801   1.00 84.57  ? 174 PRO A CB  1 
ATOM   1193 C CG  . PRO A 1 174 ? 5.705   -16.922 2.473   1.00 89.25  ? 174 PRO A CG  1 
ATOM   1194 C CD  . PRO A 1 174 ? 7.145   -17.326 2.743   1.00 83.38  ? 174 PRO A CD  1 
ATOM   1195 N N   . GLN A 1 175 ? 5.351   -19.627 5.350   1.00 86.66  ? 175 GLN A N   1 
ATOM   1196 C CA  . GLN A 1 175 ? 4.900   -20.719 6.202   1.00 87.46  ? 175 GLN A CA  1 
ATOM   1197 C C   . GLN A 1 175 ? 5.860   -20.993 7.352   1.00 83.30  ? 175 GLN A C   1 
ATOM   1198 O O   . GLN A 1 175 ? 5.431   -21.268 8.487   1.00 78.74  ? 175 GLN A O   1 
ATOM   1199 C CB  . GLN A 1 175 ? 4.579   -21.982 5.411   1.00 89.39  ? 175 GLN A CB  1 
ATOM   1200 N N   . GLU A 1 176 ? 7.170   -20.911 7.052   1.00 77.40  ? 176 GLU A N   1 
ATOM   1201 C CA  . GLU A 1 176 ? 8.177   -21.142 8.071   1.00 77.34  ? 176 GLU A CA  1 
ATOM   1202 C C   . GLU A 1 176 ? 7.988   -20.167 9.187   1.00 73.62  ? 176 GLU A C   1 
ATOM   1203 O O   . GLU A 1 176 ? 7.850   -20.529 10.345  1.00 70.61  ? 176 GLU A O   1 
ATOM   1204 C CB  . GLU A 1 176 ? 9.635   -21.020 7.577   1.00 80.06  ? 176 GLU A CB  1 
ATOM   1205 N N   . ALA A 1 177 ? 7.989   -18.910 8.808   1.00 70.70  ? 177 ALA A N   1 
ATOM   1206 C CA  . ALA A 1 177 ? 7.808   -17.852 9.752   1.00 71.56  ? 177 ALA A CA  1 
ATOM   1207 C C   . ALA A 1 177 ? 6.554   -18.086 10.581  1.00 77.78  ? 177 ALA A C   1 
ATOM   1208 O O   . ALA A 1 177 ? 6.613   -18.067 11.814  1.00 72.95  ? 177 ALA A O   1 
ATOM   1209 C CB  . ALA A 1 177 ? 7.724   -16.526 9.015   1.00 72.42  ? 177 ALA A CB  1 
ATOM   1210 N N   . SER A 1 178 ? 5.411   -18.314 9.857   1.00 79.94  ? 178 SER A N   1 
ATOM   1211 C CA  . SER A 1 178 ? 4.086   -18.564 10.464  1.00 79.97  ? 178 SER A CA  1 
ATOM   1212 C C   . SER A 1 178 ? 4.229   -19.519 11.597  1.00 81.56  ? 178 SER A C   1 
ATOM   1213 O O   . SER A 1 178 ? 3.763   -19.291 12.706  1.00 79.73  ? 178 SER A O   1 
ATOM   1214 C CB  . SER A 1 178 ? 3.047   -19.118 9.486   1.00 83.85  ? 178 SER A CB  1 
ATOM   1215 O OG  . SER A 1 178 ? 2.886   -18.250 8.386   1.00 100.00 ? 178 SER A OG  1 
ATOM   1216 N N   . ARG A 1 179 ? 4.956   -20.515 11.300  1.00 79.57  ? 179 ARG A N   1 
ATOM   1217 C CA  . ARG A 1 179 ? 5.140   -21.601 12.271  1.00 81.03  ? 179 ARG A CA  1 
ATOM   1218 C C   . ARG A 1 179 ? 6.056   -21.146 13.414  1.00 80.67  ? 179 ARG A C   1 
ATOM   1219 O O   . ARG A 1 179 ? 5.709   -21.275 14.598  1.00 78.11  ? 179 ARG A O   1 
ATOM   1220 C CB  . ARG A 1 179 ? 5.772   -22.816 11.587  1.00 82.96  ? 179 ARG A CB  1 
ATOM   1221 N N   . MET A 1 180 ? 7.083   -20.444 13.023  1.00 73.70  ? 180 MET A N   1 
ATOM   1222 C CA  . MET A 1 180 ? 8.163   -20.076 13.948  1.00 69.79  ? 180 MET A CA  1 
ATOM   1223 C C   . MET A 1 180 ? 7.614   -19.244 15.125  1.00 72.21  ? 180 MET A C   1 
ATOM   1224 O O   . MET A 1 180 ? 8.068   -19.375 16.269  1.00 70.54  ? 180 MET A O   1 
ATOM   1225 C CB  . MET A 1 180 ? 9.237   -19.260 13.214  1.00 70.87  ? 180 MET A CB  1 
ATOM   1226 C CG  . MET A 1 180 ? 9.607   -19.839 11.844  1.00 73.50  ? 180 MET A CG  1 
ATOM   1227 S SD  . MET A 1 180 ? 11.116  -19.161 11.181  1.00 73.98  ? 180 MET A SD  1 
ATOM   1228 C CE  . MET A 1 180 ? 12.185  -18.641 12.507  1.00 68.97  ? 180 MET A CE  1 
ATOM   1229 N N   . VAL A 1 181 ? 6.519   -18.397 14.851  1.00 71.24  ? 181 VAL A N   1 
ATOM   1230 C CA  . VAL A 1 181 ? 6.050   -17.518 15.932  1.00 72.90  ? 181 VAL A CA  1 
ATOM   1231 C C   . VAL A 1 181 ? 4.868   -18.160 16.660  1.00 86.44  ? 181 VAL A C   1 
ATOM   1232 O O   . VAL A 1 181 ? 4.751   -18.071 17.890  1.00 86.32  ? 181 VAL A O   1 
ATOM   1233 C CB  . VAL A 1 181 ? 5.594   -16.175 15.357  1.00 72.36  ? 181 VAL A CB  1 
ATOM   1234 C CG1 . VAL A 1 181 ? 4.971   -16.300 13.965  1.00 71.49  ? 181 VAL A CG1 1 
ATOM   1235 C CG2 . VAL A 1 181 ? 4.538   -15.484 16.223  1.00 70.48  ? 181 VAL A CG2 1 
ATOM   1236 N N   . SER A 1 182 ? 4.030   -18.791 15.862  1.00 90.14  ? 182 SER A N   1 
ATOM   1237 C CA  . SER A 1 182 ? 2.819   -19.468 16.345  1.00 93.56  ? 182 SER A CA  1 
ATOM   1238 C C   . SER A 1 182 ? 3.161   -20.445 17.468  1.00 97.56  ? 182 SER A C   1 
ATOM   1239 O O   . SER A 1 182 ? 2.442   -20.541 18.475  1.00 94.56  ? 182 SER A O   1 
ATOM   1240 C CB  . SER A 1 182 ? 2.169   -20.256 15.205  1.00 100.00 ? 182 SER A CB  1 
ATOM   1241 O OG  . SER A 1 182 ? 3.079   -20.385 14.122  1.00 100.00 ? 182 SER A OG  1 
ATOM   1242 N N   . LYS A 1 183 ? 4.596   -21.301 17.527  1.00 98.33  ? 183 LYS A N   1 
ATOM   1243 C CA  . LYS A 1 183 ? 5.202   -22.297 18.423  1.00 99.75  ? 183 LYS A CA  1 
ATOM   1244 C C   . LYS A 1 183 ? 5.400   -21.689 19.813  1.00 100.00 ? 183 LYS A C   1 
ATOM   1245 O O   . LYS A 1 183 ? 5.111   -22.326 20.836  1.00 100.00 ? 183 LYS A O   1 
ATOM   1246 C CB  . LYS A 1 183 ? 6.553   -22.743 17.865  1.00 100.00 ? 183 LYS A CB  1 
ATOM   1247 N N   . ILE A 1 184 ? 5.899   -20.474 19.780  1.00 97.62  ? 184 ILE A N   1 
ATOM   1248 C CA  . ILE A 1 184 ? 6.129   -19.644 20.970  1.00 97.03  ? 184 ILE A CA  1 
ATOM   1249 C C   . ILE A 1 184 ? 5.261   -18.399 20.809  1.00 99.22  ? 184 ILE A C   1 
ATOM   1250 O O   . ILE A 1 184 ? 5.345   -17.684 19.805  1.00 97.43  ? 184 ILE A O   1 
ATOM   1251 C CB  . ILE A 1 184 ? 7.616   -19.258 21.039  1.00 99.96  ? 184 ILE A CB  1 
ATOM   1252 C CG1 . ILE A 1 184 ? 8.549   -20.467 21.144  1.00 100.00 ? 184 ILE A CG1 1 
ATOM   1253 C CG2 . ILE A 1 184 ? 7.953   -18.371 22.239  1.00 98.98  ? 184 ILE A CG2 1 
ATOM   1254 C CD1 . ILE A 1 184 ? 10.033  -20.088 21.099  1.00 100.00 ? 184 ILE A CD1 1 
ATOM   1255 N N   . ALA A 1 185 ? 4.365   -18.213 21.915  1.00 97.48  ? 185 ALA A N   1 
ATOM   1256 C CA  . ALA A 1 185 ? 3.591   -16.991 21.670  1.00 98.25  ? 185 ALA A CA  1 
ATOM   1257 C C   . ALA A 1 185 ? 2.471   -16.827 22.697  1.00 97.38  ? 185 ALA A C   1 
ATOM   1258 O O   . ALA A 1 185 ? 2.107   -17.788 23.404  1.00 92.07  ? 185 ALA A O   1 
ATOM   1259 C CB  . ALA A 1 185 ? 2.897   -17.051 20.299  1.00 100.00 ? 185 ALA A CB  1 
ATOM   1260 N N   . ARG A 1 186 ? 2.075   -15.594 22.678  1.00 96.36  ? 186 ARG A N   1 
ATOM   1261 C CA  . ARG A 1 186 ? 0.910   -15.047 23.323  1.00 97.54  ? 186 ARG A CA  1 
ATOM   1262 C C   . ARG A 1 186 ? 1.249   -13.685 23.871  1.00 100.00 ? 186 ARG A C   1 
ATOM   1263 O O   . ARG A 1 186 ? 2.377   -13.209 23.789  1.00 98.80  ? 186 ARG A O   1 
ATOM   1264 C CB  . ARG A 1 186 ? 0.102   -16.135 23.965  1.00 100.00 ? 186 ARG A CB  1 
ATOM   1265 N N   . PRO A 1 187 ? 0.291   -13.007 24.385  1.00 99.77  ? 187 PRO A N   1 
ATOM   1266 C CA  . PRO A 1 187 ? 0.358   -11.570 24.457  1.00 99.01  ? 187 PRO A CA  1 
ATOM   1267 C C   . PRO A 1 187 ? 1.150   -11.028 25.572  1.00 100.00 ? 187 PRO A C   1 
ATOM   1268 O O   . PRO A 1 187 ? 1.783   -11.797 26.320  1.00 100.00 ? 187 PRO A O   1 
ATOM   1269 C CB  . PRO A 1 187 ? -1.090  -11.246 24.535  1.00 100.00 ? 187 PRO A CB  1 
ATOM   1270 C CG  . PRO A 1 187 ? -1.705  -12.416 25.276  1.00 100.00 ? 187 PRO A CG  1 
ATOM   1271 C CD  . PRO A 1 187 ? -0.879  -13.616 24.973  1.00 100.00 ? 187 PRO A CD  1 
ATOM   1272 N N   . ASP A 1 188 ? 1.207   -9.674  25.197  1.00 99.46  ? 188 ASP A N   1 
ATOM   1273 C CA  . ASP A 1 188 ? 1.931   -8.790  26.109  1.00 99.26  ? 188 ASP A CA  1 
ATOM   1274 C C   . ASP A 1 188 ? 3.434   -8.979  25.892  1.00 100.00 ? 188 ASP A C   1 
ATOM   1275 O O   . ASP A 1 188 ? 4.250   -8.726  26.785  1.00 100.00 ? 188 ASP A O   1 
ATOM   1276 C CB  . ASP A 1 188 ? 1.538   -9.126  27.546  1.00 100.00 ? 188 ASP A CB  1 
ATOM   1277 N N   . ALA A 1 189 ? 3.523   -9.343  24.548  1.00 100.00 ? 189 ALA A N   1 
ATOM   1278 C CA  . ALA A 1 189 ? 4.790   -9.570  23.850  1.00 99.60  ? 189 ALA A CA  1 
ATOM   1279 C C   . ALA A 1 189 ? 5.063   -8.378  22.931  1.00 100.00 ? 189 ALA A C   1 
ATOM   1280 O O   . ALA A 1 189 ? 4.184   -7.523  22.722  1.00 100.00 ? 189 ALA A O   1 
ATOM   1281 C CB  . ALA A 1 189 ? 4.696   -10.840 22.995  1.00 100.00 ? 189 ALA A CB  1 
ATOM   1282 N N   . SER A 1 190 ? 6.113   -8.266  22.586  1.00 94.68  ? 190 SER A N   1 
ATOM   1283 C CA  . SER A 1 190 ? 6.494   -7.235  21.615  1.00 92.05  ? 190 SER A CA  1 
ATOM   1284 C C   . SER A 1 190 ? 6.948   -7.913  20.333  1.00 88.86  ? 190 SER A C   1 
ATOM   1285 O O   . SER A 1 190 ? 7.954   -8.637  20.302  1.00 87.03  ? 190 SER A O   1 
ATOM   1286 C CB  . SER A 1 190 ? 7.617   -6.367  22.191  1.00 96.06  ? 190 SER A CB  1 
ATOM   1287 O OG  . SER A 1 190 ? 7.989   -5.362  21.260  1.00 100.00 ? 190 SER A OG  1 
ATOM   1288 N N   . SER A 1 191 ? 5.978   -7.695  19.315  1.00 81.91  ? 191 SER A N   1 
ATOM   1289 C CA  . SER A 1 191 ? 6.411   -8.245  18.025  1.00 81.72  ? 191 SER A CA  1 
ATOM   1290 C C   . SER A 1 191 ? 7.933   -8.328  18.005  1.00 84.24  ? 191 SER A C   1 
ATOM   1291 O O   . SER A 1 191 ? 8.514   -9.293  17.484  1.00 84.24  ? 191 SER A O   1 
ATOM   1292 C CB  . SER A 1 191 ? 5.920   -7.345  16.888  1.00 80.20  ? 191 SER A CB  1 
ATOM   1293 O OG  . SER A 1 191 ? 6.211   -5.987  17.183  1.00 80.84  ? 191 SER A OG  1 
ATOM   1294 N N   . GLU A 1 192 ? 8.517   -7.303  18.597  1.00 73.10  ? 192 GLU A N   1 
ATOM   1295 C CA  . GLU A 1 192 ? 9.970   -7.175  18.717  1.00 70.35  ? 192 GLU A CA  1 
ATOM   1296 C C   . GLU A 1 192 ? 10.519  -8.321  19.563  1.00 67.41  ? 192 GLU A C   1 
ATOM   1297 O O   . GLU A 1 192 ? 11.523  -8.952  19.208  1.00 63.61  ? 192 GLU A O   1 
ATOM   1298 C CB  . GLU A 1 192 ? 10.328  -5.849  19.385  1.00 72.60  ? 192 GLU A CB  1 
ATOM   1299 C CG  . GLU A 1 192 ? 11.666  -5.288  18.905  1.00 87.65  ? 192 GLU A CG  1 
ATOM   1300 C CD  . GLU A 1 192 ? 11.807  -3.791  19.166  1.00 88.02  ? 192 GLU A CD  1 
ATOM   1301 O OE1 . GLU A 1 192 ? 10.842  -2.995  18.856  1.00 74.30  ? 192 GLU A OE1 1 
ATOM   1302 O OE2 . GLU A 1 192 ? 12.888  -3.330  19.695  1.00 100.00 ? 192 GLU A OE2 1 
ATOM   1303 N N   . THR A 1 193 ? 9.716   -8.623  20.607  1.00 64.62  ? 193 THR A N   1 
ATOM   1304 C CA  . THR A 1 193 ? 10.055  -9.715  21.492  1.00 63.85  ? 193 THR A CA  1 
ATOM   1305 C C   . THR A 1 193 ? 9.876   -11.067 20.797  1.00 57.23  ? 193 THR A C   1 
ATOM   1306 O O   . THR A 1 193 ? 10.744  -11.962 20.845  1.00 54.54  ? 193 THR A O   1 
ATOM   1307 C CB  . THR A 1 193 ? 9.329   -9.601  22.836  1.00 75.89  ? 193 THR A CB  1 
ATOM   1308 O OG1 . THR A 1 193 ? 9.870   -8.495  23.554  1.00 63.22  ? 193 THR A OG1 1 
ATOM   1309 C CG2 . THR A 1 193 ? 9.534   -10.886 23.626  1.00 83.66  ? 193 THR A CG2 1 
ATOM   1310 N N   . LEU A 1 194 ? 8.744   -11.176 20.124  1.00 48.97  ? 194 LEU A N   1 
ATOM   1311 C CA  . LEU A 1 194 ? 8.403   -12.361 19.373  1.00 50.64  ? 194 LEU A CA  1 
ATOM   1312 C C   . LEU A 1 194 ? 9.504   -12.664 18.380  1.00 58.35  ? 194 LEU A C   1 
ATOM   1313 O O   . LEU A 1 194 ? 10.071  -13.766 18.375  1.00 59.07  ? 194 LEU A O   1 
ATOM   1314 C CB  . LEU A 1 194 ? 7.083   -12.165 18.601  1.00 51.56  ? 194 LEU A CB  1 
ATOM   1315 C CG  . LEU A 1 194 ? 5.854   -12.506 19.430  1.00 57.86  ? 194 LEU A CG  1 
ATOM   1316 C CD1 . LEU A 1 194 ? 6.016   -11.946 20.832  1.00 60.30  ? 194 LEU A CD1 1 
ATOM   1317 C CD2 . LEU A 1 194 ? 4.608   -11.921 18.776  1.00 58.84  ? 194 LEU A CD2 1 
ATOM   1318 N N   . ILE A 1 195 ? 9.793   -11.646 17.528  1.00 53.24  ? 195 ILE A N   1 
ATOM   1319 C CA  . ILE A 1 195 ? 10.827  -11.724 16.491  1.00 48.08  ? 195 ILE A CA  1 
ATOM   1320 C C   . ILE A 1 195 ? 12.143  -12.167 17.075  1.00 46.92  ? 195 ILE A C   1 
ATOM   1321 O O   . ILE A 1 195 ? 12.850  -13.025 16.554  1.00 49.85  ? 195 ILE A O   1 
ATOM   1322 C CB  . ILE A 1 195 ? 11.001  -10.399 15.791  1.00 48.20  ? 195 ILE A CB  1 
ATOM   1323 C CG1 . ILE A 1 195 ? 9.711   -10.028 15.095  1.00 45.69  ? 195 ILE A CG1 1 
ATOM   1324 C CG2 . ILE A 1 195 ? 12.100  -10.522 14.752  1.00 51.50  ? 195 ILE A CG2 1 
ATOM   1325 C CD1 . ILE A 1 195 ? 9.924   -9.138  13.871  1.00 49.24  ? 195 ILE A CD1 1 
ATOM   1326 N N   . ARG A 1 196 ? 12.453  -11.560 18.172  1.00 44.40  ? 196 ARG A N   1 
ATOM   1327 C CA  . ARG A 1 196 ? 13.642  -11.857 18.868  1.00 46.95  ? 196 ARG A CA  1 
ATOM   1328 C C   . ARG A 1 196 ? 13.703  -13.329 19.198  1.00 62.06  ? 196 ARG A C   1 
ATOM   1329 O O   . ARG A 1 196 ? 14.620  -14.042 18.775  1.00 61.67  ? 196 ARG A O   1 
ATOM   1330 C CB  . ARG A 1 196 ? 13.667  -11.059 20.134  1.00 42.84  ? 196 ARG A CB  1 
ATOM   1331 C CG  . ARG A 1 196 ? 14.926  -11.339 20.914  1.00 60.01  ? 196 ARG A CG  1 
ATOM   1332 C CD  . ARG A 1 196 ? 14.990  -10.539 22.203  1.00 100.00 ? 196 ARG A CD  1 
ATOM   1333 N NE  . ARG A 1 196 ? 14.958  -9.097  21.971  1.00 100.00 ? 196 ARG A NE  1 
ATOM   1334 C CZ  . ARG A 1 196 ? 15.003  -8.173  22.942  1.00 100.00 ? 196 ARG A CZ  1 
ATOM   1335 N NH1 . ARG A 1 196 ? 15.081  -8.510  24.242  1.00 100.00 ? 196 ARG A NH1 1 
ATOM   1336 N NH2 . ARG A 1 196 ? 14.976  -6.879  22.603  1.00 100.00 ? 196 ARG A NH2 1 
ATOM   1337 N N   . GLU A 1 197 ? 12.690  -13.764 19.976  1.00 68.15  ? 197 GLU A N   1 
ATOM   1338 C CA  . GLU A 1 197 ? 12.543  -15.161 20.416  1.00 71.30  ? 197 GLU A CA  1 
ATOM   1339 C C   . GLU A 1 197 ? 12.629  -16.141 19.243  1.00 71.05  ? 197 GLU A C   1 
ATOM   1340 O O   . GLU A 1 197 ? 13.453  -17.078 19.218  1.00 73.21  ? 197 GLU A O   1 
ATOM   1341 C CB  . GLU A 1 197 ? 11.226  -15.340 21.171  1.00 73.10  ? 197 GLU A CB  1 
ATOM   1342 N N   . ALA A 1 198 ? 11.763  -15.907 18.273  1.00 57.78  ? 198 ALA A N   1 
ATOM   1343 C CA  . ALA A 1 198 ? 11.711  -16.712 17.099  1.00 55.08  ? 198 ALA A CA  1 
ATOM   1344 C C   . ALA A 1 198 ? 13.109  -16.969 16.545  1.00 61.71  ? 198 ALA A C   1 
ATOM   1345 O O   . ALA A 1 198 ? 13.485  -18.090 16.226  1.00 60.11  ? 198 ALA A O   1 
ATOM   1346 C CB  . ALA A 1 198 ? 10.850  -16.008 16.070  1.00 54.19  ? 198 ALA A CB  1 
ATOM   1347 N N   . LEU A 1 199 ? 13.882  -15.913 16.420  1.00 59.46  ? 199 LEU A N   1 
ATOM   1348 C CA  . LEU A 1 199 ? 15.204  -16.065 15.892  1.00 58.55  ? 199 LEU A CA  1 
ATOM   1349 C C   . LEU A 1 199 ? 16.076  -16.989 16.694  1.00 73.72  ? 199 LEU A C   1 
ATOM   1350 O O   . LEU A 1 199 ? 16.594  -17.947 16.151  1.00 77.37  ? 199 LEU A O   1 
ATOM   1351 C CB  . LEU A 1 199 ? 15.874  -14.738 15.544  1.00 55.50  ? 199 LEU A CB  1 
ATOM   1352 C CG  . LEU A 1 199 ? 15.042  -13.957 14.548  1.00 53.32  ? 199 LEU A CG  1 
ATOM   1353 C CD1 . LEU A 1 199 ? 15.513  -12.527 14.546  1.00 53.56  ? 199 LEU A CD1 1 
ATOM   1354 C CD2 . LEU A 1 199 ? 15.201  -14.556 13.165  1.00 45.80  ? 199 LEU A CD2 1 
ATOM   1355 N N   . ARG A 1 200 ? 16.225  -16.708 17.983  1.00 76.90  ? 200 ARG A N   1 
ATOM   1356 C CA  . ARG A 1 200 ? 17.054  -17.550 18.853  1.00 79.85  ? 200 ARG A CA  1 
ATOM   1357 C C   . ARG A 1 200 ? 16.740  -19.032 18.687  1.00 86.25  ? 200 ARG A C   1 
ATOM   1358 O O   . ARG A 1 200 ? 17.620  -19.875 18.504  1.00 83.71  ? 200 ARG A O   1 
ATOM   1359 C CB  . ARG A 1 200 ? 16.935  -17.125 20.316  1.00 80.38  ? 200 ARG A CB  1 
ATOM   1360 N N   . ALA A 1 201 ? 15.462  -19.327 18.749  1.00 86.92  ? 201 ALA A N   1 
ATOM   1361 C CA  . ALA A 1 201 ? 14.983  -20.666 18.629  1.00 88.47  ? 201 ALA A CA  1 
ATOM   1362 C C   . ALA A 1 201 ? 15.105  -21.234 17.232  1.00 97.39  ? 201 ALA A C   1 
ATOM   1363 O O   . ALA A 1 201 ? 14.534  -22.273 16.940  1.00 100.00 ? 201 ALA A O   1 
ATOM   1364 C CB  . ALA A 1 201 ? 13.535  -20.715 19.095  1.00 88.76  ? 201 ALA A CB  1 
ATOM   1365 N N   . ALA A 1 202 ? 15.821  -20.578 16.353  1.00 92.54  ? 202 ALA A N   1 
ATOM   1366 C CA  . ALA A 1 202 ? 15.913  -21.139 15.023  1.00 94.53  ? 202 ALA A CA  1 
ATOM   1367 C C   . ALA A 1 202 ? 17.338  -21.199 14.506  1.00 100.00 ? 202 ALA A C   1 
ATOM   1368 O O   . ALA A 1 202 ? 17.627  -21.822 13.468  1.00 98.34  ? 202 ALA A O   1 
ATOM   1369 C CB  . ALA A 1 202 ? 14.961  -20.427 14.073  1.00 96.09  ? 202 ALA A CB  1 
ATOM   1370 N N   . LEU A 1 203 ? 18.223  -20.537 15.262  1.00 98.91  ? 203 LEU A N   1 
ATOM   1371 C CA  . LEU A 1 203 ? 19.641  -20.464 14.950  1.00 99.80  ? 203 LEU A CA  1 
ATOM   1372 C C   . LEU A 1 203 ? 20.511  -20.759 16.176  1.00 100.00 ? 203 LEU A C   1 
ATOM   1373 O O   . LEU A 1 203 ? 19.950  -20.935 17.289  1.00 97.34  ? 203 LEU A O   1 
ATOM   1374 C CB  . LEU A 1 203 ? 20.016  -19.103 14.298  1.00 98.67  ? 203 LEU A CB  1 
ATOM   1375 C CG  . LEU A 1 203 ? 19.572  -17.900 15.138  1.00 100.00 ? 203 LEU A CG  1 
ATOM   1376 C CD1 . LEU A 1 203 ? 20.654  -17.541 16.154  1.00 100.00 ? 203 LEU A CD1 1 
ATOM   1377 C CD2 . LEU A 1 203 ? 19.258  -16.698 14.246  1.00 100.00 ? 203 LEU A CD2 1 
HETATM 1378 O O   . HOH B 2 .   ? -2.822  24.178  9.400   1.00 9.67   ? 204 HOH A O   1 
HETATM 1379 O O   . HOH B 2 .   ? 7.085   13.321  7.697   1.00 15.93  ? 205 HOH A O   1 
HETATM 1380 O O   . HOH B 2 .   ? 14.460  18.368  2.050   1.00 27.05  ? 206 HOH A O   1 
HETATM 1381 O O   . HOH B 2 .   ? -1.729  5.612   8.383   1.00 29.87  ? 207 HOH A O   1 
HETATM 1382 O O   . HOH B 2 .   ? -3.249  15.740  6.191   1.00 36.71  ? 208 HOH A O   1 
HETATM 1383 O O   . HOH B 2 .   ? -4.587  25.297  -5.046  1.00 34.62  ? 209 HOH A O   1 
HETATM 1384 O O   . HOH B 2 .   ? 5.043   22.254  -9.109  1.00 43.44  ? 210 HOH A O   1 
HETATM 1385 O O   . HOH B 2 .   ? -8.369  8.713   1.518   1.00 37.44  ? 211 HOH A O   1 
HETATM 1386 O O   . HOH B 2 .   ? 13.126  20.062  3.193   1.00 32.61  ? 212 HOH A O   1 
HETATM 1387 O O   . HOH B 2 .   ? -10.989 3.546   1.117   1.00 40.94  ? 213 HOH A O   1 
HETATM 1388 O O   . HOH B 2 .   ? -5.397  22.680  9.243   1.00 33.60  ? 214 HOH A O   1 
HETATM 1389 O O   . HOH B 2 .   ? 15.331  15.505  -1.136  1.00 40.20  ? 215 HOH A O   1 
HETATM 1390 O O   . HOH B 2 .   ? 5.056   14.498  13.237  1.00 46.64  ? 216 HOH A O   1 
HETATM 1391 O O   . HOH B 2 .   ? 1.165   23.799  11.255  1.00 42.74  ? 217 HOH A O   1 
HETATM 1392 O O   . HOH B 2 .   ? -8.627  18.378  -2.202  1.00 34.34  ? 218 HOH A O   1 
HETATM 1393 O O   . HOH B 2 .   ? -8.215  24.034  -1.407  1.00 50.15  ? 219 HOH A O   1 
HETATM 1394 O O   . HOH B 2 .   ? 3.026   12.136  13.292  1.00 50.79  ? 220 HOH A O   1 
HETATM 1395 O O   . HOH B 2 .   ? 7.299   23.694  5.977   1.00 43.69  ? 221 HOH A O   1 
HETATM 1396 O O   . HOH B 2 .   ? 2.817   29.482  -6.176  1.00 82.42  ? 222 HOH A O   1 
HETATM 1397 O O   . HOH B 2 .   ? -2.907  12.021  6.726   1.00 40.47  ? 223 HOH A O   1 
HETATM 1398 O O   . HOH B 2 .   ? -3.573  2.665   7.598   1.00 45.99  ? 224 HOH A O   1 
HETATM 1399 O O   . HOH B 2 .   ? -12.233 10.158  -0.605  1.00 55.01  ? 225 HOH A O   1 
HETATM 1400 O O   . HOH B 2 .   ? -8.413  4.004   3.182   1.00 60.96  ? 226 HOH A O   1 
HETATM 1401 O O   . HOH B 2 .   ? 2.522   1.150   3.506   1.00 40.55  ? 227 HOH A O   1 
HETATM 1402 O O   . HOH B 2 .   ? 6.713   14.914  -10.102 1.00 24.24  ? 228 HOH A O   1 
HETATM 1403 O O   . HOH B 2 .   ? 11.484  14.065  -11.731 1.00 28.66  ? 229 HOH A O   1 
HETATM 1404 O O   . HOH B 2 .   ? 6.963   13.628  -7.879  1.00 22.28  ? 230 HOH A O   1 
HETATM 1405 O O   . HOH B 2 .   ? 8.532   14.360  -12.238 1.00 55.62  ? 231 HOH A O   1 
HETATM 1406 O O   . HOH B 2 .   ? 10.471  5.237   -0.122  1.00 44.71  ? 232 HOH A O   1 
HETATM 1407 O O   . HOH B 2 .   ? -0.550  25.384  10.268  1.00 49.17  ? 233 HOH A O   1 
HETATM 1408 O O   . HOH B 2 .   ? 13.216  8.725   -1.939  1.00 26.42  ? 234 HOH A O   1 
HETATM 1409 O O   . HOH B 2 .   ? -8.832  5.355   -1.810  1.00 39.35  ? 235 HOH A O   1 
HETATM 1410 O O   . HOH B 2 .   ? 7.054   20.767  7.811   1.00 36.08  ? 236 HOH A O   1 
HETATM 1411 O O   . HOH B 2 .   ? 5.668   23.881  8.627   1.00 54.80  ? 237 HOH A O   1 
HETATM 1412 O O   . HOH B 2 .   ? 8.316   1.124   -7.422  1.00 40.38  ? 238 HOH A O   1 
HETATM 1413 O O   . HOH B 2 .   ? 10.609  2.588   -9.417  1.00 47.11  ? 239 HOH A O   1 
HETATM 1414 O O   . HOH B 2 .   ? -0.050  12.450  -12.358 1.00 36.79  ? 240 HOH A O   1 
HETATM 1415 O O   . HOH B 2 .   ? -2.432  7.425   -14.695 1.00 68.43  ? 241 HOH A O   1 
HETATM 1416 O O   . HOH B 2 .   ? 13.648  19.851  6.036   1.00 54.13  ? 242 HOH A O   1 
HETATM 1417 O O   . HOH B 2 .   ? -8.797  8.637   4.573   1.00 62.27  ? 243 HOH A O   1 
HETATM 1418 O O   . HOH B 2 .   ? 1.476   9.843   -13.109 1.00 54.36  ? 244 HOH A O   1 
HETATM 1419 O O   . HOH B 2 .   ? 2.574   -10.636 -12.167 1.00 58.24  ? 245 HOH A O   1 
HETATM 1420 O O   . HOH B 2 .   ? 5.378   6.654   -13.037 1.00 46.88  ? 246 HOH A O   1 
HETATM 1421 O O   . HOH B 2 .   ? 8.490   19.958  -12.093 1.00 40.98  ? 247 HOH A O   1 
HETATM 1422 O O   . HOH B 2 .   ? -13.121 9.875   -8.141  1.00 41.65  ? 248 HOH A O   1 
HETATM 1423 O O   . HOH B 2 .   ? -10.301 18.840  0.012   1.00 58.14  ? 249 HOH A O   1 
HETATM 1424 O O   . HOH B 2 .   ? -3.900  8.923   8.244   1.00 95.92  ? 250 HOH A O   1 
HETATM 1425 O O   . HOH B 2 .   ? 16.907  8.308   -12.577 1.00 73.10  ? 251 HOH A O   1 
HETATM 1426 O O   . HOH B 2 .   ? -6.231  -10.755 4.933   1.00 55.25  ? 252 HOH A O   1 
HETATM 1427 O O   . HOH B 2 .   ? 17.926  -13.314 18.371  1.00 57.78  ? 253 HOH A O   1 
HETATM 1428 O O   . HOH B 2 .   ? 4.160   -3.863  -12.559 1.00 29.85  ? 254 HOH A O   1 
# 
